data_5VGI
#
_entry.id   5VGI
#
_cell.length_a   57.318
_cell.length_b   101.594
_cell.length_c   141.893
_cell.angle_alpha   90.000
_cell.angle_beta   99.640
_cell.angle_gamma   90.000
#
_symmetry.space_group_name_H-M   'P 1 21 1'
#
loop_
_entity.id
_entity.type
_entity.pdbx_description
1 polymer 'Lysine-specific demethylase 4A'
2 non-polymer 'NICKEL (II) ION'
3 non-polymer 'ZINC ION'
4 non-polymer '3-[({(1R)-6-[methyl(phenyl)amino]-1,2,3,4-tetrahydronaphthalen-1-yl}methyl)amino]pyridine-4-carboxylic acid'
5 water water
#
_entity_poly.entity_id   1
_entity_poly.type   'polypeptide(L)'
_entity_poly.pdbx_seq_one_letter_code
;MGHHHHHHHHGSGENLYFQSSETLNPSARIMTFYPTMEEFRNFSRYIAYIESQGAHRAGLAKVVPPKEWKPRASYDDIDD
LVIPAPIQQLVTGQSGLFTQYNIQKKAMTVREFRKIANSDKYCTPRYSEFEELERKYWKNLTFNPPIYGADVNGTLYEKH
VDEWNIGRLRTILDLVEKESGITIEGVNTPYLYFGMWKTSFAWHTEDMDLYSINYLHFGEPKSWYSVPPEHGKRLERLAK
GFFPGSAQSCEAFLRHKMTLISPLMLKKYGIPFDKVTQEAGEFMITFPYGYHAGFNHGFNCAESTNFATRRWIEYGKQAV
LCSCRKDMVKISMDVFVRKFQPERYKLWKAGKDNTVIDHTLPTPEAAEFL
;
_entity_poly.pdbx_strand_id   A,B,C,D
#
loop_
_chem_comp.id
_chem_comp.type
_chem_comp.name
_chem_comp.formula
9DJ non-polymer '3-[({(1R)-6-[methyl(phenyl)amino]-1,2,3,4-tetrahydronaphthalen-1-yl}methyl)amino]pyridine-4-carboxylic acid' 'C24 H25 N3 O2'
NI non-polymer 'NICKEL (II) ION' 'Ni 2'
ZN non-polymer 'ZINC ION' 'Zn 2'
#
# COMPACT_ATOMS: atom_id res chain seq x y z
N ASN A 25 13.57 -27.52 -22.78
CA ASN A 25 14.29 -26.28 -23.29
C ASN A 25 15.76 -26.13 -22.81
N PRO A 26 16.63 -27.13 -23.10
CA PRO A 26 18.02 -27.22 -22.56
C PRO A 26 19.03 -26.26 -23.23
N SER A 27 18.53 -25.50 -24.19
CA SER A 27 19.30 -24.39 -24.69
C SER A 27 18.83 -23.20 -23.80
N ALA A 28 17.65 -23.35 -23.12
CA ALA A 28 16.96 -22.31 -22.26
C ALA A 28 16.74 -21.01 -23.04
N ARG A 29 16.34 -21.24 -24.26
CA ARG A 29 16.08 -20.20 -25.15
C ARG A 29 14.61 -19.86 -25.08
N ILE A 30 14.32 -18.63 -25.43
CA ILE A 30 12.93 -18.09 -25.42
C ILE A 30 12.03 -18.86 -26.41
N MET A 31 10.94 -19.45 -25.90
CA MET A 31 10.00 -20.18 -26.73
C MET A 31 8.75 -19.33 -27.06
N THR A 32 8.12 -19.66 -28.21
CA THR A 32 6.93 -18.96 -28.67
C THR A 32 5.83 -19.99 -28.79
N PHE A 33 4.59 -19.67 -28.35
CA PHE A 33 3.52 -20.68 -28.43
C PHE A 33 2.34 -20.08 -29.13
N TYR A 34 1.56 -20.95 -29.80
CA TYR A 34 0.41 -20.55 -30.62
C TYR A 34 -0.81 -21.29 -30.18
N PRO A 35 -1.36 -20.99 -28.98
CA PRO A 35 -2.45 -21.79 -28.53
C PRO A 35 -3.71 -21.66 -29.40
N THR A 36 -4.46 -22.75 -29.50
CA THR A 36 -5.84 -22.74 -30.06
C THR A 36 -6.78 -22.01 -29.15
N MET A 37 -7.91 -21.55 -29.70
CA MET A 37 -8.92 -20.92 -28.88
C MET A 37 -9.29 -21.76 -27.65
N GLU A 38 -9.35 -23.07 -27.82
CA GLU A 38 -9.66 -23.98 -26.71
C GLU A 38 -8.52 -24.16 -25.64
N GLU A 39 -7.24 -24.16 -26.02
CA GLU A 39 -6.18 -24.10 -24.96
C GLU A 39 -6.08 -22.72 -24.25
N PHE A 40 -6.45 -21.67 -24.99
CA PHE A 40 -6.29 -20.31 -24.57
C PHE A 40 -7.17 -19.92 -23.43
N ARG A 41 -8.34 -20.53 -23.29
CA ARG A 41 -9.36 -20.05 -22.35
C ARG A 41 -9.03 -20.26 -20.89
N ASN A 42 -8.27 -21.30 -20.62
CA ASN A 42 -7.82 -21.43 -19.26
C ASN A 42 -6.40 -20.92 -19.11
N PHE A 43 -6.34 -19.71 -18.57
CA PHE A 43 -5.11 -19.10 -18.26
C PHE A 43 -4.10 -19.93 -17.46
N SER A 44 -4.35 -20.21 -16.18
CA SER A 44 -3.34 -20.89 -15.30
C SER A 44 -2.98 -22.21 -15.87
N ARG A 45 -3.93 -22.80 -16.53
CA ARG A 45 -3.68 -24.08 -17.16
C ARG A 45 -2.74 -23.91 -18.36
N TYR A 46 -2.86 -22.82 -19.13
CA TYR A 46 -1.92 -22.70 -20.26
C TYR A 46 -0.52 -22.40 -19.68
N ILE A 47 -0.45 -21.68 -18.56
CA ILE A 47 0.90 -21.40 -17.93
C ILE A 47 1.54 -22.68 -17.47
N ALA A 48 0.74 -23.55 -16.87
CA ALA A 48 1.13 -24.89 -16.49
C ALA A 48 1.71 -25.67 -17.67
N TYR A 49 1.06 -25.59 -18.84
CA TYR A 49 1.46 -26.26 -20.08
C TYR A 49 2.81 -25.73 -20.63
N ILE A 50 2.92 -24.40 -20.76
CA ILE A 50 4.16 -23.88 -21.32
C ILE A 50 5.38 -24.24 -20.45
N GLU A 51 5.14 -24.41 -19.15
CA GLU A 51 6.19 -24.82 -18.24
C GLU A 51 6.47 -26.29 -18.42
N SER A 52 5.45 -27.11 -18.80
CA SER A 52 5.74 -28.55 -19.08
C SER A 52 6.61 -28.62 -20.31
N GLN A 53 6.55 -27.59 -21.15
CA GLN A 53 7.41 -27.52 -22.32
C GLN A 53 8.78 -26.87 -22.03
N GLY A 54 9.08 -26.55 -20.75
CA GLY A 54 10.38 -25.85 -20.35
C GLY A 54 10.44 -24.31 -20.57
N ALA A 55 9.33 -23.70 -20.94
CA ALA A 55 9.37 -22.31 -21.32
C ALA A 55 9.98 -21.34 -20.22
N HIS A 56 9.88 -21.77 -18.95
CA HIS A 56 10.34 -21.00 -17.76
C HIS A 56 11.84 -20.94 -17.68
N ARG A 57 12.51 -21.93 -18.32
CA ARG A 57 13.97 -21.94 -18.25
C ARG A 57 14.60 -20.65 -18.79
N ALA A 58 13.96 -20.01 -19.78
CA ALA A 58 14.54 -18.84 -20.36
C ALA A 58 14.16 -17.57 -19.54
N GLY A 59 13.21 -17.70 -18.61
CA GLY A 59 12.74 -16.55 -17.90
C GLY A 59 11.74 -15.65 -18.63
N LEU A 60 11.42 -15.88 -19.93
CA LEU A 60 10.55 -15.08 -20.77
C LEU A 60 10.01 -15.98 -21.88
N ALA A 61 8.71 -15.92 -22.14
CA ALA A 61 8.09 -16.71 -23.29
C ALA A 61 7.09 -15.84 -24.06
N LYS A 62 6.96 -16.04 -25.37
CA LYS A 62 5.94 -15.30 -26.12
C LYS A 62 4.72 -16.21 -26.32
N VAL A 63 3.52 -15.66 -26.20
CA VAL A 63 2.34 -16.46 -26.46
C VAL A 63 1.56 -15.60 -27.45
N VAL A 64 1.43 -16.13 -28.69
CA VAL A 64 0.62 -15.55 -29.75
C VAL A 64 -0.86 -16.06 -29.67
N PRO A 65 -1.79 -15.18 -29.42
CA PRO A 65 -3.19 -15.59 -29.19
C PRO A 65 -3.85 -16.04 -30.49
N PRO A 66 -4.94 -16.82 -30.38
CA PRO A 66 -5.56 -17.26 -31.62
C PRO A 66 -6.11 -16.05 -32.35
N LYS A 67 -6.03 -16.12 -33.68
CA LYS A 67 -6.29 -15.03 -34.59
C LYS A 67 -7.59 -14.25 -34.39
N GLU A 68 -8.65 -14.91 -33.93
CA GLU A 68 -9.92 -14.24 -33.86
C GLU A 68 -10.15 -13.55 -32.52
N TRP A 69 -9.27 -13.81 -31.54
CA TRP A 69 -9.49 -13.21 -30.20
C TRP A 69 -8.98 -11.79 -30.18
N LYS A 70 -9.72 -10.89 -29.51
CA LYS A 70 -9.37 -9.44 -29.40
C LYS A 70 -9.90 -8.93 -28.06
N PRO A 71 -9.03 -8.27 -27.26
CA PRO A 71 -9.48 -7.76 -25.97
C PRO A 71 -10.39 -6.53 -26.07
N ARG A 72 -10.32 -5.84 -27.21
CA ARG A 72 -11.06 -4.61 -27.45
C ARG A 72 -11.30 -4.42 -28.96
N ALA A 73 -12.46 -3.84 -29.29
CA ALA A 73 -12.92 -3.61 -30.66
C ALA A 73 -11.94 -2.75 -31.41
N SER A 74 -11.49 -1.63 -30.80
CA SER A 74 -10.59 -0.63 -31.43
C SER A 74 -10.06 0.40 -30.47
N TYR A 75 -9.00 1.08 -30.87
CA TYR A 75 -8.23 1.94 -29.97
C TYR A 75 -8.26 3.44 -30.33
N ASP A 76 -9.12 3.84 -31.25
CA ASP A 76 -9.24 5.26 -31.69
C ASP A 76 -10.01 6.23 -30.72
N ASP A 77 -10.70 5.66 -29.70
CA ASP A 77 -11.36 6.45 -28.64
C ASP A 77 -10.57 6.56 -27.31
N ILE A 78 -9.26 6.71 -27.38
CA ILE A 78 -8.51 6.84 -26.14
C ILE A 78 -7.58 8.05 -26.19
N ASP A 79 -7.74 8.89 -27.20
CA ASP A 79 -6.91 10.07 -27.36
C ASP A 79 -6.92 10.99 -26.14
N ASP A 80 -8.08 10.97 -25.46
CA ASP A 80 -8.29 11.78 -24.25
C ASP A 80 -7.94 11.12 -22.91
N LEU A 81 -7.53 9.85 -22.95
CA LEU A 81 -6.93 9.18 -21.78
C LEU A 81 -5.76 9.97 -21.22
N VAL A 82 -5.85 10.21 -19.92
CA VAL A 82 -4.81 11.00 -19.26
C VAL A 82 -3.66 10.08 -18.77
N ILE A 83 -2.42 10.56 -18.91
CA ILE A 83 -1.22 9.83 -18.38
C ILE A 83 -0.82 10.79 -17.27
N PRO A 84 -1.13 10.40 -16.00
CA PRO A 84 -1.01 11.34 -14.88
C PRO A 84 0.39 11.73 -14.58
N ALA A 85 1.30 10.77 -14.79
CA ALA A 85 2.67 10.95 -14.34
C ALA A 85 3.67 10.55 -15.44
N PRO A 86 3.68 11.20 -16.60
CA PRO A 86 4.65 10.62 -17.55
C PRO A 86 6.12 10.88 -17.14
N ILE A 87 7.06 10.14 -17.71
CA ILE A 87 8.47 10.28 -17.30
C ILE A 87 9.40 10.52 -18.46
N GLN A 88 10.29 11.47 -18.31
CA GLN A 88 11.41 11.65 -19.20
C GLN A 88 12.59 10.83 -18.66
N GLN A 89 13.18 10.03 -19.54
CA GLN A 89 14.14 9.00 -19.20
C GLN A 89 15.51 9.53 -19.58
N LEU A 90 16.21 10.09 -18.61
CA LEU A 90 17.63 10.54 -18.81
C LEU A 90 18.53 9.38 -18.46
N VAL A 91 19.45 9.11 -19.34
CA VAL A 91 20.34 7.98 -19.19
C VAL A 91 21.77 8.51 -19.17
N THR A 92 22.61 7.96 -18.33
CA THR A 92 23.95 8.47 -18.23
C THR A 92 24.85 7.24 -18.30
N GLY A 93 25.98 7.33 -18.99
CA GLY A 93 27.01 6.24 -18.90
C GLY A 93 27.72 6.15 -20.27
N GLN A 94 28.34 4.98 -20.47
CA GLN A 94 29.34 4.71 -21.53
C GLN A 94 29.71 3.22 -21.52
N SER A 95 30.22 2.70 -22.63
CA SER A 95 30.81 1.29 -22.65
C SER A 95 29.82 0.26 -22.21
N GLY A 96 28.57 0.48 -22.64
CA GLY A 96 27.48 -0.46 -22.47
C GLY A 96 26.98 -0.59 -21.01
N LEU A 97 27.38 0.35 -20.13
CA LEU A 97 26.93 0.39 -18.77
C LEU A 97 26.30 1.71 -18.48
N PHE A 98 25.01 1.70 -18.12
CA PHE A 98 24.26 2.96 -17.92
C PHE A 98 23.31 2.99 -16.74
N THR A 99 22.88 4.24 -16.38
CA THR A 99 21.95 4.42 -15.25
C THR A 99 20.83 5.32 -15.80
N GLN A 100 19.62 4.94 -15.49
CA GLN A 100 18.46 5.60 -16.03
C GLN A 100 17.76 6.37 -14.94
N TYR A 101 17.61 7.67 -15.12
CA TYR A 101 16.92 8.45 -14.08
C TYR A 101 15.59 8.91 -14.67
N ASN A 102 14.52 8.70 -13.95
CA ASN A 102 13.19 8.79 -14.59
C ASN A 102 12.57 10.02 -13.99
N ILE A 103 12.52 11.11 -14.78
CA ILE A 103 12.05 12.47 -14.39
C ILE A 103 10.56 12.74 -14.66
N GLN A 104 9.76 12.82 -13.59
CA GLN A 104 8.32 12.99 -13.68
C GLN A 104 7.93 14.33 -14.34
N LYS A 105 7.24 14.31 -15.50
CA LYS A 105 6.72 15.50 -16.24
C LYS A 105 5.26 15.72 -15.93
N LYS A 106 4.71 16.87 -16.36
CA LYS A 106 3.31 17.18 -16.03
C LYS A 106 2.36 16.20 -16.73
N ALA A 107 1.16 16.03 -16.14
CA ALA A 107 0.04 15.30 -16.77
C ALA A 107 -0.15 15.66 -18.27
N MET A 108 -0.43 14.64 -19.09
CA MET A 108 -0.64 14.79 -20.55
C MET A 108 -1.59 13.70 -21.05
N THR A 109 -2.34 13.98 -22.15
CA THR A 109 -3.32 12.99 -22.73
C THR A 109 -2.57 12.06 -23.70
N VAL A 110 -3.18 10.92 -24.06
CA VAL A 110 -2.70 10.01 -25.18
C VAL A 110 -2.38 10.76 -26.47
N ARG A 111 -3.29 11.69 -26.87
CA ARG A 111 -3.06 12.55 -28.05
C ARG A 111 -1.80 13.31 -27.96
N GLU A 112 -1.58 14.03 -26.87
CA GLU A 112 -0.38 14.87 -26.74
C GLU A 112 0.81 13.96 -26.79
N PHE A 113 0.70 12.81 -26.13
CA PHE A 113 1.80 11.82 -26.15
C PHE A 113 2.14 11.31 -27.56
N ARG A 114 1.13 10.76 -28.26
CA ARG A 114 1.31 10.22 -29.64
C ARG A 114 1.96 11.24 -30.60
N LYS A 115 1.55 12.47 -30.43
CA LYS A 115 2.04 13.55 -31.26
C LYS A 115 3.49 13.88 -30.96
N ILE A 116 3.87 13.84 -29.67
CA ILE A 116 5.28 13.94 -29.33
C ILE A 116 6.05 12.73 -29.90
N ALA A 117 5.54 11.51 -29.73
CA ALA A 117 6.20 10.26 -30.21
C ALA A 117 6.38 10.24 -31.73
N ASN A 118 5.35 10.76 -32.42
CA ASN A 118 5.36 10.65 -33.86
C ASN A 118 6.05 11.81 -34.53
N SER A 119 6.48 12.81 -33.74
CA SER A 119 7.11 14.03 -34.23
C SER A 119 8.42 13.66 -34.77
N ASP A 120 8.98 14.50 -35.67
CA ASP A 120 10.32 14.25 -36.30
C ASP A 120 11.43 14.16 -35.25
N LYS A 121 11.16 14.76 -34.10
CA LYS A 121 12.11 14.86 -33.00
C LYS A 121 12.26 13.50 -32.26
N TYR A 122 11.18 12.73 -32.08
CA TYR A 122 11.20 11.47 -31.31
C TYR A 122 10.95 10.13 -32.08
N CYS A 123 10.29 10.18 -33.24
CA CYS A 123 10.02 9.02 -34.12
C CYS A 123 11.22 8.07 -34.38
N THR A 124 10.88 6.86 -34.81
CA THR A 124 11.81 5.76 -35.01
C THR A 124 12.73 6.11 -36.18
N PRO A 125 14.08 5.99 -35.98
CA PRO A 125 15.02 6.05 -37.13
C PRO A 125 14.79 4.93 -38.17
N ARG A 126 15.37 5.16 -39.37
CA ARG A 126 15.46 4.17 -40.45
C ARG A 126 16.16 2.89 -39.99
N TYR A 127 15.57 1.75 -40.34
CA TYR A 127 16.17 0.42 -40.18
C TYR A 127 15.56 -0.54 -41.18
N SER A 128 16.28 -1.63 -41.51
CA SER A 128 15.74 -2.75 -42.33
C SER A 128 16.00 -4.14 -41.72
N GLU A 129 16.19 -4.17 -40.40
CA GLU A 129 16.33 -5.38 -39.57
C GLU A 129 16.54 -4.93 -38.11
N PHE A 130 16.01 -5.73 -37.19
CA PHE A 130 16.13 -5.49 -35.79
C PHE A 130 17.54 -5.08 -35.41
N GLU A 131 18.52 -5.78 -35.93
CA GLU A 131 19.92 -5.70 -35.48
C GLU A 131 20.43 -4.29 -35.61
N GLU A 132 20.11 -3.66 -36.74
CA GLU A 132 20.41 -2.29 -37.01
C GLU A 132 19.76 -1.36 -36.01
N LEU A 133 18.47 -1.59 -35.73
CA LEU A 133 17.82 -0.74 -34.74
C LEU A 133 18.40 -0.93 -33.31
N GLU A 134 18.93 -2.13 -33.07
CA GLU A 134 19.45 -2.45 -31.76
C GLU A 134 20.72 -1.63 -31.58
N ARG A 135 21.62 -1.63 -32.62
CA ARG A 135 22.85 -0.87 -32.60
C ARG A 135 22.51 0.62 -32.36
N LYS A 136 21.46 1.16 -33.00
CA LYS A 136 21.08 2.57 -32.79
C LYS A 136 20.59 2.82 -31.38
N TYR A 137 19.80 1.90 -30.84
CA TYR A 137 19.37 2.08 -29.47
C TYR A 137 20.57 2.20 -28.55
N TRP A 138 21.47 1.23 -28.59
CA TRP A 138 22.68 1.22 -27.72
C TRP A 138 23.69 2.42 -27.99
N LYS A 139 23.77 2.85 -29.26
CA LYS A 139 24.57 4.01 -29.62
C LYS A 139 23.87 5.30 -29.16
N ASN A 140 22.54 5.34 -29.15
CA ASN A 140 21.84 6.64 -28.89
C ASN A 140 21.05 6.82 -27.62
N LEU A 141 21.12 5.88 -26.69
CA LEU A 141 20.16 5.97 -25.55
C LEU A 141 20.38 7.10 -24.53
N THR A 142 21.52 7.74 -24.53
CA THR A 142 21.77 8.80 -23.59
C THR A 142 21.51 10.17 -24.24
N PHE A 143 21.10 10.21 -25.53
CA PHE A 143 20.84 11.50 -26.25
C PHE A 143 19.36 11.68 -26.39
N ASN A 144 18.96 12.93 -26.62
CA ASN A 144 17.58 13.23 -26.86
C ASN A 144 16.53 12.48 -25.98
N PRO A 145 16.53 12.70 -24.66
CA PRO A 145 15.84 11.75 -23.79
C PRO A 145 14.33 11.60 -24.06
N PRO A 146 13.83 10.35 -24.30
CA PRO A 146 12.38 10.22 -24.63
C PRO A 146 11.46 10.35 -23.43
N ILE A 147 10.16 10.43 -23.71
CA ILE A 147 9.17 10.42 -22.69
C ILE A 147 8.46 9.08 -22.73
N TYR A 148 8.26 8.46 -21.55
CA TYR A 148 7.55 7.18 -21.44
C TYR A 148 6.32 7.40 -20.60
N GLY A 149 5.17 6.98 -21.13
CA GLY A 149 3.89 7.12 -20.48
C GLY A 149 3.60 5.84 -19.68
N ALA A 150 4.33 5.67 -18.59
CA ALA A 150 4.45 4.39 -17.86
C ALA A 150 3.66 4.40 -16.54
N ASP A 151 3.31 3.21 -16.04
CA ASP A 151 2.64 3.05 -14.74
C ASP A 151 1.24 3.72 -14.67
N VAL A 152 0.52 3.79 -15.81
CA VAL A 152 -0.84 4.41 -15.84
C VAL A 152 -1.80 3.30 -15.32
N ASN A 153 -2.60 3.60 -14.31
CA ASN A 153 -3.61 2.63 -13.81
C ASN A 153 -4.74 2.52 -14.78
N GLY A 154 -5.07 1.29 -15.17
CA GLY A 154 -6.20 1.05 -16.06
C GLY A 154 -5.90 -0.17 -16.88
N THR A 155 -6.96 -0.65 -17.53
CA THR A 155 -7.04 -1.79 -18.44
C THR A 155 -7.60 -1.23 -19.77
N LEU A 156 -7.22 -1.80 -20.90
CA LEU A 156 -7.91 -1.48 -22.15
C LEU A 156 -8.76 -2.63 -22.63
N TYR A 157 -8.92 -3.67 -21.80
CA TYR A 157 -9.85 -4.77 -22.12
C TYR A 157 -11.35 -4.41 -21.90
N GLU A 158 -12.17 -4.82 -22.86
CA GLU A 158 -13.60 -4.57 -22.73
C GLU A 158 -14.10 -5.36 -21.55
N LYS A 159 -15.13 -4.84 -20.92
CA LYS A 159 -15.64 -5.40 -19.67
C LYS A 159 -15.89 -6.92 -19.78
N HIS A 160 -16.26 -7.36 -20.98
CA HIS A 160 -16.75 -8.74 -21.28
C HIS A 160 -15.75 -9.81 -21.81
N VAL A 161 -14.50 -9.45 -22.05
CA VAL A 161 -13.49 -10.39 -22.55
C VAL A 161 -13.01 -11.35 -21.43
N ASP A 162 -13.24 -12.65 -21.59
CA ASP A 162 -12.99 -13.60 -20.52
C ASP A 162 -11.69 -14.37 -20.57
N GLU A 163 -10.94 -14.23 -21.63
CA GLU A 163 -9.77 -15.03 -21.83
C GLU A 163 -8.58 -14.10 -21.61
N TRP A 164 -7.70 -14.51 -20.70
CA TRP A 164 -6.39 -13.80 -20.48
C TRP A 164 -6.59 -12.26 -20.13
N ASN A 165 -7.60 -11.98 -19.31
CA ASN A 165 -7.95 -10.61 -18.98
C ASN A 165 -6.98 -10.16 -17.87
N ILE A 166 -6.07 -9.25 -18.20
CA ILE A 166 -5.04 -8.83 -17.26
C ILE A 166 -5.68 -8.29 -15.93
N GLY A 167 -6.93 -7.86 -16.01
CA GLY A 167 -7.67 -7.30 -14.89
C GLY A 167 -8.11 -8.38 -13.93
N ARG A 168 -8.19 -9.65 -14.35
CA ARG A 168 -8.72 -10.71 -13.47
C ARG A 168 -8.28 -12.08 -13.91
N LEU A 169 -6.96 -12.27 -13.84
CA LEU A 169 -6.39 -13.48 -14.29
C LEU A 169 -6.76 -14.69 -13.47
N ARG A 170 -7.19 -14.47 -12.25
CA ARG A 170 -7.63 -15.50 -11.33
C ARG A 170 -6.59 -16.49 -11.01
N THR A 171 -5.40 -16.05 -10.69
CA THR A 171 -4.41 -16.96 -10.16
C THR A 171 -4.40 -16.94 -8.61
N ILE A 172 -3.56 -17.76 -7.98
CA ILE A 172 -3.42 -17.66 -6.51
C ILE A 172 -2.87 -16.30 -5.99
N LEU A 173 -2.24 -15.51 -6.85
CA LEU A 173 -1.87 -14.16 -6.42
C LEU A 173 -3.07 -13.43 -5.80
N ASP A 174 -4.26 -13.79 -6.26
CA ASP A 174 -5.47 -13.29 -5.70
C ASP A 174 -5.63 -13.42 -4.18
N LEU A 175 -4.93 -14.32 -3.48
CA LEU A 175 -5.00 -14.34 -2.01
C LEU A 175 -4.58 -12.99 -1.35
N VAL A 176 -3.69 -12.22 -1.94
CA VAL A 176 -3.28 -10.97 -1.32
C VAL A 176 -4.47 -10.03 -1.14
N GLU A 177 -5.22 -9.87 -2.21
CA GLU A 177 -6.34 -9.02 -2.16
C GLU A 177 -7.49 -9.67 -1.36
N LYS A 178 -7.75 -10.93 -1.60
CA LYS A 178 -8.93 -11.55 -1.08
C LYS A 178 -8.77 -11.96 0.39
N GLU A 179 -7.58 -12.39 0.75
CA GLU A 179 -7.37 -12.76 2.13
C GLU A 179 -6.68 -11.71 2.93
N SER A 180 -5.57 -11.14 2.40
CA SER A 180 -4.86 -10.04 3.09
C SER A 180 -5.51 -8.64 3.01
N GLY A 181 -6.43 -8.46 2.04
CA GLY A 181 -7.11 -7.17 1.83
C GLY A 181 -6.20 -6.07 1.29
N ILE A 182 -5.18 -6.42 0.56
CA ILE A 182 -4.22 -5.39 0.16
C ILE A 182 -4.30 -5.24 -1.38
N THR A 183 -4.40 -4.00 -1.83
CA THR A 183 -4.33 -3.55 -3.26
C THR A 183 -2.85 -3.05 -3.45
N ILE A 184 -2.09 -3.52 -4.46
CA ILE A 184 -0.72 -3.01 -4.78
C ILE A 184 -0.82 -2.66 -6.31
N GLU A 185 -0.89 -1.37 -6.67
CA GLU A 185 -1.04 -0.93 -8.09
C GLU A 185 0.04 -1.48 -8.98
N GLY A 186 -0.35 -2.05 -10.10
CA GLY A 186 0.61 -2.65 -11.04
C GLY A 186 0.98 -4.08 -10.74
N VAL A 187 0.72 -4.54 -9.53
CA VAL A 187 1.08 -5.89 -9.07
C VAL A 187 -0.18 -6.79 -9.00
N ASN A 188 -1.15 -6.39 -8.21
CA ASN A 188 -2.42 -7.06 -8.37
C ASN A 188 -3.51 -6.18 -9.02
N THR A 189 -3.14 -5.16 -9.79
CA THR A 189 -4.06 -4.39 -10.61
C THR A 189 -3.29 -4.13 -11.89
N PRO A 190 -3.97 -3.72 -12.98
CA PRO A 190 -3.28 -3.56 -14.26
C PRO A 190 -2.66 -2.19 -14.48
N TYR A 191 -1.50 -2.14 -15.14
CA TYR A 191 -0.82 -0.93 -15.58
C TYR A 191 -0.83 -0.86 -17.12
N LEU A 192 -0.95 0.33 -17.64
CA LEU A 192 -0.73 0.60 -19.03
C LEU A 192 0.58 1.37 -19.20
N TYR A 193 1.22 1.19 -20.33
CA TYR A 193 2.50 1.85 -20.70
C TYR A 193 2.45 2.31 -22.13
N PHE A 194 2.57 3.63 -22.29
CA PHE A 194 2.67 4.29 -23.55
C PHE A 194 4.14 4.57 -23.93
N GLY A 195 4.62 3.84 -24.90
CA GLY A 195 6.03 3.90 -25.29
C GLY A 195 6.21 4.80 -26.47
N MET A 196 7.46 5.20 -26.68
CA MET A 196 7.87 5.94 -27.85
C MET A 196 9.28 5.44 -28.11
N TRP A 197 9.77 5.66 -29.32
CA TRP A 197 11.07 5.18 -29.63
C TRP A 197 12.08 5.41 -28.49
N LYS A 198 12.82 4.31 -28.16
CA LYS A 198 13.99 4.41 -27.29
C LYS A 198 13.57 4.56 -25.79
N THR A 199 12.28 4.51 -25.44
CA THR A 199 11.89 4.36 -24.02
C THR A 199 12.29 2.99 -23.59
N SER A 200 12.71 2.82 -22.31
CA SER A 200 13.40 1.64 -21.86
C SER A 200 12.87 1.19 -20.55
N PHE A 201 13.09 -0.10 -20.32
CA PHE A 201 12.96 -0.66 -19.01
C PHE A 201 14.25 -1.38 -18.66
N ALA A 202 14.77 -0.95 -17.52
CA ALA A 202 16.11 -1.42 -16.96
C ALA A 202 16.09 -2.92 -16.56
N TRP A 203 17.27 -3.56 -16.40
CA TRP A 203 17.32 -4.94 -15.88
C TRP A 203 16.62 -5.13 -14.46
N HIS A 204 15.67 -6.07 -14.31
CA HIS A 204 15.08 -6.36 -13.02
C HIS A 204 14.39 -7.75 -13.11
N THR A 205 14.15 -8.36 -11.97
CA THR A 205 13.02 -9.29 -11.82
C THR A 205 11.80 -8.56 -11.24
N GLU A 206 10.65 -9.25 -11.20
CA GLU A 206 9.38 -8.65 -10.73
C GLU A 206 9.47 -8.53 -9.25
N ASP A 207 8.70 -7.62 -8.73
CA ASP A 207 8.53 -7.61 -7.25
C ASP A 207 8.22 -8.95 -6.67
N MET A 208 8.90 -9.23 -5.58
CA MET A 208 8.71 -10.52 -4.94
C MET A 208 9.05 -11.71 -5.87
N ASP A 209 9.78 -11.43 -6.95
CA ASP A 209 10.09 -12.45 -7.97
C ASP A 209 8.85 -13.15 -8.50
N LEU A 210 7.74 -12.40 -8.61
CA LEU A 210 6.55 -12.84 -9.26
C LEU A 210 6.74 -13.15 -10.79
N TYR A 211 5.80 -13.87 -11.37
CA TYR A 211 5.51 -13.76 -12.81
C TYR A 211 4.95 -12.43 -13.20
N SER A 212 5.09 -12.06 -14.48
CA SER A 212 4.26 -11.05 -15.08
C SER A 212 3.73 -11.44 -16.45
N ILE A 213 2.69 -10.71 -16.84
CA ILE A 213 2.07 -10.88 -18.12
C ILE A 213 2.14 -9.53 -18.73
N ASN A 214 2.46 -9.49 -20.03
CA ASN A 214 2.59 -8.23 -20.79
C ASN A 214 1.95 -8.38 -22.20
N TYR A 215 0.94 -7.55 -22.47
CA TYR A 215 0.21 -7.56 -23.75
C TYR A 215 0.37 -6.22 -24.47
N LEU A 216 0.80 -6.35 -25.71
CA LEU A 216 1.05 -5.21 -26.55
C LEU A 216 -0.24 -4.96 -27.32
N HIS A 217 -1.04 -4.02 -26.85
CA HIS A 217 -2.40 -3.69 -27.45
C HIS A 217 -2.30 -3.21 -28.88
N PHE A 218 -1.42 -2.25 -29.17
CA PHE A 218 -1.21 -1.74 -30.53
C PHE A 218 0.09 -1.00 -30.59
N GLY A 219 0.52 -0.69 -31.83
CA GLY A 219 1.63 0.21 -32.13
C GLY A 219 2.89 -0.53 -32.53
N GLU A 220 4.06 0.11 -32.40
CA GLU A 220 5.31 -0.47 -32.85
C GLU A 220 5.81 -1.54 -31.84
N PRO A 221 6.79 -2.38 -32.25
CA PRO A 221 7.15 -3.44 -31.35
C PRO A 221 7.85 -3.01 -30.05
N LYS A 222 8.05 -4.00 -29.17
CA LYS A 222 8.80 -3.82 -27.96
C LYS A 222 9.79 -4.97 -27.98
N SER A 223 11.07 -4.64 -27.85
CA SER A 223 12.15 -5.67 -27.80
C SER A 223 12.64 -6.04 -26.39
N TRP A 224 13.03 -7.29 -26.20
CA TRP A 224 13.24 -7.82 -24.83
C TRP A 224 14.52 -8.56 -24.87
N TYR A 225 15.25 -8.40 -23.76
CA TYR A 225 16.34 -9.27 -23.35
C TYR A 225 15.95 -10.07 -22.12
N SER A 226 16.41 -11.32 -22.04
CA SER A 226 16.13 -12.15 -20.82
C SER A 226 17.40 -12.90 -20.40
N VAL A 227 17.58 -13.14 -19.12
CA VAL A 227 18.63 -14.00 -18.59
C VAL A 227 17.89 -15.17 -17.93
N PRO A 228 18.28 -16.44 -18.24
CA PRO A 228 17.61 -17.56 -17.61
C PRO A 228 17.67 -17.52 -16.05
N PRO A 229 16.57 -17.90 -15.33
CA PRO A 229 16.70 -17.85 -13.87
C PRO A 229 17.87 -18.62 -13.34
N GLU A 230 18.22 -19.72 -14.02
CA GLU A 230 19.33 -20.55 -13.57
C GLU A 230 20.67 -19.76 -13.69
N HIS A 231 20.71 -18.62 -14.41
CA HIS A 231 21.94 -17.80 -14.42
C HIS A 231 21.80 -16.40 -13.78
N GLY A 232 20.61 -16.06 -13.23
CA GLY A 232 20.39 -14.74 -12.56
C GLY A 232 21.48 -14.23 -11.61
N LYS A 233 22.06 -15.15 -10.83
CA LYS A 233 23.09 -14.81 -9.80
C LYS A 233 24.32 -14.24 -10.49
N ARG A 234 24.63 -14.73 -11.69
CA ARG A 234 25.73 -14.19 -12.46
C ARG A 234 25.55 -12.81 -12.93
N LEU A 235 24.32 -12.52 -13.35
CA LEU A 235 23.98 -11.14 -13.65
C LEU A 235 24.06 -10.25 -12.42
N GLU A 236 23.59 -10.69 -11.23
CA GLU A 236 23.76 -9.86 -9.95
C GLU A 236 25.23 -9.58 -9.62
N ARG A 237 26.05 -10.63 -9.73
CA ARG A 237 27.53 -10.51 -9.51
C ARG A 237 28.16 -9.57 -10.53
N LEU A 238 27.87 -9.77 -11.81
CA LEU A 238 28.26 -8.71 -12.76
C LEU A 238 27.91 -7.27 -12.29
N ALA A 239 26.65 -7.07 -11.85
CA ALA A 239 26.17 -5.70 -11.66
C ALA A 239 26.81 -5.15 -10.38
N LYS A 240 26.94 -6.03 -9.41
CA LYS A 240 27.59 -5.69 -8.16
C LYS A 240 29.06 -5.23 -8.39
N GLY A 241 29.78 -6.00 -9.22
CA GLY A 241 31.14 -5.64 -9.69
C GLY A 241 31.24 -4.33 -10.42
N PHE A 242 30.16 -3.95 -11.11
CA PHE A 242 30.15 -2.70 -11.84
C PHE A 242 29.61 -1.53 -11.09
N PHE A 243 28.80 -1.76 -10.09
CA PHE A 243 28.27 -0.64 -9.33
C PHE A 243 28.51 -0.88 -7.90
N PRO A 244 29.79 -1.08 -7.48
CA PRO A 244 30.11 -1.39 -6.05
C PRO A 244 29.40 -0.45 -5.01
N GLY A 245 29.29 0.85 -5.34
CA GLY A 245 28.71 1.85 -4.44
C GLY A 245 27.26 1.46 -4.24
N SER A 246 26.55 1.34 -5.39
CA SER A 246 25.11 0.91 -5.42
C SER A 246 24.84 -0.36 -4.61
N ALA A 247 25.74 -1.32 -4.82
CA ALA A 247 25.74 -2.61 -4.13
C ALA A 247 26.00 -2.56 -2.61
N GLN A 248 26.70 -1.56 -2.08
CA GLN A 248 26.94 -1.52 -0.63
C GLN A 248 25.75 -0.93 0.05
N SER A 249 25.19 0.08 -0.54
CA SER A 249 24.09 0.69 0.17
C SER A 249 22.69 -0.04 0.02
N CYS A 250 22.55 -1.05 -0.84
CA CYS A 250 21.29 -1.79 -0.92
C CYS A 250 21.59 -3.23 -1.32
N GLU A 251 20.87 -4.15 -0.72
CA GLU A 251 21.02 -5.56 -1.04
C GLU A 251 20.46 -6.02 -2.40
N ALA A 252 19.43 -5.34 -2.92
CA ALA A 252 18.87 -5.67 -4.23
C ALA A 252 18.76 -4.44 -5.11
N PHE A 253 19.86 -3.76 -5.40
CA PHE A 253 19.77 -2.45 -6.09
C PHE A 253 19.16 -2.54 -7.49
N LEU A 254 19.21 -3.72 -8.14
CA LEU A 254 18.66 -3.84 -9.42
C LEU A 254 17.13 -3.55 -9.29
N ARG A 255 16.55 -3.74 -8.11
CA ARG A 255 15.08 -3.54 -7.98
C ARG A 255 14.71 -2.06 -8.11
N HIS A 256 15.71 -1.18 -8.06
CA HIS A 256 15.47 0.24 -8.38
C HIS A 256 15.11 0.45 -9.81
N LYS A 257 15.38 -0.59 -10.67
CA LYS A 257 15.03 -0.43 -12.11
C LYS A 257 15.74 0.80 -12.73
N MET A 258 17.02 1.02 -12.37
CA MET A 258 17.77 2.10 -13.01
C MET A 258 19.00 1.64 -13.79
N THR A 259 19.25 0.33 -13.82
CA THR A 259 20.55 -0.16 -14.38
C THR A 259 20.32 -0.78 -15.77
N LEU A 260 20.97 -0.19 -16.75
CA LEU A 260 20.98 -0.75 -18.12
C LEU A 260 22.35 -1.33 -18.45
N ILE A 261 22.36 -2.46 -19.13
CA ILE A 261 23.60 -3.17 -19.49
C ILE A 261 23.36 -3.77 -20.86
N SER A 262 24.25 -3.46 -21.80
CA SER A 262 24.12 -3.81 -23.17
C SER A 262 24.41 -5.33 -23.42
N PRO A 263 23.83 -5.88 -24.46
CA PRO A 263 24.08 -7.27 -24.75
C PRO A 263 25.54 -7.55 -25.05
N LEU A 264 26.26 -6.60 -25.63
CA LEU A 264 27.75 -6.76 -25.79
C LEU A 264 28.51 -7.00 -24.45
N MET A 265 28.19 -6.21 -23.43
CA MET A 265 28.69 -6.47 -22.05
C MET A 265 28.35 -7.87 -21.49
N LEU A 266 27.06 -8.23 -21.57
CA LEU A 266 26.65 -9.60 -21.22
C LEU A 266 27.48 -10.69 -21.92
N LYS A 267 27.71 -10.51 -23.19
CA LYS A 267 28.43 -11.50 -24.05
C LYS A 267 29.85 -11.47 -23.56
N LYS A 268 30.44 -10.28 -23.50
CA LYS A 268 31.81 -10.13 -23.05
C LYS A 268 32.01 -10.84 -21.70
N TYR A 269 31.06 -10.66 -20.77
CA TYR A 269 31.30 -11.25 -19.44
C TYR A 269 30.71 -12.64 -19.30
N GLY A 270 30.41 -13.33 -20.41
CA GLY A 270 29.88 -14.71 -20.33
C GLY A 270 28.51 -14.85 -19.60
N ILE A 271 27.63 -13.84 -19.72
CA ILE A 271 26.26 -13.96 -19.18
C ILE A 271 25.32 -14.53 -20.28
N PRO A 272 24.78 -15.79 -20.16
CA PRO A 272 23.78 -16.36 -21.09
C PRO A 272 22.52 -15.52 -21.13
N PHE A 273 22.03 -15.21 -22.32
CA PHE A 273 20.84 -14.31 -22.46
C PHE A 273 20.25 -14.61 -23.82
N ASP A 274 19.01 -14.30 -24.02
CA ASP A 274 18.39 -14.37 -25.30
C ASP A 274 17.65 -13.05 -25.58
N LYS A 275 17.22 -12.87 -26.84
CA LYS A 275 16.32 -11.71 -27.25
C LYS A 275 15.11 -12.12 -28.05
N VAL A 276 14.09 -11.27 -27.98
CA VAL A 276 12.92 -11.52 -28.76
C VAL A 276 12.25 -10.20 -28.93
N THR A 277 11.56 -10.02 -30.05
CA THR A 277 10.79 -8.88 -30.31
C THR A 277 9.30 -9.20 -30.21
N GLN A 278 8.58 -8.41 -29.43
CA GLN A 278 7.14 -8.61 -29.22
C GLN A 278 6.39 -7.69 -30.19
N GLU A 279 5.44 -8.23 -30.97
CA GLU A 279 4.65 -7.34 -31.87
C GLU A 279 3.28 -7.13 -31.32
N ALA A 280 2.56 -6.15 -31.89
CA ALA A 280 1.22 -5.86 -31.49
C ALA A 280 0.38 -7.15 -31.57
N GLY A 281 -0.44 -7.38 -30.55
CA GLY A 281 -1.29 -8.50 -30.51
C GLY A 281 -0.64 -9.67 -29.83
N GLU A 282 0.60 -9.51 -29.33
CA GLU A 282 1.25 -10.69 -28.67
C GLU A 282 1.43 -10.50 -27.17
N PHE A 283 1.36 -11.60 -26.40
CA PHE A 283 1.69 -11.61 -24.99
C PHE A 283 3.16 -11.98 -24.76
N MET A 284 3.76 -11.33 -23.79
CA MET A 284 4.99 -11.89 -23.21
C MET A 284 4.72 -12.27 -21.71
N ILE A 285 5.31 -13.35 -21.25
CA ILE A 285 5.21 -13.84 -19.86
C ILE A 285 6.64 -13.83 -19.30
N THR A 286 6.84 -13.20 -18.15
CA THR A 286 8.15 -13.40 -17.50
C THR A 286 7.94 -14.33 -16.29
N PHE A 287 8.98 -15.08 -15.94
CA PHE A 287 8.87 -16.09 -14.94
C PHE A 287 9.63 -15.67 -13.71
N PRO A 288 9.32 -16.32 -12.59
CA PRO A 288 10.01 -15.89 -11.37
C PRO A 288 11.51 -15.94 -11.47
N TYR A 289 12.15 -14.87 -10.96
CA TYR A 289 13.60 -14.75 -10.95
C TYR A 289 14.11 -14.61 -12.44
N GLY A 290 13.20 -14.26 -13.39
CA GLY A 290 13.65 -14.08 -14.79
C GLY A 290 14.04 -12.62 -14.90
N TYR A 291 15.33 -12.33 -14.95
CA TYR A 291 15.74 -10.96 -15.22
C TYR A 291 15.43 -10.58 -16.70
N HIS A 292 14.91 -9.37 -16.89
CA HIS A 292 14.76 -8.84 -18.27
C HIS A 292 14.96 -7.38 -18.31
N ALA A 293 15.13 -6.86 -19.51
CA ALA A 293 15.29 -5.43 -19.82
C ALA A 293 14.86 -5.28 -21.29
N GLY A 294 14.70 -4.07 -21.73
CA GLY A 294 14.29 -3.90 -23.16
C GLY A 294 13.88 -2.46 -23.52
N PHE A 295 13.36 -2.31 -24.74
CA PHE A 295 13.06 -0.94 -25.32
C PHE A 295 11.93 -1.06 -26.38
N ASN A 296 11.21 0.02 -26.49
CA ASN A 296 10.15 0.18 -27.50
C ASN A 296 10.70 0.79 -28.79
N HIS A 297 10.17 0.28 -29.92
CA HIS A 297 10.62 0.65 -31.28
C HIS A 297 9.99 1.99 -31.66
N GLY A 298 8.83 2.35 -31.08
CA GLY A 298 8.11 3.56 -31.50
C GLY A 298 6.85 3.63 -30.67
N PHE A 299 5.91 4.41 -31.16
CA PHE A 299 4.66 4.60 -30.46
C PHE A 299 3.88 3.30 -30.27
N ASN A 300 3.49 3.03 -29.01
CA ASN A 300 2.83 1.75 -28.70
C ASN A 300 2.17 1.87 -27.34
N CYS A 301 1.36 0.89 -26.98
CA CYS A 301 0.76 0.84 -25.68
C CYS A 301 0.77 -0.61 -25.27
N ALA A 302 1.30 -0.93 -24.09
CA ALA A 302 1.24 -2.30 -23.47
C ALA A 302 0.46 -2.28 -22.17
N GLU A 303 -0.16 -3.40 -21.85
CA GLU A 303 -0.81 -3.56 -20.55
C GLU A 303 -0.10 -4.72 -19.77
N SER A 304 0.14 -4.57 -18.43
CA SER A 304 0.80 -5.58 -17.68
C SER A 304 0.26 -5.73 -16.23
N THR A 305 0.48 -6.87 -15.65
CA THR A 305 0.26 -7.06 -14.22
C THR A 305 1.15 -8.26 -13.79
N ASN A 306 1.25 -8.53 -12.48
CA ASN A 306 1.85 -9.75 -11.98
C ASN A 306 0.85 -10.85 -11.72
N PHE A 307 1.36 -12.09 -11.56
CA PHE A 307 0.52 -13.25 -11.34
C PHE A 307 1.38 -14.29 -10.68
N ALA A 308 0.77 -15.34 -10.14
CA ALA A 308 1.56 -16.42 -9.52
C ALA A 308 1.11 -17.81 -9.96
N THR A 309 1.90 -18.79 -9.55
CA THR A 309 1.48 -20.22 -9.61
C THR A 309 1.92 -20.79 -8.23
N ARG A 310 1.59 -22.04 -7.96
CA ARG A 310 2.19 -22.81 -6.83
C ARG A 310 3.74 -22.79 -6.63
N ARG A 311 4.48 -22.99 -7.70
CA ARG A 311 5.93 -22.87 -7.73
C ARG A 311 6.42 -21.48 -7.24
N TRP A 312 5.62 -20.41 -7.48
CA TRP A 312 6.04 -19.07 -7.17
C TRP A 312 6.24 -18.91 -5.67
N ILE A 313 5.45 -19.68 -4.87
CA ILE A 313 5.41 -19.45 -3.40
C ILE A 313 6.81 -19.53 -2.82
N GLU A 314 7.56 -20.52 -3.22
CA GLU A 314 8.92 -20.57 -2.72
C GLU A 314 9.79 -19.37 -3.14
N TYR A 315 9.61 -18.88 -4.37
CA TYR A 315 10.38 -17.72 -4.79
C TYR A 315 9.96 -16.57 -3.92
N GLY A 316 8.72 -16.49 -3.53
CA GLY A 316 8.30 -15.39 -2.71
C GLY A 316 8.93 -15.36 -1.33
N LYS A 317 9.04 -16.56 -0.75
CA LYS A 317 9.67 -16.73 0.58
C LYS A 317 11.10 -16.34 0.50
N GLN A 318 11.75 -16.68 -0.61
CA GLN A 318 13.19 -16.41 -0.78
C GLN A 318 13.67 -15.12 -1.46
N ALA A 319 12.75 -14.32 -1.98
CA ALA A 319 13.11 -13.17 -2.80
C ALA A 319 13.95 -12.16 -1.98
N VAL A 320 14.97 -11.57 -2.62
CA VAL A 320 15.87 -10.62 -1.91
C VAL A 320 15.36 -9.21 -2.25
N LEU A 321 14.90 -8.46 -1.22
CA LEU A 321 14.16 -7.22 -1.37
C LEU A 321 15.01 -5.97 -1.19
N CYS A 322 14.58 -4.82 -1.77
CA CYS A 322 15.30 -3.55 -1.67
C CYS A 322 15.40 -3.26 -0.18
N SER A 323 16.63 -3.25 0.35
CA SER A 323 16.90 -2.92 1.74
C SER A 323 17.08 -1.41 1.99
N CYS A 324 16.71 -0.57 1.00
CA CYS A 324 17.09 0.82 1.11
C CYS A 324 15.93 1.86 1.06
N ARG A 325 14.83 1.63 0.34
CA ARG A 325 13.70 2.58 0.32
C ARG A 325 12.49 2.06 1.11
N LYS A 326 11.83 3.03 1.74
CA LYS A 326 10.79 2.75 2.72
C LYS A 326 9.55 2.34 1.90
N ASP A 327 9.50 2.75 0.63
CA ASP A 327 8.33 2.58 -0.23
C ASP A 327 8.12 1.23 -0.97
N MET A 328 9.15 0.41 -1.14
CA MET A 328 9.16 -0.78 -2.09
C MET A 328 8.10 -1.86 -1.82
N VAL A 329 7.90 -2.81 -2.74
CA VAL A 329 6.69 -3.65 -2.62
C VAL A 329 7.15 -4.83 -1.83
N LYS A 330 6.43 -5.15 -0.79
CA LYS A 330 6.73 -6.42 -0.09
C LYS A 330 5.43 -7.19 0.20
N ILE A 331 5.35 -8.46 -0.07
CA ILE A 331 4.08 -9.17 0.15
C ILE A 331 4.40 -10.12 1.30
N SER A 332 3.54 -10.15 2.31
CA SER A 332 3.60 -11.12 3.40
C SER A 332 3.25 -12.51 2.92
N MET A 333 4.12 -13.48 3.16
CA MET A 333 3.97 -14.84 2.62
C MET A 333 3.08 -15.79 3.43
N ASP A 334 2.51 -15.30 4.55
CA ASP A 334 1.87 -16.17 5.56
C ASP A 334 0.63 -16.81 5.00
N VAL A 335 -0.23 -15.98 4.43
CA VAL A 335 -1.40 -16.50 3.78
C VAL A 335 -1.09 -17.69 2.79
N PHE A 336 0.03 -17.60 2.02
CA PHE A 336 0.43 -18.69 1.05
C PHE A 336 1.02 -19.92 1.72
N VAL A 337 1.83 -19.72 2.76
CA VAL A 337 2.41 -20.83 3.53
C VAL A 337 1.33 -21.53 4.34
N ARG A 338 0.40 -20.80 4.98
CA ARG A 338 -0.69 -21.48 5.70
C ARG A 338 -1.56 -22.30 4.74
N LYS A 339 -2.02 -21.69 3.64
CA LYS A 339 -2.84 -22.40 2.71
C LYS A 339 -2.14 -23.55 1.99
N PHE A 340 -0.93 -23.34 1.50
CA PHE A 340 -0.35 -24.31 0.55
C PHE A 340 0.77 -25.12 1.08
N GLN A 341 1.52 -24.59 2.05
CA GLN A 341 2.51 -25.41 2.75
C GLN A 341 2.18 -25.53 4.25
N PRO A 342 0.92 -25.88 4.61
CA PRO A 342 0.52 -25.89 6.04
C PRO A 342 1.53 -26.65 6.96
N GLU A 343 2.05 -27.80 6.47
CA GLU A 343 3.03 -28.63 7.16
C GLU A 343 4.39 -27.90 7.47
N ARG A 344 4.72 -26.87 6.74
CA ARG A 344 6.03 -26.24 6.95
C ARG A 344 5.98 -24.93 7.63
N TYR A 345 4.74 -24.51 7.93
CA TYR A 345 4.52 -23.16 8.47
C TYR A 345 5.42 -22.81 9.66
N LYS A 346 5.66 -23.74 10.62
CA LYS A 346 6.41 -23.46 11.89
C LYS A 346 7.92 -23.55 11.71
N LEU A 347 8.34 -24.59 10.99
CA LEU A 347 9.65 -24.65 10.40
C LEU A 347 10.01 -23.27 9.76
N TRP A 348 9.14 -22.81 8.86
CA TRP A 348 9.34 -21.57 8.14
C TRP A 348 9.32 -20.39 9.09
N LYS A 349 8.33 -20.35 9.97
CA LYS A 349 8.22 -19.21 10.86
C LYS A 349 9.47 -19.22 11.72
N ALA A 350 10.15 -20.38 11.81
CA ALA A 350 11.23 -20.55 12.74
C ALA A 350 12.54 -20.49 12.01
N GLY A 351 12.56 -19.83 10.84
CA GLY A 351 13.78 -19.55 10.06
C GLY A 351 14.53 -20.80 9.64
N LYS A 352 13.83 -21.92 9.69
CA LYS A 352 14.46 -23.22 9.63
C LYS A 352 14.08 -24.01 8.38
N ASP A 353 12.99 -23.61 7.72
CA ASP A 353 12.70 -24.02 6.35
C ASP A 353 13.84 -23.47 5.57
N ASN A 354 14.55 -24.36 4.89
CA ASN A 354 15.61 -23.93 3.97
C ASN A 354 15.66 -24.77 2.65
N THR A 355 14.49 -25.15 2.10
CA THR A 355 14.35 -25.49 0.63
C THR A 355 15.31 -24.67 -0.28
N VAL A 356 15.80 -25.32 -1.34
CA VAL A 356 16.68 -24.71 -2.34
C VAL A 356 15.88 -24.81 -3.60
N ILE A 357 15.73 -23.70 -4.30
CA ILE A 357 14.94 -23.71 -5.51
C ILE A 357 15.74 -24.34 -6.63
N ASP A 358 15.15 -25.26 -7.36
CA ASP A 358 15.74 -25.70 -8.59
C ASP A 358 14.92 -24.95 -9.63
N HIS A 359 15.58 -24.05 -10.35
CA HIS A 359 14.89 -23.19 -11.36
C HIS A 359 14.39 -23.96 -12.61
N THR A 360 14.84 -25.22 -12.82
CA THR A 360 14.63 -25.99 -14.07
C THR A 360 13.21 -26.61 -13.99
N LEU A 361 12.67 -26.63 -12.78
CA LEU A 361 11.50 -27.42 -12.48
C LEU A 361 10.23 -26.67 -12.79
N PRO A 362 9.26 -27.32 -13.51
CA PRO A 362 7.91 -26.76 -13.73
C PRO A 362 7.02 -26.71 -12.47
N THR A 363 6.03 -25.82 -12.52
CA THR A 363 5.11 -25.67 -11.43
C THR A 363 4.33 -26.98 -11.18
N PRO A 364 3.95 -27.27 -9.94
CA PRO A 364 3.31 -28.60 -9.87
C PRO A 364 2.07 -28.79 -10.73
N GLU A 365 1.30 -27.72 -11.01
CA GLU A 365 0.08 -27.81 -11.88
C GLU A 365 0.38 -28.33 -13.31
N ALA A 366 1.67 -28.59 -13.60
CA ALA A 366 2.13 -29.11 -14.89
C ALA A 366 2.02 -30.66 -14.99
N ALA A 367 1.75 -31.30 -13.85
CA ALA A 367 1.74 -32.76 -13.74
C ALA A 367 0.93 -33.46 -14.86
N GLU A 368 -0.29 -32.98 -15.12
CA GLU A 368 -1.13 -33.50 -16.22
C GLU A 368 -0.47 -33.53 -17.61
N PHE A 369 0.32 -32.54 -17.97
CA PHE A 369 1.14 -32.65 -19.16
C PHE A 369 2.45 -33.24 -18.68
N ASN B 25 42.98 0.72 -6.70
CA ASN B 25 42.54 -0.52 -5.93
C ASN B 25 42.88 -0.36 -4.41
N PRO B 26 42.36 0.69 -3.72
CA PRO B 26 42.96 1.01 -2.42
C PRO B 26 42.60 -0.06 -1.40
N SER B 27 41.72 -0.99 -1.72
CA SER B 27 41.42 -2.08 -0.78
C SER B 27 42.35 -3.26 -1.06
N ALA B 28 43.18 -3.15 -2.09
CA ALA B 28 44.09 -4.26 -2.52
C ALA B 28 43.33 -5.58 -2.75
N ARG B 29 42.14 -5.52 -3.38
CA ARG B 29 41.38 -6.76 -3.56
C ARG B 29 41.78 -7.46 -4.84
N ILE B 30 41.63 -8.79 -4.90
CA ILE B 30 41.82 -9.56 -6.22
C ILE B 30 40.82 -9.12 -7.29
N MET B 31 41.36 -8.54 -8.38
CA MET B 31 40.61 -8.09 -9.54
C MET B 31 40.65 -9.16 -10.63
N THR B 32 39.56 -9.21 -11.39
CA THR B 32 39.37 -10.08 -12.51
C THR B 32 39.29 -9.28 -13.79
N PHE B 33 39.99 -9.76 -14.82
CA PHE B 33 39.98 -9.09 -16.09
C PHE B 33 39.43 -9.92 -17.22
N TYR B 34 38.77 -9.22 -18.14
CA TYR B 34 38.13 -9.85 -19.30
C TYR B 34 38.57 -9.25 -20.64
N PRO B 35 39.82 -9.48 -21.03
CA PRO B 35 40.36 -8.87 -22.24
C PRO B 35 39.68 -9.36 -23.54
N THR B 36 39.45 -8.45 -24.49
CA THR B 36 39.03 -8.76 -25.86
C THR B 36 40.24 -9.43 -26.50
N MET B 37 39.98 -10.10 -27.62
CA MET B 37 41.09 -10.63 -28.43
C MET B 37 42.23 -9.64 -28.66
N GLU B 38 41.92 -8.39 -28.94
CA GLU B 38 42.92 -7.39 -29.33
C GLU B 38 43.86 -7.02 -28.19
N GLU B 39 43.29 -6.78 -27.00
CA GLU B 39 44.03 -6.58 -25.76
C GLU B 39 44.80 -7.87 -25.43
N PHE B 40 44.14 -9.03 -25.59
CA PHE B 40 44.79 -10.30 -25.19
C PHE B 40 46.06 -10.59 -25.98
N ARG B 41 46.08 -10.25 -27.27
CA ARG B 41 47.24 -10.57 -28.15
C ARG B 41 48.66 -10.27 -27.63
N ASN B 42 48.81 -9.22 -26.82
CA ASN B 42 50.10 -8.74 -26.32
C ASN B 42 50.19 -8.90 -24.85
N PHE B 43 51.03 -9.85 -24.45
CA PHE B 43 51.09 -10.26 -23.10
C PHE B 43 51.61 -9.17 -22.16
N SER B 44 52.87 -8.76 -22.34
CA SER B 44 53.49 -7.69 -21.55
C SER B 44 52.67 -6.44 -21.48
N ARG B 45 52.14 -6.01 -22.60
CA ARG B 45 51.28 -4.83 -22.58
C ARG B 45 49.99 -5.05 -21.66
N TYR B 46 49.39 -6.24 -21.75
CA TYR B 46 48.21 -6.56 -20.91
C TYR B 46 48.62 -6.52 -19.44
N ILE B 47 49.75 -7.14 -19.04
CA ILE B 47 50.20 -7.06 -17.67
C ILE B 47 50.42 -5.57 -17.24
N ALA B 48 50.97 -4.75 -18.13
CA ALA B 48 51.18 -3.32 -17.76
C ALA B 48 49.83 -2.71 -17.56
N TYR B 49 48.86 -2.99 -18.44
CA TYR B 49 47.53 -2.40 -18.24
C TYR B 49 46.90 -2.84 -16.89
N ILE B 50 47.00 -4.11 -16.53
CA ILE B 50 46.31 -4.50 -15.30
C ILE B 50 46.93 -3.79 -14.04
N GLU B 51 48.25 -3.63 -14.03
CA GLU B 51 48.97 -2.83 -13.04
C GLU B 51 48.49 -1.39 -13.05
N SER B 52 48.24 -0.81 -14.24
CA SER B 52 47.67 0.58 -14.30
C SER B 52 46.30 0.59 -13.61
N GLN B 53 45.59 -0.54 -13.57
CA GLN B 53 44.29 -0.59 -12.76
C GLN B 53 44.51 -0.89 -11.26
N GLY B 54 45.78 -1.10 -10.86
CA GLY B 54 46.03 -1.40 -9.40
C GLY B 54 45.95 -2.88 -9.07
N ALA B 55 45.95 -3.72 -10.11
CA ALA B 55 45.69 -5.19 -9.82
C ALA B 55 46.81 -5.82 -8.93
N HIS B 56 48.02 -5.28 -9.10
CA HIS B 56 49.19 -5.84 -8.44
C HIS B 56 49.11 -5.67 -6.95
N ARG B 57 48.30 -4.71 -6.48
CA ARG B 57 48.18 -4.52 -5.05
C ARG B 57 47.61 -5.72 -4.26
N ALA B 58 46.68 -6.48 -4.86
CA ALA B 58 46.26 -7.73 -4.21
C ALA B 58 47.35 -8.80 -4.15
N GLY B 59 48.34 -8.72 -5.03
CA GLY B 59 49.34 -9.82 -5.17
C GLY B 59 48.92 -10.91 -6.14
N LEU B 60 47.64 -10.95 -6.54
CA LEU B 60 47.08 -12.00 -7.41
C LEU B 60 45.96 -11.34 -8.25
N ALA B 61 45.85 -11.70 -9.55
CA ALA B 61 44.76 -11.24 -10.41
C ALA B 61 44.36 -12.46 -11.24
N LYS B 62 43.06 -12.54 -11.56
CA LYS B 62 42.55 -13.52 -12.55
C LYS B 62 42.43 -12.86 -13.92
N VAL B 63 42.85 -13.55 -14.97
CA VAL B 63 42.51 -13.07 -16.35
C VAL B 63 41.73 -14.17 -17.07
N VAL B 64 40.54 -13.81 -17.51
CA VAL B 64 39.72 -14.76 -18.21
C VAL B 64 39.91 -14.43 -19.68
N PRO B 65 40.41 -15.39 -20.47
CA PRO B 65 40.62 -15.06 -21.85
C PRO B 65 39.33 -15.07 -22.63
N PRO B 66 39.35 -14.48 -23.84
CA PRO B 66 38.21 -14.45 -24.79
C PRO B 66 37.79 -15.88 -25.18
N LYS B 67 36.49 -16.12 -25.21
CA LYS B 67 35.88 -17.40 -25.40
C LYS B 67 36.44 -18.15 -26.61
N GLU B 68 36.92 -17.49 -27.63
CA GLU B 68 37.35 -18.23 -28.83
C GLU B 68 38.84 -18.67 -28.78
N TRP B 69 39.50 -18.38 -27.65
CA TRP B 69 40.94 -18.65 -27.60
C TRP B 69 41.11 -20.00 -26.87
N LYS B 70 41.89 -20.89 -27.45
CA LYS B 70 42.14 -22.23 -26.90
C LYS B 70 43.61 -22.47 -27.16
N PRO B 71 44.39 -22.87 -26.13
CA PRO B 71 45.76 -23.20 -26.39
C PRO B 71 45.95 -24.59 -27.00
N ARG B 72 44.93 -25.46 -26.97
CA ARG B 72 45.13 -26.81 -27.44
C ARG B 72 43.77 -27.24 -27.85
N ALA B 73 43.64 -27.88 -29.04
CA ALA B 73 42.31 -28.30 -29.56
C ALA B 73 41.64 -29.37 -28.71
N SER B 74 42.44 -30.16 -28.01
CA SER B 74 41.90 -31.37 -27.35
C SER B 74 42.97 -31.90 -26.43
N TYR B 75 42.52 -32.45 -25.30
CA TYR B 75 43.42 -33.06 -24.29
C TYR B 75 43.31 -34.55 -24.25
N ASP B 76 42.88 -35.19 -25.33
CA ASP B 76 42.61 -36.64 -25.16
C ASP B 76 43.74 -37.61 -25.54
N ASP B 77 44.90 -37.05 -25.75
CA ASP B 77 46.04 -37.77 -26.26
C ASP B 77 47.21 -37.72 -25.27
N ILE B 78 46.91 -37.63 -23.98
CA ILE B 78 47.97 -37.51 -23.03
C ILE B 78 48.01 -38.49 -21.95
N ASP B 79 47.20 -39.54 -21.98
CA ASP B 79 47.23 -40.50 -20.90
C ASP B 79 48.60 -41.15 -20.74
N ASP B 80 49.46 -41.11 -21.76
CA ASP B 80 50.78 -41.70 -21.67
C ASP B 80 51.88 -40.66 -21.46
N LEU B 81 51.50 -39.39 -21.29
CA LEU B 81 52.42 -38.42 -20.68
C LEU B 81 52.95 -38.97 -19.30
N VAL B 82 54.25 -38.93 -19.07
CA VAL B 82 54.83 -39.44 -17.82
C VAL B 82 55.01 -38.30 -16.77
N ILE B 83 54.56 -38.54 -15.57
CA ILE B 83 54.84 -37.65 -14.45
C ILE B 83 56.06 -38.19 -13.74
N PRO B 84 57.24 -37.52 -13.86
CA PRO B 84 58.42 -38.33 -13.39
C PRO B 84 58.45 -38.47 -11.92
N ALA B 85 57.90 -37.48 -11.21
CA ALA B 85 58.19 -37.52 -9.78
C ALA B 85 56.97 -37.12 -8.95
N PRO B 86 55.88 -37.94 -8.96
CA PRO B 86 54.71 -37.46 -8.22
C PRO B 86 55.12 -37.47 -6.74
N ILE B 87 54.41 -36.66 -5.94
CA ILE B 87 54.71 -36.47 -4.53
C ILE B 87 53.44 -36.68 -3.74
N GLN B 88 53.56 -37.52 -2.72
CA GLN B 88 52.46 -37.72 -1.81
C GLN B 88 52.68 -36.66 -0.70
N GLN B 89 51.58 -35.97 -0.40
CA GLN B 89 51.70 -34.72 0.44
C GLN B 89 51.27 -35.06 1.81
N LEU B 90 52.21 -35.34 2.67
CA LEU B 90 51.89 -35.74 4.04
C LEU B 90 51.86 -34.44 4.89
N VAL B 91 50.77 -34.12 5.56
CA VAL B 91 50.71 -32.81 6.20
C VAL B 91 50.56 -33.09 7.76
N THR B 92 51.34 -32.41 8.57
CA THR B 92 51.35 -32.56 10.00
C THR B 92 50.93 -31.18 10.60
N GLY B 93 50.20 -31.16 11.72
CA GLY B 93 49.84 -29.87 12.41
C GLY B 93 48.42 -29.88 12.96
N GLN B 94 47.97 -28.74 13.50
CA GLN B 94 46.66 -28.63 14.20
C GLN B 94 46.31 -27.13 14.29
N SER B 95 45.01 -26.83 14.40
CA SER B 95 44.50 -25.48 14.69
C SER B 95 45.07 -24.45 13.74
N GLY B 96 44.92 -24.74 12.47
CA GLY B 96 45.31 -23.84 11.39
C GLY B 96 46.80 -23.65 11.03
N LEU B 97 47.71 -24.40 11.65
CA LEU B 97 49.16 -24.28 11.34
C LEU B 97 49.66 -25.68 11.10
N PHE B 98 50.33 -25.85 9.97
CA PHE B 98 50.67 -27.12 9.41
C PHE B 98 52.02 -27.08 8.72
N THR B 99 52.73 -28.21 8.71
CA THR B 99 53.85 -28.41 7.81
C THR B 99 53.57 -29.60 6.81
N GLN B 100 53.96 -29.35 5.56
CA GLN B 100 53.69 -30.27 4.46
C GLN B 100 55.04 -30.89 4.02
N TYR B 101 55.06 -32.24 3.98
CA TYR B 101 56.27 -33.05 3.71
C TYR B 101 55.97 -33.77 2.41
N ASN B 102 56.76 -33.48 1.39
CA ASN B 102 56.45 -33.85 0.06
C ASN B 102 57.26 -35.06 -0.28
N ILE B 103 56.64 -36.26 -0.23
CA ILE B 103 57.34 -37.56 -0.43
C ILE B 103 57.31 -38.04 -1.91
N GLN B 104 58.49 -38.13 -2.52
CA GLN B 104 58.61 -38.57 -3.90
C GLN B 104 58.17 -40.01 -4.17
N LYS B 105 57.36 -40.24 -5.18
CA LYS B 105 57.01 -41.60 -5.59
C LYS B 105 57.56 -41.80 -7.00
N LYS B 106 57.53 -43.04 -7.46
CA LYS B 106 58.11 -43.40 -8.80
C LYS B 106 57.15 -42.86 -9.91
N ALA B 107 57.70 -42.69 -11.14
CA ALA B 107 57.02 -42.21 -12.30
C ALA B 107 55.65 -42.85 -12.45
N MET B 108 54.68 -42.05 -12.90
CA MET B 108 53.37 -42.57 -13.12
C MET B 108 52.88 -41.84 -14.36
N THR B 109 51.88 -42.37 -15.04
CA THR B 109 51.36 -41.68 -16.19
C THR B 109 50.13 -40.89 -15.77
N VAL B 110 49.69 -40.01 -16.67
CA VAL B 110 48.45 -39.28 -16.53
C VAL B 110 47.26 -40.22 -16.33
N ARG B 111 47.13 -41.26 -17.16
CA ARG B 111 45.99 -42.20 -16.98
C ARG B 111 45.94 -42.81 -15.58
N GLU B 112 47.08 -43.28 -15.10
CA GLU B 112 47.19 -43.86 -13.75
C GLU B 112 46.92 -42.79 -12.67
N PHE B 113 47.41 -41.57 -12.91
CA PHE B 113 47.18 -40.53 -11.91
C PHE B 113 45.66 -40.26 -11.81
N ARG B 114 45.03 -40.16 -13.00
CA ARG B 114 43.60 -39.78 -13.15
C ARG B 114 42.74 -40.80 -12.47
N LYS B 115 43.16 -42.04 -12.56
CA LYS B 115 42.36 -43.13 -12.10
C LYS B 115 42.38 -43.10 -10.55
N ILE B 116 43.55 -42.81 -9.99
CA ILE B 116 43.71 -42.63 -8.54
C ILE B 116 42.93 -41.37 -8.07
N ALA B 117 43.06 -40.29 -8.79
CA ALA B 117 42.44 -39.01 -8.35
C ALA B 117 40.95 -39.21 -8.26
N ASN B 118 40.38 -39.98 -9.21
CA ASN B 118 38.93 -40.27 -9.31
C ASN B 118 38.41 -41.40 -8.54
N SER B 119 39.29 -42.19 -7.96
CA SER B 119 38.92 -43.36 -7.15
C SER B 119 38.16 -42.89 -5.90
N ASP B 120 37.33 -43.75 -5.36
CA ASP B 120 36.61 -43.41 -4.18
C ASP B 120 37.52 -42.98 -3.02
N LYS B 121 38.67 -43.61 -2.88
CA LYS B 121 39.51 -43.20 -1.76
C LYS B 121 39.99 -41.76 -1.85
N TYR B 122 40.17 -41.23 -3.07
CA TYR B 122 40.74 -39.91 -3.20
C TYR B 122 39.84 -38.83 -3.77
N CYS B 123 38.65 -39.13 -4.30
CA CYS B 123 37.94 -38.10 -5.08
C CYS B 123 37.33 -36.99 -4.20
N THR B 124 36.89 -35.95 -4.82
CA THR B 124 36.35 -34.81 -4.10
C THR B 124 35.17 -35.19 -3.23
N PRO B 125 35.13 -34.68 -1.99
CA PRO B 125 33.86 -34.96 -1.26
C PRO B 125 32.61 -34.23 -1.84
N ARG B 126 31.44 -34.74 -1.47
CA ARG B 126 30.15 -34.14 -1.74
C ARG B 126 30.07 -32.82 -1.00
N TYR B 127 29.69 -31.79 -1.72
CA TYR B 127 29.42 -30.54 -1.08
C TYR B 127 28.54 -29.65 -1.96
N SER B 128 27.86 -28.67 -1.37
CA SER B 128 27.01 -27.75 -2.13
C SER B 128 27.80 -26.56 -2.75
N GLU B 129 28.38 -25.69 -1.92
CA GLU B 129 29.17 -24.51 -2.39
C GLU B 129 30.62 -24.42 -1.81
N PHE B 130 31.46 -23.54 -2.35
CA PHE B 130 32.90 -23.51 -2.05
C PHE B 130 33.37 -23.54 -0.58
N GLU B 131 32.68 -22.79 0.26
CA GLU B 131 33.03 -22.63 1.67
C GLU B 131 32.89 -23.90 2.44
N GLU B 132 31.95 -24.72 2.03
CA GLU B 132 31.77 -26.04 2.60
C GLU B 132 33.00 -26.93 2.23
N LEU B 133 33.38 -26.90 0.94
CA LEU B 133 34.60 -27.60 0.53
C LEU B 133 35.89 -27.01 1.15
N GLU B 134 35.94 -25.69 1.36
CA GLU B 134 37.14 -25.04 1.95
C GLU B 134 37.21 -25.51 3.42
N ARG B 135 36.03 -25.60 4.04
CA ARG B 135 35.98 -26.14 5.38
C ARG B 135 36.48 -27.61 5.45
N LYS B 136 36.06 -28.46 4.49
CA LYS B 136 36.52 -29.85 4.50
C LYS B 136 38.06 -29.95 4.27
N TYR B 137 38.60 -29.10 3.40
CA TYR B 137 39.97 -29.02 3.20
C TYR B 137 40.71 -28.72 4.45
N TRP B 138 40.36 -27.66 5.20
CA TRP B 138 41.12 -27.27 6.45
C TRP B 138 40.89 -28.32 7.60
N LYS B 139 39.78 -29.00 7.55
CA LYS B 139 39.54 -30.05 8.52
C LYS B 139 40.27 -31.36 8.22
N ASN B 140 40.45 -31.68 6.93
CA ASN B 140 40.96 -33.04 6.49
C ASN B 140 42.36 -33.17 5.87
N LEU B 141 43.06 -32.03 5.81
CA LEU B 141 44.27 -32.01 5.01
C LEU B 141 45.37 -32.83 5.64
N THR B 142 45.31 -33.19 6.93
CA THR B 142 46.34 -34.10 7.42
C THR B 142 45.98 -35.56 7.24
N PHE B 143 44.80 -35.86 6.69
CA PHE B 143 44.32 -37.26 6.60
C PHE B 143 44.45 -37.82 5.18
N ASN B 144 44.64 -39.15 5.01
CA ASN B 144 44.59 -39.74 3.65
C ASN B 144 45.47 -38.90 2.65
N PRO B 145 46.82 -38.77 2.92
CA PRO B 145 47.64 -37.87 2.10
C PRO B 145 47.48 -38.14 0.61
N PRO B 146 47.19 -37.06 -0.16
CA PRO B 146 46.93 -37.26 -1.61
C PRO B 146 48.27 -37.26 -2.42
N ILE B 147 48.16 -37.40 -3.73
CA ILE B 147 49.37 -37.45 -4.55
C ILE B 147 49.27 -36.28 -5.46
N TYR B 148 50.33 -35.49 -5.58
CA TYR B 148 50.26 -34.33 -6.48
C TYR B 148 51.22 -34.62 -7.66
N GLY B 149 50.74 -34.51 -8.93
CA GLY B 149 51.61 -34.73 -10.11
C GLY B 149 52.31 -33.47 -10.42
N ALA B 150 53.19 -33.02 -9.51
CA ALA B 150 53.74 -31.63 -9.55
C ALA B 150 55.07 -31.44 -10.37
N ASP B 151 55.35 -30.20 -10.81
CA ASP B 151 56.72 -29.91 -11.38
C ASP B 151 57.12 -30.80 -12.58
N VAL B 152 56.13 -31.24 -13.35
CA VAL B 152 56.41 -31.89 -14.64
C VAL B 152 56.95 -30.88 -15.72
N ASN B 153 58.17 -31.07 -16.21
CA ASN B 153 58.72 -30.19 -17.24
C ASN B 153 57.94 -30.39 -18.52
N GLY B 154 57.45 -29.32 -19.12
CA GLY B 154 56.78 -29.40 -20.40
C GLY B 154 55.60 -28.51 -20.52
N THR B 155 54.85 -28.69 -21.59
CA THR B 155 53.83 -27.73 -21.97
C THR B 155 52.70 -28.49 -22.65
N LEU B 156 51.49 -27.97 -22.54
CA LEU B 156 50.40 -28.54 -23.30
C LEU B 156 49.94 -27.52 -24.32
N TYR B 157 50.65 -26.41 -24.50
CA TYR B 157 50.24 -25.48 -25.60
C TYR B 157 50.65 -26.05 -26.97
N GLU B 158 49.80 -25.92 -27.99
CA GLU B 158 50.17 -26.27 -29.35
C GLU B 158 51.11 -25.22 -29.88
N LYS B 159 52.02 -25.63 -30.79
CA LYS B 159 53.11 -24.79 -31.35
C LYS B 159 52.74 -23.43 -32.02
N HIS B 160 51.62 -23.45 -32.76
CA HIS B 160 51.05 -22.29 -33.46
C HIS B 160 50.53 -21.13 -32.54
N VAL B 161 50.30 -21.42 -31.24
CA VAL B 161 49.61 -20.48 -30.32
C VAL B 161 50.54 -19.40 -29.85
N ASP B 162 50.34 -18.14 -30.23
CA ASP B 162 51.28 -17.11 -29.83
C ASP B 162 50.85 -16.19 -28.73
N GLU B 163 49.60 -16.28 -28.32
CA GLU B 163 49.18 -15.44 -27.19
C GLU B 163 49.39 -16.18 -25.85
N TRP B 164 50.08 -15.55 -24.89
CA TRP B 164 50.08 -15.98 -23.47
C TRP B 164 50.58 -17.39 -23.45
N ASN B 165 51.57 -17.66 -24.28
CA ASN B 165 52.10 -18.98 -24.47
C ASN B 165 53.15 -19.13 -23.39
N ILE B 166 52.84 -19.96 -22.41
CA ILE B 166 53.65 -20.10 -21.22
C ILE B 166 55.02 -20.76 -21.52
N GLY B 167 55.12 -21.53 -22.61
CA GLY B 167 56.47 -22.04 -23.01
C GLY B 167 57.34 -20.91 -23.54
N ARG B 168 56.73 -19.80 -23.98
CA ARG B 168 57.57 -18.75 -24.58
C ARG B 168 57.04 -17.36 -24.42
N LEU B 169 57.09 -16.83 -23.20
CA LEU B 169 56.28 -15.65 -22.85
C LEU B 169 56.73 -14.29 -23.38
N ARG B 170 57.96 -14.21 -23.84
CA ARG B 170 58.64 -12.97 -24.35
C ARG B 170 58.64 -11.79 -23.32
N THR B 171 59.20 -12.00 -22.13
CA THR B 171 59.43 -10.91 -21.16
C THR B 171 60.93 -10.76 -20.98
N ILE B 172 61.32 -9.68 -20.31
CA ILE B 172 62.75 -9.47 -19.99
C ILE B 172 63.46 -10.61 -19.26
N LEU B 173 62.70 -11.54 -18.68
CA LEU B 173 63.28 -12.68 -17.94
C LEU B 173 64.20 -13.60 -18.81
N ASP B 174 63.89 -13.63 -20.12
CA ASP B 174 64.64 -14.30 -21.20
C ASP B 174 66.14 -13.92 -21.22
N LEU B 175 66.49 -12.73 -20.69
CA LEU B 175 67.88 -12.35 -20.42
C LEU B 175 68.66 -13.37 -19.60
N VAL B 176 68.03 -13.98 -18.60
CA VAL B 176 68.69 -15.01 -17.79
C VAL B 176 69.32 -16.15 -18.63
N GLU B 177 68.48 -16.89 -19.38
CA GLU B 177 68.95 -17.86 -20.38
C GLU B 177 69.76 -17.14 -21.45
N LYS B 178 69.07 -16.62 -22.46
CA LYS B 178 69.63 -16.18 -23.73
C LYS B 178 70.86 -15.22 -23.67
N GLU B 179 71.08 -14.55 -22.52
CA GLU B 179 72.19 -13.58 -22.32
C GLU B 179 73.31 -14.01 -21.36
N SER B 180 73.03 -14.98 -20.50
CA SER B 180 74.08 -15.58 -19.67
C SER B 180 73.94 -17.11 -19.56
N GLY B 181 73.15 -17.69 -20.47
CA GLY B 181 72.98 -19.14 -20.70
C GLY B 181 72.58 -19.99 -19.51
N ILE B 182 71.56 -19.56 -18.75
CA ILE B 182 71.14 -20.29 -17.53
C ILE B 182 69.73 -20.80 -17.78
N THR B 183 69.56 -22.12 -17.65
CA THR B 183 68.25 -22.75 -17.71
C THR B 183 67.88 -23.03 -16.26
N ILE B 184 66.72 -22.53 -15.85
CA ILE B 184 66.17 -22.76 -14.51
C ILE B 184 64.73 -23.29 -14.75
N GLU B 185 64.60 -24.62 -14.73
CA GLU B 185 63.33 -25.32 -14.89
C GLU B 185 62.15 -24.90 -14.00
N GLY B 186 60.93 -24.80 -14.57
CA GLY B 186 59.79 -24.19 -13.88
C GLY B 186 59.84 -22.65 -13.84
N VAL B 187 61.05 -22.08 -13.78
CA VAL B 187 61.28 -20.62 -13.58
C VAL B 187 61.30 -19.93 -14.94
N ASN B 188 62.31 -20.23 -15.75
CA ASN B 188 62.27 -19.75 -17.12
C ASN B 188 61.88 -20.85 -18.16
N THR B 189 61.33 -22.00 -17.72
CA THR B 189 60.69 -23.01 -18.62
C THR B 189 59.34 -23.41 -18.05
N PRO B 190 58.46 -24.15 -18.80
CA PRO B 190 57.07 -24.41 -18.30
C PRO B 190 57.03 -25.67 -17.42
N TYR B 191 56.13 -25.67 -16.40
CA TYR B 191 55.89 -26.82 -15.58
C TYR B 191 54.38 -27.15 -15.60
N LEU B 192 54.06 -28.43 -15.43
CA LEU B 192 52.67 -28.90 -15.46
C LEU B 192 52.45 -29.45 -14.09
N TYR B 193 51.22 -29.32 -13.64
CA TYR B 193 50.77 -29.72 -12.33
C TYR B 193 49.47 -30.46 -12.55
N PHE B 194 49.50 -31.77 -12.26
CA PHE B 194 48.31 -32.61 -12.23
C PHE B 194 47.83 -32.74 -10.80
N GLY B 195 46.63 -32.18 -10.53
CA GLY B 195 46.16 -32.08 -9.16
C GLY B 195 45.12 -33.19 -8.87
N MET B 196 44.86 -33.44 -7.58
CA MET B 196 43.71 -34.23 -7.23
C MET B 196 43.21 -33.51 -5.95
N TRP B 197 42.00 -33.87 -5.50
CA TRP B 197 41.45 -33.29 -4.31
C TRP B 197 42.45 -33.18 -3.19
N LYS B 198 42.43 -32.01 -2.54
CA LYS B 198 43.12 -31.83 -1.32
C LYS B 198 44.67 -31.73 -1.49
N THR B 199 45.24 -31.78 -2.70
CA THR B 199 46.64 -31.51 -2.90
C THR B 199 46.78 -29.98 -2.74
N SER B 200 47.95 -29.48 -2.34
CA SER B 200 48.12 -28.09 -1.83
C SER B 200 49.41 -27.46 -2.25
N PHE B 201 49.44 -26.10 -2.27
CA PHE B 201 50.71 -25.36 -2.38
C PHE B 201 50.77 -24.40 -1.14
N ALA B 202 51.84 -24.49 -0.41
CA ALA B 202 52.04 -23.74 0.73
C ALA B 202 52.20 -22.20 0.36
N TRP B 203 52.19 -21.39 1.44
CA TRP B 203 52.49 -19.97 1.40
C TRP B 203 53.92 -19.64 0.91
N HIS B 204 54.02 -18.88 -0.18
CA HIS B 204 55.37 -18.53 -0.69
C HIS B 204 55.17 -17.36 -1.62
N THR B 205 56.26 -16.61 -1.83
CA THR B 205 56.39 -15.76 -2.97
C THR B 205 57.19 -16.58 -4.05
N GLU B 206 57.29 -16.11 -5.25
CA GLU B 206 58.03 -16.88 -6.26
C GLU B 206 59.57 -16.74 -6.05
N ASP B 207 60.39 -17.51 -6.77
CA ASP B 207 61.85 -17.35 -6.52
C ASP B 207 62.19 -16.01 -7.05
N MET B 208 63.15 -15.39 -6.36
CA MET B 208 63.61 -14.08 -6.75
C MET B 208 62.45 -13.05 -6.64
N ASP B 209 61.31 -13.42 -5.99
CA ASP B 209 60.09 -12.57 -5.99
C ASP B 209 59.73 -12.12 -7.44
N LEU B 210 59.85 -13.07 -8.35
CA LEU B 210 59.36 -12.92 -9.68
C LEU B 210 57.78 -12.86 -9.73
N TYR B 211 57.26 -12.46 -10.90
CA TYR B 211 55.82 -12.77 -11.22
C TYR B 211 55.68 -14.27 -11.56
N SER B 212 54.41 -14.80 -11.48
CA SER B 212 54.15 -16.10 -12.15
C SER B 212 52.92 -16.06 -12.94
N ILE B 213 52.77 -17.02 -13.85
CA ILE B 213 51.46 -17.07 -14.65
C ILE B 213 51.01 -18.53 -14.50
N ASN B 214 49.72 -18.81 -14.25
CA ASN B 214 49.19 -20.14 -14.02
C ASN B 214 47.91 -20.25 -14.89
N TYR B 215 47.93 -21.18 -15.84
CA TYR B 215 46.77 -21.45 -16.71
C TYR B 215 46.22 -22.82 -16.27
N LEU B 216 44.89 -22.90 -16.08
CA LEU B 216 44.26 -24.11 -15.60
C LEU B 216 43.73 -24.77 -16.83
N HIS B 217 44.50 -25.71 -17.35
CA HIS B 217 44.11 -26.40 -18.66
C HIS B 217 42.75 -27.11 -18.67
N PHE B 218 42.48 -28.00 -17.72
CA PHE B 218 41.19 -28.66 -17.66
C PHE B 218 40.96 -29.13 -16.24
N GLY B 219 39.69 -29.47 -15.93
CA GLY B 219 39.34 -30.27 -14.79
C GLY B 219 38.79 -29.40 -13.71
N GLU B 220 38.86 -29.93 -12.50
CA GLU B 220 38.27 -29.26 -11.32
C GLU B 220 39.02 -27.99 -10.89
N PRO B 221 38.35 -27.11 -10.11
CA PRO B 221 39.01 -25.83 -9.84
C PRO B 221 40.24 -25.88 -8.95
N LYS B 222 40.93 -24.73 -8.91
CA LYS B 222 42.05 -24.50 -7.97
C LYS B 222 41.73 -23.23 -7.22
N SER B 223 41.69 -23.29 -5.87
CA SER B 223 41.35 -22.15 -4.99
C SER B 223 42.65 -21.62 -4.43
N TRP B 224 42.70 -20.32 -4.18
CA TRP B 224 43.95 -19.54 -3.93
C TRP B 224 43.61 -18.63 -2.78
N TYR B 225 44.62 -18.35 -1.96
CA TYR B 225 44.67 -17.30 -0.99
C TYR B 225 45.80 -16.35 -1.36
N SER B 226 45.64 -15.04 -1.09
CA SER B 226 46.80 -14.08 -1.26
C SER B 226 46.88 -13.01 -0.17
N VAL B 227 48.10 -12.50 0.09
CA VAL B 227 48.31 -11.41 1.00
C VAL B 227 48.87 -10.34 0.13
N PRO B 228 48.26 -9.16 0.20
CA PRO B 228 48.90 -8.03 -0.51
C PRO B 228 50.43 -7.87 -0.23
N PRO B 229 51.23 -7.62 -1.30
CA PRO B 229 52.65 -7.37 -1.13
C PRO B 229 52.89 -6.31 -0.07
N GLU B 230 52.06 -5.27 -0.01
CA GLU B 230 52.21 -4.28 1.04
C GLU B 230 51.97 -4.83 2.46
N HIS B 231 51.39 -6.02 2.65
CA HIS B 231 51.36 -6.62 3.97
C HIS B 231 52.15 -7.92 4.11
N GLY B 232 52.98 -8.25 3.11
CA GLY B 232 53.79 -9.49 3.15
C GLY B 232 54.67 -9.61 4.39
N LYS B 233 55.17 -8.48 4.86
CA LYS B 233 56.12 -8.49 5.92
C LYS B 233 55.37 -8.95 7.16
N ARG B 234 54.12 -8.52 7.28
CA ARG B 234 53.22 -8.98 8.40
C ARG B 234 52.95 -10.51 8.41
N LEU B 235 52.71 -11.13 7.25
CA LEU B 235 52.63 -12.57 7.16
C LEU B 235 53.95 -13.14 7.60
N GLU B 236 55.08 -12.59 7.13
CA GLU B 236 56.39 -13.13 7.61
C GLU B 236 56.58 -13.10 9.12
N ARG B 237 56.28 -11.98 9.76
CA ARG B 237 56.44 -11.86 11.21
C ARG B 237 55.56 -12.86 11.94
N LEU B 238 54.32 -13.05 11.52
CA LEU B 238 53.48 -14.10 12.12
C LEU B 238 54.04 -15.54 11.90
N ALA B 239 54.47 -15.87 10.67
CA ALA B 239 55.12 -17.15 10.34
C ALA B 239 56.35 -17.42 11.20
N LYS B 240 57.21 -16.39 11.37
CA LYS B 240 58.46 -16.49 12.13
C LYS B 240 58.14 -16.77 13.64
N GLY B 241 57.00 -16.27 14.10
CA GLY B 241 56.60 -16.40 15.47
C GLY B 241 55.98 -17.76 15.64
N PHE B 242 55.28 -18.26 14.63
CA PHE B 242 54.73 -19.64 14.71
C PHE B 242 55.64 -20.79 14.48
N PHE B 243 56.72 -20.55 13.77
CA PHE B 243 57.71 -21.63 13.57
C PHE B 243 59.09 -21.10 13.98
N PRO B 244 59.28 -20.84 15.31
CA PRO B 244 60.52 -20.11 15.81
C PRO B 244 61.82 -20.85 15.45
N GLY B 245 61.75 -22.17 15.41
CA GLY B 245 62.87 -23.03 14.98
C GLY B 245 63.20 -22.87 13.52
N SER B 246 62.15 -22.71 12.71
CA SER B 246 62.35 -22.65 11.29
C SER B 246 63.00 -21.33 10.94
N ALA B 247 62.62 -20.27 11.67
CA ALA B 247 63.24 -18.95 11.34
C ALA B 247 64.77 -18.95 11.56
N GLN B 248 65.21 -19.52 12.67
CA GLN B 248 66.60 -19.74 13.04
C GLN B 248 67.41 -20.37 11.94
N SER B 249 66.90 -21.43 11.33
CA SER B 249 67.61 -22.13 10.27
C SER B 249 67.87 -21.37 9.03
N CYS B 250 67.00 -20.40 8.77
CA CYS B 250 66.87 -19.90 7.43
C CYS B 250 66.23 -18.56 7.41
N GLU B 251 66.89 -17.68 6.66
CA GLU B 251 66.51 -16.32 6.44
C GLU B 251 65.28 -16.18 5.59
N ALA B 252 64.92 -17.22 4.82
CA ALA B 252 63.66 -17.22 4.07
C ALA B 252 62.96 -18.58 4.08
N PHE B 253 62.62 -19.08 5.27
CA PHE B 253 62.10 -20.45 5.38
C PHE B 253 60.73 -20.74 4.63
N LEU B 254 59.87 -19.69 4.47
CA LEU B 254 58.64 -19.86 3.64
C LEU B 254 59.02 -20.33 2.21
N ARG B 255 60.27 -20.00 1.75
CA ARG B 255 60.71 -20.44 0.37
C ARG B 255 60.87 -22.01 0.26
N HIS B 256 60.95 -22.67 1.42
CA HIS B 256 60.92 -24.16 1.46
C HIS B 256 59.59 -24.69 1.04
N LYS B 257 58.58 -23.81 0.87
CA LYS B 257 57.20 -24.24 0.45
C LYS B 257 56.64 -25.42 1.23
N MET B 258 56.77 -25.39 2.57
CA MET B 258 56.21 -26.48 3.35
C MET B 258 55.19 -25.88 4.39
N THR B 259 55.01 -24.58 4.41
CA THR B 259 54.28 -23.97 5.61
C THR B 259 52.84 -23.60 5.21
N LEU B 260 51.85 -24.23 5.86
CA LEU B 260 50.44 -24.02 5.56
C LEU B 260 49.80 -23.28 6.77
N ILE B 261 49.04 -22.18 6.50
CA ILE B 261 48.45 -21.36 7.54
C ILE B 261 47.00 -21.11 7.12
N SER B 262 46.04 -21.52 7.92
CA SER B 262 44.64 -21.36 7.43
C SER B 262 44.18 -19.89 7.32
N PRO B 263 43.07 -19.65 6.58
CA PRO B 263 42.50 -18.30 6.54
C PRO B 263 42.04 -17.78 7.92
N LEU B 264 41.40 -18.66 8.66
CA LEU B 264 40.95 -18.38 10.00
C LEU B 264 42.12 -17.83 10.94
N MET B 265 43.32 -18.40 10.81
CA MET B 265 44.46 -17.96 11.55
C MET B 265 44.88 -16.65 11.03
N LEU B 266 44.78 -16.40 9.70
CA LEU B 266 45.18 -15.08 9.25
C LEU B 266 44.25 -13.97 9.83
N LYS B 267 42.94 -14.30 9.85
CA LYS B 267 41.90 -13.43 10.31
C LYS B 267 42.14 -13.17 11.79
N LYS B 268 42.48 -14.20 12.57
CA LYS B 268 42.69 -14.09 13.99
C LYS B 268 43.90 -13.18 14.27
N TYR B 269 44.79 -13.02 13.31
CA TYR B 269 45.91 -12.22 13.63
C TYR B 269 45.92 -10.92 12.83
N GLY B 270 44.75 -10.59 12.26
CA GLY B 270 44.58 -9.49 11.33
C GLY B 270 45.59 -9.45 10.21
N ILE B 271 45.95 -10.56 9.60
CA ILE B 271 46.73 -10.36 8.33
C ILE B 271 45.66 -10.14 7.25
N PRO B 272 45.76 -9.09 6.44
CA PRO B 272 44.66 -8.95 5.46
C PRO B 272 44.99 -9.93 4.29
N PHE B 273 44.00 -10.45 3.61
CA PHE B 273 44.25 -11.47 2.62
C PHE B 273 42.94 -11.53 1.82
N ASP B 274 42.92 -12.15 0.64
CA ASP B 274 41.70 -12.34 -0.16
C ASP B 274 41.77 -13.79 -0.71
N LYS B 275 40.70 -14.30 -1.30
CA LYS B 275 40.52 -15.74 -1.74
C LYS B 275 40.04 -15.59 -3.17
N VAL B 276 40.41 -16.55 -4.05
CA VAL B 276 39.62 -16.59 -5.33
C VAL B 276 39.71 -18.01 -5.77
N THR B 277 38.72 -18.47 -6.46
CA THR B 277 38.71 -19.79 -7.10
C THR B 277 38.93 -19.67 -8.59
N GLN B 278 39.97 -20.33 -9.06
CA GLN B 278 40.28 -20.48 -10.49
C GLN B 278 39.59 -21.71 -11.09
N GLU B 279 38.96 -21.48 -12.23
CA GLU B 279 38.23 -22.52 -12.99
C GLU B 279 38.88 -22.77 -14.34
N ALA B 280 38.59 -23.94 -14.94
CA ALA B 280 39.22 -24.37 -16.14
C ALA B 280 39.20 -23.28 -17.23
N GLY B 281 40.32 -22.93 -17.85
CA GLY B 281 40.26 -21.90 -18.92
C GLY B 281 40.63 -20.57 -18.39
N GLU B 282 40.97 -20.48 -17.12
CA GLU B 282 41.30 -19.14 -16.59
C GLU B 282 42.80 -18.97 -16.22
N PHE B 283 43.32 -17.75 -16.38
CA PHE B 283 44.69 -17.51 -15.92
C PHE B 283 44.73 -16.84 -14.53
N MET B 284 45.71 -17.22 -13.71
CA MET B 284 46.05 -16.47 -12.49
C MET B 284 47.46 -15.90 -12.67
N ILE B 285 47.62 -14.63 -12.30
CA ILE B 285 48.90 -13.96 -12.28
C ILE B 285 49.22 -13.58 -10.83
N THR B 286 50.46 -13.93 -10.40
CA THR B 286 50.91 -13.58 -9.12
C THR B 286 52.01 -12.52 -9.44
N PHE B 287 52.11 -11.53 -8.52
CA PHE B 287 52.89 -10.33 -8.58
C PHE B 287 54.06 -10.38 -7.67
N PRO B 288 55.12 -9.57 -7.98
CA PRO B 288 56.32 -9.73 -7.19
C PRO B 288 56.03 -9.50 -5.74
N TYR B 289 56.54 -10.39 -4.89
CA TYR B 289 56.35 -10.35 -3.45
C TYR B 289 54.84 -10.60 -3.06
N GLY B 290 54.06 -11.29 -3.90
CA GLY B 290 52.64 -11.62 -3.49
C GLY B 290 52.71 -13.03 -2.88
N TYR B 291 52.52 -13.14 -1.58
CA TYR B 291 52.41 -14.46 -0.98
C TYR B 291 51.09 -15.13 -1.44
N HIS B 292 51.15 -16.40 -1.80
CA HIS B 292 49.86 -17.10 -2.12
C HIS B 292 50.01 -18.51 -1.61
N ALA B 293 48.88 -19.16 -1.42
CA ALA B 293 48.79 -20.59 -1.02
C ALA B 293 47.48 -21.03 -1.64
N GLY B 294 47.24 -22.31 -1.69
CA GLY B 294 45.86 -22.73 -1.99
C GLY B 294 45.82 -24.26 -2.23
N PHE B 295 44.69 -24.78 -2.77
CA PHE B 295 44.48 -26.18 -2.96
C PHE B 295 43.65 -26.57 -4.19
N ASN B 296 43.74 -27.84 -4.57
CA ASN B 296 42.99 -28.33 -5.73
C ASN B 296 41.65 -29.02 -5.32
N HIS B 297 40.60 -28.78 -6.09
CA HIS B 297 39.28 -29.41 -5.80
C HIS B 297 39.19 -30.87 -6.18
N GLY B 298 40.01 -31.25 -7.18
CA GLY B 298 39.91 -32.63 -7.73
C GLY B 298 40.90 -32.69 -8.88
N PHE B 299 40.69 -33.66 -9.76
CA PHE B 299 41.47 -33.93 -10.93
C PHE B 299 41.55 -32.73 -11.88
N ASN B 300 42.76 -32.21 -12.11
CA ASN B 300 42.95 -31.03 -12.91
C ASN B 300 44.40 -30.98 -13.41
N CYS B 301 44.73 -30.01 -14.28
CA CYS B 301 46.02 -29.86 -14.88
C CYS B 301 46.20 -28.39 -15.12
N ALA B 302 47.20 -27.78 -14.45
CA ALA B 302 47.63 -26.35 -14.57
C ALA B 302 49.06 -26.29 -15.20
N GLU B 303 49.30 -25.27 -15.99
CA GLU B 303 50.62 -25.11 -16.55
C GLU B 303 51.14 -23.76 -15.99
N SER B 304 52.38 -23.67 -15.54
CA SER B 304 52.82 -22.33 -15.09
C SER B 304 54.31 -22.00 -15.39
N THR B 305 54.69 -20.70 -15.30
CA THR B 305 56.12 -20.35 -15.30
C THR B 305 56.36 -19.03 -14.53
N ASN B 306 57.59 -18.52 -14.43
CA ASN B 306 57.84 -17.17 -13.94
C ASN B 306 57.97 -16.20 -15.06
N PHE B 307 57.74 -14.94 -14.80
CA PHE B 307 58.13 -13.99 -15.74
C PHE B 307 58.50 -12.68 -15.02
N ALA B 308 58.93 -11.69 -15.81
CA ALA B 308 59.34 -10.40 -15.26
C ALA B 308 58.80 -9.22 -16.07
N THR B 309 58.72 -8.06 -15.39
CA THR B 309 58.55 -6.79 -16.05
C THR B 309 59.67 -5.90 -15.47
N ARG B 310 59.81 -4.69 -16.03
CA ARG B 310 60.78 -3.73 -15.49
C ARG B 310 60.71 -3.52 -13.98
N ARG B 311 59.48 -3.40 -13.46
CA ARG B 311 59.23 -3.17 -12.04
C ARG B 311 59.92 -4.24 -11.16
N TRP B 312 60.02 -5.47 -11.69
CA TRP B 312 60.54 -6.58 -10.89
C TRP B 312 62.01 -6.39 -10.55
N ILE B 313 62.71 -5.66 -11.41
CA ILE B 313 64.13 -5.50 -11.14
C ILE B 313 64.47 -5.18 -9.66
N GLU B 314 63.84 -4.12 -9.14
CA GLU B 314 64.09 -3.70 -7.77
C GLU B 314 63.76 -4.82 -6.74
N TYR B 315 62.61 -5.49 -6.92
CA TYR B 315 62.36 -6.74 -6.18
C TYR B 315 63.44 -7.80 -6.23
N GLY B 316 63.87 -8.11 -7.45
CA GLY B 316 65.05 -9.02 -7.67
C GLY B 316 66.29 -8.64 -6.86
N LYS B 317 66.61 -7.36 -6.85
CA LYS B 317 67.82 -6.91 -6.21
C LYS B 317 67.66 -7.09 -4.69
N GLN B 318 66.42 -7.16 -4.22
CA GLN B 318 66.12 -7.07 -2.77
C GLN B 318 65.53 -8.32 -2.13
N ALA B 319 65.29 -9.33 -2.94
CA ALA B 319 64.68 -10.57 -2.46
C ALA B 319 65.49 -11.17 -1.33
N VAL B 320 64.88 -11.46 -0.19
CA VAL B 320 65.63 -12.21 0.85
C VAL B 320 65.60 -13.70 0.46
N LEU B 321 66.78 -14.34 0.27
CA LEU B 321 66.83 -15.73 -0.24
C LEU B 321 66.91 -16.81 0.83
N CYS B 322 66.56 -18.07 0.49
CA CYS B 322 66.75 -19.18 1.40
C CYS B 322 68.28 -19.26 1.57
N SER B 323 68.73 -19.20 2.84
CA SER B 323 70.09 -19.28 3.28
C SER B 323 70.50 -20.64 3.85
N CYS B 324 69.74 -21.71 3.67
CA CYS B 324 70.15 -22.98 4.29
C CYS B 324 70.36 -24.12 3.29
N ARG B 325 70.30 -23.85 1.99
CA ARG B 325 70.36 -24.88 0.94
C ARG B 325 71.19 -24.36 -0.20
N LYS B 326 71.93 -25.24 -0.88
CA LYS B 326 72.97 -24.82 -1.86
C LYS B 326 72.54 -24.71 -3.33
N ASP B 327 71.48 -25.40 -3.70
CA ASP B 327 71.02 -25.26 -5.06
C ASP B 327 69.64 -24.51 -5.18
N MET B 328 69.28 -23.70 -4.18
CA MET B 328 68.06 -22.88 -4.28
C MET B 328 68.26 -21.91 -5.43
N VAL B 329 67.17 -21.32 -5.90
CA VAL B 329 67.25 -20.44 -7.06
C VAL B 329 67.85 -19.06 -6.75
N LYS B 330 68.89 -18.72 -7.49
CA LYS B 330 69.50 -17.39 -7.37
C LYS B 330 69.71 -16.87 -8.81
N ILE B 331 69.08 -15.76 -9.16
CA ILE B 331 69.38 -15.16 -10.44
C ILE B 331 70.30 -13.98 -10.18
N SER B 332 71.42 -13.92 -10.92
CA SER B 332 72.30 -12.76 -10.81
C SER B 332 71.66 -11.60 -11.56
N MET B 333 71.64 -10.45 -10.95
CA MET B 333 70.91 -9.30 -11.44
C MET B 333 71.74 -8.34 -12.34
N ASP B 334 73.08 -8.45 -12.29
CA ASP B 334 73.92 -7.35 -12.77
C ASP B 334 73.41 -6.95 -14.13
N VAL B 335 73.19 -7.96 -14.94
CA VAL B 335 72.74 -7.78 -16.30
C VAL B 335 71.41 -6.97 -16.45
N PHE B 336 70.49 -7.08 -15.48
CA PHE B 336 69.27 -6.20 -15.43
C PHE B 336 69.65 -4.82 -14.94
N VAL B 337 70.49 -4.71 -13.92
CA VAL B 337 70.94 -3.40 -13.45
C VAL B 337 71.75 -2.69 -14.58
N ARG B 338 72.83 -3.31 -15.08
CA ARG B 338 73.51 -2.86 -16.33
C ARG B 338 72.58 -2.47 -17.53
N LYS B 339 71.49 -3.18 -17.77
CA LYS B 339 70.70 -2.82 -18.95
C LYS B 339 69.52 -1.82 -18.70
N PHE B 340 68.83 -1.94 -17.55
CA PHE B 340 67.66 -1.12 -17.29
C PHE B 340 67.90 -0.10 -16.24
N GLN B 341 69.00 -0.29 -15.49
CA GLN B 341 69.40 0.68 -14.44
C GLN B 341 70.83 1.30 -14.61
N PRO B 342 71.22 1.78 -15.85
CA PRO B 342 72.58 2.29 -16.05
C PRO B 342 73.16 3.12 -14.88
N GLU B 343 72.57 4.31 -14.62
CA GLU B 343 73.04 5.31 -13.60
C GLU B 343 73.15 4.83 -12.14
N ARG B 344 72.38 3.80 -11.76
CA ARG B 344 72.45 3.21 -10.40
C ARG B 344 73.53 2.11 -10.12
N TYR B 345 74.04 1.48 -11.21
CA TYR B 345 74.92 0.29 -11.13
C TYR B 345 76.06 0.30 -10.10
N LYS B 346 76.81 1.41 -10.09
CA LYS B 346 78.03 1.49 -9.31
C LYS B 346 77.66 1.69 -7.86
N LEU B 347 76.69 2.57 -7.65
CA LEU B 347 76.15 2.83 -6.34
C LEU B 347 75.58 1.52 -5.74
N TRP B 348 74.79 0.79 -6.57
CA TRP B 348 74.26 -0.55 -6.22
C TRP B 348 75.38 -1.57 -5.91
N LYS B 349 76.34 -1.75 -6.83
CA LYS B 349 77.56 -2.55 -6.54
C LYS B 349 78.32 -2.09 -5.29
N ALA B 350 78.49 -0.78 -5.15
CA ALA B 350 79.04 -0.18 -3.92
C ALA B 350 78.26 -0.54 -2.64
N GLY B 351 77.04 -1.08 -2.82
CA GLY B 351 76.17 -1.45 -1.71
C GLY B 351 75.48 -0.22 -1.17
N LYS B 352 75.52 0.88 -1.94
CA LYS B 352 74.88 2.16 -1.54
C LYS B 352 73.53 2.55 -2.31
N ASP B 353 72.91 1.63 -3.06
CA ASP B 353 71.50 1.81 -3.53
C ASP B 353 70.56 1.19 -2.51
N ASN B 354 69.83 2.00 -1.75
CA ASN B 354 68.68 1.42 -0.98
C ASN B 354 67.41 2.20 -1.22
N THR B 355 67.01 2.22 -2.50
CA THR B 355 65.63 2.41 -2.97
C THR B 355 64.74 1.68 -1.99
N VAL B 356 63.74 2.37 -1.50
CA VAL B 356 62.66 1.71 -0.83
C VAL B 356 61.63 1.35 -1.91
N ILE B 357 61.21 0.09 -1.92
CA ILE B 357 60.21 -0.37 -2.89
C ILE B 357 58.83 0.20 -2.55
N ASP B 358 58.16 0.82 -3.48
CA ASP B 358 56.75 1.18 -3.25
C ASP B 358 55.81 0.13 -3.92
N HIS B 359 55.21 -0.69 -3.08
CA HIS B 359 54.43 -1.84 -3.58
C HIS B 359 53.26 -1.34 -4.39
N THR B 360 52.85 -0.08 -4.22
CA THR B 360 51.64 0.40 -4.91
C THR B 360 51.88 0.80 -6.38
N LEU B 361 53.13 1.05 -6.74
CA LEU B 361 53.42 1.73 -7.96
C LEU B 361 53.38 0.71 -9.12
N PRO B 362 52.68 1.05 -10.25
CA PRO B 362 52.62 0.17 -11.46
C PRO B 362 53.96 0.07 -12.24
N THR B 363 54.12 -0.94 -13.12
CA THR B 363 55.40 -1.07 -13.84
C THR B 363 55.50 0.13 -14.82
N PRO B 364 56.72 0.68 -15.07
CA PRO B 364 56.74 1.92 -15.87
C PRO B 364 56.22 1.70 -17.29
N GLU B 365 56.30 0.46 -17.83
CA GLU B 365 55.65 0.09 -19.14
C GLU B 365 54.18 0.52 -19.26
N ALA B 366 53.56 0.81 -18.11
CA ALA B 366 52.14 1.19 -18.09
C ALA B 366 51.97 2.66 -18.53
N ALA B 367 53.11 3.32 -18.87
CA ALA B 367 53.24 4.68 -19.44
C ALA B 367 52.07 5.04 -20.30
N GLU B 368 51.94 4.35 -21.44
CA GLU B 368 50.80 4.52 -22.39
C GLU B 368 49.38 4.54 -21.75
N PHE B 369 49.22 3.98 -20.53
CA PHE B 369 48.02 4.20 -19.66
C PHE B 369 48.46 4.91 -18.36
N ASN C 25 -15.66 28.20 17.29
CA ASN C 25 -16.22 27.00 17.99
C ASN C 25 -15.73 27.21 19.44
N PRO C 26 -16.17 28.36 20.07
CA PRO C 26 -15.57 28.74 21.42
C PRO C 26 -15.91 27.73 22.46
N SER C 27 -17.04 27.01 22.34
CA SER C 27 -17.32 25.91 23.27
C SER C 27 -16.55 24.63 22.97
N ALA C 28 -15.91 24.50 21.81
CA ALA C 28 -15.02 23.29 21.55
C ALA C 28 -15.81 21.99 21.46
N ARG C 29 -17.02 22.11 20.89
CA ARG C 29 -17.93 21.00 20.83
C ARG C 29 -17.63 20.30 19.48
N ILE C 30 -18.02 19.04 19.42
CA ILE C 30 -17.82 18.25 18.18
C ILE C 30 -18.73 18.75 17.06
N MET C 31 -18.17 19.13 15.95
CA MET C 31 -18.97 19.63 14.82
C MET C 31 -19.15 18.52 13.77
N THR C 32 -20.24 18.66 12.99
CA THR C 32 -20.56 17.72 11.93
C THR C 32 -20.59 18.49 10.62
N PHE C 33 -20.02 17.94 9.56
CA PHE C 33 -19.97 18.59 8.27
C PHE C 33 -20.59 17.72 7.19
N TYR C 34 -21.29 18.40 6.28
CA TYR C 34 -22.02 17.73 5.15
C TYR C 34 -21.52 18.25 3.81
N PRO C 35 -20.27 18.00 3.42
CA PRO C 35 -19.70 18.42 2.10
C PRO C 35 -20.55 17.96 0.89
N THR C 36 -20.72 18.88 -0.07
CA THR C 36 -21.17 18.51 -1.44
C THR C 36 -20.03 17.72 -2.04
N MET C 37 -20.36 16.96 -3.10
CA MET C 37 -19.40 16.22 -3.92
C MET C 37 -18.15 17.04 -4.32
N GLU C 38 -18.40 18.27 -4.74
CA GLU C 38 -17.34 19.20 -5.16
C GLU C 38 -16.42 19.60 -3.99
N GLU C 39 -17.04 20.00 -2.87
CA GLU C 39 -16.30 20.19 -1.60
C GLU C 39 -15.52 18.93 -1.16
N PHE C 40 -16.18 17.78 -1.16
CA PHE C 40 -15.62 16.49 -0.76
C PHE C 40 -14.42 15.98 -1.58
N ARG C 41 -14.37 16.28 -2.86
CA ARG C 41 -13.32 15.71 -3.76
C ARG C 41 -11.91 15.91 -3.27
N ASN C 42 -11.64 17.02 -2.58
CA ASN C 42 -10.26 17.31 -2.21
C ASN C 42 -10.12 17.24 -0.69
N PHE C 43 -9.79 16.02 -0.21
CA PHE C 43 -9.40 15.76 1.19
C PHE C 43 -8.68 16.87 1.99
N SER C 44 -7.47 17.22 1.61
CA SER C 44 -6.66 18.14 2.45
C SER C 44 -7.19 19.55 2.54
N ARG C 45 -7.67 20.07 1.40
CA ARG C 45 -8.41 21.33 1.35
C ARG C 45 -9.60 21.28 2.30
N TYR C 46 -10.36 20.16 2.28
CA TYR C 46 -11.55 20.04 3.20
C TYR C 46 -11.18 20.00 4.68
N ILE C 47 -10.03 19.33 4.96
CA ILE C 47 -9.49 19.36 6.32
C ILE C 47 -9.18 20.80 6.73
N ALA C 48 -8.56 21.57 5.83
CA ALA C 48 -8.20 23.03 6.16
C ALA C 48 -9.55 23.76 6.42
N TYR C 49 -10.52 23.46 5.57
CA TYR C 49 -11.89 24.05 5.68
C TYR C 49 -12.50 23.75 7.07
N ILE C 50 -12.49 22.48 7.54
CA ILE C 50 -13.16 22.22 8.87
C ILE C 50 -12.45 22.96 10.01
N GLU C 51 -11.10 23.01 9.91
CA GLU C 51 -10.29 23.83 10.78
C GLU C 51 -10.59 25.32 10.72
N SER C 52 -10.85 25.87 9.54
CA SER C 52 -11.31 27.29 9.41
C SER C 52 -12.55 27.58 10.24
N GLN C 53 -13.30 26.53 10.64
CA GLN C 53 -14.60 26.71 11.29
C GLN C 53 -14.44 26.29 12.72
N GLY C 54 -13.20 25.94 13.14
CA GLY C 54 -12.87 25.63 14.55
C GLY C 54 -13.13 24.16 14.95
N ALA C 55 -13.33 23.27 13.96
CA ALA C 55 -13.62 21.88 14.28
C ALA C 55 -12.51 21.25 15.14
N HIS C 56 -11.24 21.60 14.85
CA HIS C 56 -10.12 20.96 15.54
C HIS C 56 -10.23 21.17 17.02
N ARG C 57 -10.91 22.25 17.45
CA ARG C 57 -10.97 22.55 18.93
C ARG C 57 -11.57 21.42 19.78
N ALA C 58 -12.50 20.64 19.23
CA ALA C 58 -13.09 19.53 19.99
C ALA C 58 -12.16 18.30 20.05
N GLY C 59 -11.23 18.21 19.07
CA GLY C 59 -10.31 17.08 18.98
C GLY C 59 -10.93 15.99 18.09
N LEU C 60 -12.18 16.18 17.72
CA LEU C 60 -12.88 15.12 16.99
C LEU C 60 -13.98 15.76 16.14
N ALA C 61 -14.10 15.43 14.85
CA ALA C 61 -15.16 15.95 14.05
C ALA C 61 -15.78 14.79 13.26
N LYS C 62 -17.08 14.94 12.97
CA LYS C 62 -17.79 14.01 11.97
C LYS C 62 -17.92 14.63 10.57
N VAL C 63 -17.63 13.89 9.51
CA VAL C 63 -17.87 14.39 8.17
C VAL C 63 -18.80 13.33 7.49
N VAL C 64 -20.00 13.78 7.05
CA VAL C 64 -20.93 12.87 6.42
C VAL C 64 -20.71 13.07 4.94
N PRO C 65 -20.22 12.04 4.24
CA PRO C 65 -19.95 12.29 2.80
C PRO C 65 -21.25 12.48 1.94
N PRO C 66 -21.19 13.11 0.77
CA PRO C 66 -22.45 13.12 0.01
C PRO C 66 -22.97 11.69 -0.34
N LYS C 67 -24.30 11.56 -0.45
CA LYS C 67 -25.00 10.28 -0.51
C LYS C 67 -24.73 9.45 -1.78
N GLU C 68 -24.19 10.09 -2.81
CA GLU C 68 -23.86 9.44 -4.06
C GLU C 68 -22.61 8.56 -3.90
N TRP C 69 -21.57 9.14 -3.26
CA TRP C 69 -20.24 8.55 -3.05
C TRP C 69 -20.31 7.26 -2.24
N LYS C 70 -19.62 6.25 -2.75
CA LYS C 70 -19.56 4.90 -2.17
C LYS C 70 -18.13 4.40 -2.38
N PRO C 71 -17.44 3.99 -1.33
CA PRO C 71 -16.04 3.52 -1.50
C PRO C 71 -15.98 2.10 -2.06
N ARG C 72 -17.06 1.34 -2.02
CA ARG C 72 -17.05 -0.07 -2.43
C ARG C 72 -18.48 -0.37 -2.90
N ALA C 73 -18.71 -1.11 -3.98
CA ALA C 73 -20.16 -1.35 -4.43
C ALA C 73 -20.99 -2.13 -3.42
N SER C 74 -20.35 -3.09 -2.76
CA SER C 74 -21.08 -4.06 -1.98
C SER C 74 -20.13 -4.69 -0.96
N TYR C 75 -20.63 -5.02 0.24
CA TYR C 75 -19.80 -5.68 1.27
C TYR C 75 -20.13 -7.18 1.34
N ASP C 76 -20.60 -7.74 0.22
CA ASP C 76 -21.04 -9.14 0.20
C ASP C 76 -19.90 -10.10 -0.13
N ASP C 77 -18.65 -9.63 -0.33
CA ASP C 77 -17.62 -10.51 -0.87
C ASP C 77 -16.29 -10.40 -0.07
N ILE C 78 -16.42 -10.17 1.22
CA ILE C 78 -15.24 -10.10 2.12
C ILE C 78 -15.16 -11.22 3.16
N ASP C 79 -16.00 -12.24 3.06
CA ASP C 79 -15.97 -13.36 4.04
C ASP C 79 -14.65 -14.11 4.24
N ASP C 80 -13.86 -14.09 3.19
CA ASP C 80 -12.63 -14.86 3.22
C ASP C 80 -11.50 -14.02 3.76
N LEU C 81 -11.77 -12.76 3.91
CA LEU C 81 -10.83 -11.89 4.60
C LEU C 81 -10.31 -12.44 5.96
N VAL C 82 -9.00 -12.39 6.13
CA VAL C 82 -8.36 -12.94 7.35
C VAL C 82 -8.05 -11.81 8.39
N ILE C 83 -8.35 -12.09 9.67
CA ILE C 83 -8.04 -11.28 10.83
C ILE C 83 -6.97 -12.20 11.43
N PRO C 84 -5.65 -11.86 11.21
CA PRO C 84 -4.57 -12.79 11.65
C PRO C 84 -4.43 -12.84 13.20
N ALA C 85 -4.86 -11.77 13.91
CA ALA C 85 -4.57 -11.61 15.36
C ALA C 85 -5.72 -10.98 16.15
N PRO C 86 -6.90 -11.62 16.15
CA PRO C 86 -8.06 -11.08 16.82
C PRO C 86 -7.66 -10.93 18.29
N ILE C 87 -8.19 -9.92 18.97
CA ILE C 87 -7.83 -9.85 20.39
C ILE C 87 -9.07 -10.02 21.32
N GLN C 88 -8.95 -10.75 22.45
CA GLN C 88 -10.04 -10.80 23.39
C GLN C 88 -9.81 -9.76 24.49
N GLN C 89 -10.77 -8.88 24.69
CA GLN C 89 -10.49 -7.70 25.52
C GLN C 89 -10.95 -7.95 26.94
N LEU C 90 -10.03 -8.35 27.80
CA LEU C 90 -10.40 -8.59 29.21
C LEU C 90 -10.23 -7.25 29.98
N VAL C 91 -11.30 -6.71 30.55
CA VAL C 91 -11.24 -5.44 31.15
C VAL C 91 -11.26 -5.67 32.69
N THR C 92 -10.47 -4.89 33.43
CA THR C 92 -10.42 -5.05 34.90
C THR C 92 -10.63 -3.67 35.49
N GLY C 93 -11.36 -3.60 36.60
CA GLY C 93 -11.44 -2.33 37.39
C GLY C 93 -12.92 -2.14 37.85
N GLN C 94 -13.20 -0.97 38.42
CA GLN C 94 -14.57 -0.67 38.95
C GLN C 94 -14.82 0.84 38.94
N SER C 95 -16.11 1.20 38.99
CA SER C 95 -16.59 2.59 39.21
C SER C 95 -15.80 3.61 38.38
N GLY C 96 -15.87 3.34 37.07
CA GLY C 96 -15.43 4.24 36.06
C GLY C 96 -13.94 4.29 35.72
N LEU C 97 -13.10 3.55 36.42
CA LEU C 97 -11.63 3.45 36.09
C LEU C 97 -11.29 1.98 35.74
N PHE C 98 -10.76 1.71 34.53
CA PHE C 98 -10.46 0.32 34.11
C PHE C 98 -9.17 0.22 33.34
N THR C 99 -8.59 -0.97 33.27
CA THR C 99 -7.43 -1.25 32.45
C THR C 99 -7.89 -2.43 31.57
N GLN C 100 -7.58 -2.30 30.28
CA GLN C 100 -7.97 -3.29 29.33
C GLN C 100 -6.76 -4.16 28.88
N TYR C 101 -6.78 -5.49 29.09
CA TYR C 101 -5.72 -6.39 28.55
C TYR C 101 -6.17 -7.13 27.27
N ASN C 102 -5.39 -7.03 26.21
CA ASN C 102 -5.78 -7.60 24.94
C ASN C 102 -5.19 -8.95 24.75
N ILE C 103 -5.97 -10.03 24.79
CA ILE C 103 -5.40 -11.38 24.75
C ILE C 103 -5.43 -11.84 23.27
N GLN C 104 -4.25 -12.05 22.67
CA GLN C 104 -4.18 -12.50 21.27
C GLN C 104 -4.78 -13.93 21.04
N LYS C 105 -5.65 -14.07 20.03
CA LYS C 105 -6.32 -15.33 19.75
C LYS C 105 -5.88 -15.81 18.40
N LYS C 106 -6.21 -17.05 18.00
CA LYS C 106 -5.77 -17.53 16.66
C LYS C 106 -6.53 -16.82 15.46
N ALA C 107 -5.89 -16.74 14.29
CA ALA C 107 -6.54 -16.19 13.08
C ALA C 107 -7.97 -16.70 12.88
N MET C 108 -8.85 -15.84 12.37
CA MET C 108 -10.15 -16.30 11.86
C MET C 108 -10.45 -15.41 10.67
N THR C 109 -11.49 -15.78 9.95
CA THR C 109 -12.03 -15.06 8.80
C THR C 109 -13.18 -14.18 9.28
N VAL C 110 -13.56 -13.23 8.46
CA VAL C 110 -14.65 -12.34 8.78
C VAL C 110 -15.87 -13.22 8.89
N ARG C 111 -15.98 -14.27 8.06
CA ARG C 111 -17.16 -15.13 8.17
C ARG C 111 -17.29 -15.65 9.60
N GLU C 112 -16.20 -16.23 10.10
CA GLU C 112 -16.15 -16.79 11.44
C GLU C 112 -16.34 -15.68 12.53
N PHE C 113 -15.71 -14.55 12.29
CA PHE C 113 -15.81 -13.48 13.23
C PHE C 113 -17.32 -13.04 13.32
N ARG C 114 -17.88 -12.75 12.15
CA ARG C 114 -19.27 -12.30 12.09
C ARG C 114 -20.16 -13.31 12.84
N LYS C 115 -19.98 -14.60 12.63
CA LYS C 115 -20.79 -15.54 13.34
C LYS C 115 -20.74 -15.40 14.91
N ILE C 116 -19.53 -15.31 15.45
CA ILE C 116 -19.36 -15.11 16.88
C ILE C 116 -20.02 -13.74 17.30
N ALA C 117 -19.81 -12.66 16.52
CA ALA C 117 -20.23 -11.31 16.97
C ALA C 117 -21.76 -11.32 17.03
N ASN C 118 -22.38 -11.99 16.05
CA ASN C 118 -23.92 -12.16 16.12
C ASN C 118 -24.47 -13.31 16.99
N SER C 119 -23.65 -14.21 17.57
CA SER C 119 -24.21 -15.25 18.47
C SER C 119 -24.89 -14.63 19.74
N ASP C 120 -25.76 -15.42 20.40
CA ASP C 120 -26.44 -15.00 21.62
C ASP C 120 -25.45 -14.69 22.73
N LYS C 121 -24.30 -15.34 22.72
CA LYS C 121 -23.30 -15.09 23.74
C LYS C 121 -22.74 -13.64 23.65
N TYR C 122 -22.59 -13.09 22.43
CA TYR C 122 -21.86 -11.83 22.24
C TYR C 122 -22.65 -10.72 21.71
N CYS C 123 -23.90 -10.95 21.30
CA CYS C 123 -24.63 -9.96 20.54
C CYS C 123 -25.05 -8.78 21.36
N THR C 124 -25.33 -7.67 20.68
CA THR C 124 -25.82 -6.47 21.33
C THR C 124 -27.06 -6.75 22.25
N PRO C 125 -27.13 -6.19 23.49
CA PRO C 125 -28.41 -6.31 24.20
C PRO C 125 -29.56 -5.46 23.65
N ARG C 126 -30.79 -5.97 23.90
CA ARG C 126 -32.05 -5.18 23.77
C ARG C 126 -31.91 -3.89 24.52
N TYR C 127 -32.20 -2.79 23.86
CA TYR C 127 -32.29 -1.53 24.54
C TYR C 127 -33.10 -0.55 23.67
N SER C 128 -33.52 0.63 24.17
CA SER C 128 -34.16 1.67 23.24
C SER C 128 -33.43 3.00 22.89
N GLU C 129 -32.94 3.73 23.89
CA GLU C 129 -32.10 4.99 23.69
C GLU C 129 -30.59 4.72 23.66
N PHE C 130 -29.79 5.60 23.10
CA PHE C 130 -28.39 5.37 23.13
C PHE C 130 -27.92 5.33 24.58
N GLU C 131 -28.47 6.19 25.39
CA GLU C 131 -27.96 6.32 26.72
C GLU C 131 -28.16 5.08 27.61
N GLU C 132 -29.17 4.28 27.31
CA GLU C 132 -29.32 2.95 27.89
C GLU C 132 -28.20 1.98 27.51
N LEU C 133 -27.80 1.96 26.25
CA LEU C 133 -26.71 1.05 25.86
C LEU C 133 -25.34 1.54 26.42
N GLU C 134 -25.11 2.86 26.53
CA GLU C 134 -23.93 3.45 27.17
C GLU C 134 -23.90 2.98 28.65
N ARG C 135 -25.03 3.08 29.35
CA ARG C 135 -25.14 2.50 30.68
C ARG C 135 -24.77 1.01 30.76
N LYS C 136 -25.28 0.24 29.82
CA LYS C 136 -24.97 -1.20 29.73
C LYS C 136 -23.46 -1.51 29.49
N TYR C 137 -22.83 -0.64 28.70
CA TYR C 137 -21.44 -0.82 28.35
C TYR C 137 -20.61 -0.58 29.64
N TRP C 138 -20.83 0.59 30.25
CA TRP C 138 -20.10 0.96 31.54
C TRP C 138 -20.39 0.05 32.70
N LYS C 139 -21.55 -0.52 32.73
CA LYS C 139 -21.80 -1.51 33.74
C LYS C 139 -21.21 -2.91 33.42
N ASN C 140 -21.04 -3.33 32.13
CA ASN C 140 -20.85 -4.77 31.84
C ASN C 140 -19.51 -5.03 31.18
N LEU C 141 -18.73 -3.96 31.02
CA LEU C 141 -17.52 -4.13 30.17
C LEU C 141 -16.50 -5.14 30.64
N THR C 142 -16.50 -5.43 31.95
CA THR C 142 -15.54 -6.37 32.53
C THR C 142 -16.07 -7.81 32.51
N PHE C 143 -17.32 -8.00 32.04
CA PHE C 143 -17.91 -9.41 32.02
C PHE C 143 -17.88 -9.90 30.60
N ASN C 144 -17.83 -11.22 30.42
CA ASN C 144 -17.96 -11.86 29.05
C ASN C 144 -17.04 -11.22 27.97
N PRO C 145 -15.69 -11.29 28.16
CA PRO C 145 -14.74 -10.54 27.37
C PRO C 145 -14.98 -10.66 25.84
N PRO C 146 -15.15 -9.54 25.13
CA PRO C 146 -15.50 -9.78 23.69
C PRO C 146 -14.24 -10.00 22.83
N ILE C 147 -14.37 -10.31 21.55
CA ILE C 147 -13.22 -10.40 20.62
C ILE C 147 -13.25 -9.20 19.59
N TYR C 148 -12.12 -8.49 19.47
CA TYR C 148 -12.03 -7.32 18.60
C TYR C 148 -11.09 -7.73 17.42
N GLY C 149 -11.57 -7.59 16.16
CA GLY C 149 -10.72 -8.00 15.00
C GLY C 149 -10.02 -6.70 14.60
N ALA C 150 -9.11 -6.23 15.51
CA ALA C 150 -8.45 -4.94 15.45
C ALA C 150 -7.13 -4.88 14.63
N ASP C 151 -6.89 -3.76 13.93
CA ASP C 151 -5.54 -3.50 13.35
C ASP C 151 -5.20 -4.49 12.33
N VAL C 152 -6.16 -4.77 11.42
CA VAL C 152 -5.94 -5.74 10.34
C VAL C 152 -5.42 -4.84 9.19
N ASN C 153 -4.19 -5.09 8.70
CA ASN C 153 -3.72 -4.41 7.47
C ASN C 153 -4.68 -4.71 6.28
N GLY C 154 -5.27 -3.67 5.75
CA GLY C 154 -5.86 -3.79 4.40
C GLY C 154 -6.95 -2.75 4.28
N THR C 155 -7.66 -2.80 3.16
CA THR C 155 -8.62 -1.72 2.89
C THR C 155 -9.82 -2.37 2.37
N LEU C 156 -11.00 -1.71 2.50
CA LEU C 156 -12.21 -2.12 1.72
C LEU C 156 -12.54 -1.24 0.53
N TYR C 157 -11.75 -0.18 0.32
CA TYR C 157 -11.97 0.72 -0.84
C TYR C 157 -11.74 -0.02 -2.14
N GLU C 158 -12.57 0.21 -3.13
CA GLU C 158 -12.14 -0.14 -4.45
C GLU C 158 -11.03 0.75 -5.00
N LYS C 159 -10.26 0.14 -5.89
CA LYS C 159 -8.96 0.69 -6.28
C LYS C 159 -9.06 2.00 -7.06
N HIS C 160 -10.21 2.28 -7.66
CA HIS C 160 -10.35 3.47 -8.52
C HIS C 160 -11.00 4.67 -7.77
N VAL C 161 -11.32 4.50 -6.47
CA VAL C 161 -11.99 5.55 -5.63
C VAL C 161 -10.98 6.62 -5.30
N ASP C 162 -11.20 7.82 -5.79
CA ASP C 162 -10.20 8.85 -5.64
C ASP C 162 -10.37 9.79 -4.48
N GLU C 163 -11.56 9.75 -3.90
CA GLU C 163 -11.95 10.70 -2.87
C GLU C 163 -11.68 10.09 -1.48
N TRP C 164 -10.94 10.76 -0.59
CA TRP C 164 -10.90 10.25 0.83
C TRP C 164 -10.49 8.74 0.87
N ASN C 165 -9.61 8.34 -0.04
CA ASN C 165 -9.12 6.96 -0.07
C ASN C 165 -8.07 6.76 1.00
N ILE C 166 -8.51 6.17 2.11
CA ILE C 166 -7.73 6.00 3.36
C ILE C 166 -6.41 5.30 3.05
N GLY C 167 -6.36 4.44 2.00
CA GLY C 167 -5.11 3.77 1.73
C GLY C 167 -4.10 4.64 1.04
N ARG C 168 -4.47 5.85 0.58
CA ARG C 168 -3.51 6.67 -0.13
C ARG C 168 -4.00 8.18 -0.07
N LEU C 169 -4.01 8.78 1.13
CA LEU C 169 -4.47 10.12 1.18
C LEU C 169 -3.44 11.15 0.67
N ARG C 170 -2.17 10.75 0.60
CA ARG C 170 -1.10 11.57 0.00
C ARG C 170 -0.98 12.98 0.67
N THR C 171 -1.10 13.06 2.04
CA THR C 171 -0.69 14.22 2.80
C THR C 171 0.85 14.20 3.01
N ILE C 172 1.37 15.27 3.60
CA ILE C 172 2.79 15.37 3.87
C ILE C 172 3.27 14.33 4.77
N LEU C 173 2.37 13.58 5.47
CA LEU C 173 2.80 12.38 6.21
C LEU C 173 3.62 11.52 5.36
N ASP C 174 3.37 11.54 4.05
CA ASP C 174 4.13 10.65 3.16
C ASP C 174 5.62 10.86 3.08
N LEU C 175 6.07 12.06 3.50
CA LEU C 175 7.48 12.35 3.52
C LEU C 175 8.26 11.44 4.45
N VAL C 176 7.58 10.72 5.36
CA VAL C 176 8.27 9.71 6.18
C VAL C 176 8.91 8.65 5.26
N GLU C 177 8.15 8.22 4.24
CA GLU C 177 8.55 7.11 3.36
C GLU C 177 9.72 7.42 2.44
N GLY C 186 -0.49 0.75 10.24
CA GLY C 186 -1.62 1.66 10.67
C GLY C 186 -1.34 3.19 10.69
N VAL C 187 -0.02 3.49 10.48
CA VAL C 187 0.62 4.87 10.45
C VAL C 187 0.30 5.58 9.19
N ASN C 188 0.93 5.36 8.01
CA ASN C 188 0.21 5.86 6.83
C ASN C 188 -0.45 4.86 5.83
N THR C 189 -0.62 3.63 6.25
CA THR C 189 -1.26 2.69 5.33
C THR C 189 -2.53 2.28 6.05
N PRO C 190 -3.43 1.58 5.34
CA PRO C 190 -4.80 1.44 5.88
C PRO C 190 -4.94 0.28 6.93
N TYR C 191 -5.76 0.49 7.97
CA TYR C 191 -6.12 -0.56 8.96
C TYR C 191 -7.64 -0.81 9.04
N LEU C 192 -8.07 -2.06 9.14
CA LEU C 192 -9.49 -2.40 9.35
C LEU C 192 -9.67 -2.93 10.76
N TYR C 193 -10.85 -2.72 11.27
CA TYR C 193 -11.24 -3.01 12.64
C TYR C 193 -12.71 -3.62 12.57
N PHE C 194 -12.84 -4.89 12.91
CA PHE C 194 -14.10 -5.56 12.89
C PHE C 194 -14.52 -5.65 14.35
N GLY C 195 -15.63 -4.97 14.71
CA GLY C 195 -16.06 -4.80 16.08
C GLY C 195 -17.15 -5.82 16.36
N MET C 196 -17.37 -6.16 17.65
CA MET C 196 -18.65 -6.72 18.07
C MET C 196 -19.04 -5.90 19.29
N TRP C 197 -20.24 -6.20 19.85
CA TRP C 197 -20.77 -5.44 20.96
C TRP C 197 -19.71 -5.41 22.07
N LYS C 198 -19.47 -4.17 22.58
CA LYS C 198 -18.71 -3.96 23.85
C LYS C 198 -17.19 -4.11 23.65
N THR C 199 -16.71 -4.20 22.40
CA THR C 199 -15.25 -4.11 22.14
C THR C 199 -14.94 -2.61 22.18
N SER C 200 -13.76 -2.28 22.66
CA SER C 200 -13.54 -0.85 22.97
C SER C 200 -12.12 -0.30 22.65
N PHE C 201 -11.97 1.00 22.59
CA PHE C 201 -10.62 1.56 22.48
C PHE C 201 -10.43 2.56 23.59
N ALA C 202 -9.22 2.50 24.19
CA ALA C 202 -8.93 3.21 25.43
C ALA C 202 -8.63 4.65 25.07
N TRP C 203 -8.59 5.49 26.09
CA TRP C 203 -8.13 6.83 25.99
C TRP C 203 -6.72 6.96 25.35
N HIS C 204 -6.66 7.62 24.19
CA HIS C 204 -5.29 7.95 23.66
C HIS C 204 -5.29 9.11 22.64
N THR C 205 -4.13 9.68 22.30
CA THR C 205 -4.04 10.51 21.10
C THR C 205 -3.33 9.59 20.09
N GLU C 206 -3.11 10.05 18.86
CA GLU C 206 -2.50 9.17 17.87
C GLU C 206 -0.95 9.18 18.12
N ASP C 207 -0.31 8.17 17.55
CA ASP C 207 1.16 8.15 17.53
C ASP C 207 1.65 9.53 16.99
N MET C 208 2.64 10.07 17.70
CA MET C 208 3.33 11.30 17.36
C MET C 208 2.28 12.44 17.36
N ASP C 209 1.13 12.21 18.01
CA ASP C 209 0.02 13.18 18.06
C ASP C 209 -0.46 13.57 16.64
N LEU C 210 -0.48 12.58 15.71
CA LEU C 210 -0.93 12.78 14.36
C LEU C 210 -2.47 12.99 14.32
N TYR C 211 -2.95 13.32 13.14
CA TYR C 211 -4.40 13.19 12.90
C TYR C 211 -4.76 11.72 12.58
N SER C 212 -6.06 11.35 12.73
CA SER C 212 -6.48 10.12 12.16
C SER C 212 -7.79 10.31 11.37
N ILE C 213 -8.08 9.37 10.49
CA ILE C 213 -9.39 9.39 9.83
C ILE C 213 -9.97 7.99 10.07
N ASN C 214 -11.30 7.87 10.29
CA ASN C 214 -11.95 6.62 10.62
C ASN C 214 -13.27 6.60 9.83
N TYR C 215 -13.37 5.62 8.94
CA TYR C 215 -14.62 5.43 8.18
C TYR C 215 -15.31 4.16 8.54
N LEU C 216 -16.58 4.26 8.83
CA LEU C 216 -17.32 3.13 9.28
C LEU C 216 -17.98 2.54 8.04
N HIS C 217 -17.44 1.40 7.57
CA HIS C 217 -17.88 0.80 6.27
C HIS C 217 -19.31 0.33 6.41
N PHE C 218 -19.69 -0.33 7.51
CA PHE C 218 -20.99 -1.00 7.56
C PHE C 218 -21.19 -1.42 9.01
N GLY C 219 -22.43 -1.75 9.33
CA GLY C 219 -22.82 -2.39 10.56
C GLY C 219 -23.29 -1.44 11.63
N GLU C 220 -23.24 -1.92 12.86
CA GLU C 220 -23.70 -1.19 14.06
C GLU C 220 -22.84 0.00 14.39
N PRO C 221 -23.40 0.98 15.13
CA PRO C 221 -22.54 2.21 15.37
C PRO C 221 -21.27 1.99 16.23
N LYS C 222 -20.41 3.01 16.20
CA LYS C 222 -19.26 3.16 17.11
C LYS C 222 -19.45 4.48 17.87
N SER C 223 -19.46 4.45 19.23
CA SER C 223 -19.63 5.65 20.03
C SER C 223 -18.23 6.08 20.57
N TRP C 224 -18.06 7.40 20.60
CA TRP C 224 -16.74 8.05 20.82
C TRP C 224 -16.90 9.02 21.93
N TYR C 225 -15.86 9.17 22.70
CA TYR C 225 -15.70 10.29 23.63
C TYR C 225 -14.43 11.03 23.21
N SER C 226 -14.39 12.36 23.43
CA SER C 226 -13.15 13.17 23.19
C SER C 226 -12.96 14.23 24.28
N VAL C 227 -11.71 14.66 24.49
CA VAL C 227 -11.40 15.81 25.28
C VAL C 227 -10.73 16.85 24.33
N PRO C 228 -11.15 18.12 24.39
CA PRO C 228 -10.51 19.17 23.59
C PRO C 228 -8.95 19.18 23.71
N PRO C 229 -8.21 19.29 22.60
CA PRO C 229 -6.77 19.32 22.83
C PRO C 229 -6.34 20.45 23.84
N GLU C 230 -7.01 21.61 23.91
CA GLU C 230 -6.59 22.64 24.86
C GLU C 230 -6.81 22.21 26.33
N HIS C 231 -7.53 21.08 26.55
CA HIS C 231 -7.69 20.50 27.88
C HIS C 231 -7.05 19.12 28.12
N GLY C 232 -6.30 18.66 27.15
CA GLY C 232 -5.72 17.30 27.21
C GLY C 232 -4.84 17.02 28.43
N LYS C 233 -4.12 18.07 28.88
CA LYS C 233 -3.20 18.02 29.99
C LYS C 233 -3.89 17.63 31.28
N ARG C 234 -5.10 18.16 31.44
CA ARG C 234 -6.03 17.83 32.53
C ARG C 234 -6.46 16.38 32.50
N LEU C 235 -6.76 15.81 31.31
CA LEU C 235 -7.01 14.34 31.32
C LEU C 235 -5.75 13.62 31.82
N GLU C 236 -4.58 14.02 31.27
CA GLU C 236 -3.30 13.34 31.66
C GLU C 236 -3.10 13.50 33.12
N ARG C 237 -3.38 14.70 33.62
CA ARG C 237 -3.24 14.82 35.09
C ARG C 237 -4.10 13.91 35.88
N LEU C 238 -5.40 13.84 35.53
CA LEU C 238 -6.28 12.94 36.20
C LEU C 238 -5.82 11.48 36.08
N ALA C 239 -5.47 11.07 34.90
CA ALA C 239 -5.05 9.64 34.72
C ALA C 239 -3.83 9.28 35.59
N LYS C 240 -2.85 10.18 35.65
CA LYS C 240 -1.63 10.00 36.52
C LYS C 240 -1.93 9.87 38.03
N GLY C 241 -2.88 10.66 38.54
CA GLY C 241 -3.30 10.56 39.95
C GLY C 241 -3.92 9.21 40.14
N PHE C 242 -4.74 8.74 39.18
CA PHE C 242 -5.35 7.37 39.34
C PHE C 242 -4.44 6.15 39.09
N PHE C 243 -3.36 6.32 38.29
CA PHE C 243 -2.44 5.18 38.08
C PHE C 243 -1.00 5.54 38.37
N PRO C 244 -0.70 5.88 39.64
CA PRO C 244 0.56 6.50 39.95
C PRO C 244 1.71 5.53 39.65
N GLY C 245 1.46 4.21 39.68
CA GLY C 245 2.55 3.18 39.38
C GLY C 245 2.82 3.15 37.89
N SER C 246 1.74 3.15 37.09
CA SER C 246 1.87 3.26 35.65
C SER C 246 2.62 4.54 35.18
N ALA C 247 2.34 5.65 35.83
CA ALA C 247 2.91 6.95 35.48
C ALA C 247 4.39 6.98 35.84
N GLN C 248 4.75 6.32 36.93
CA GLN C 248 6.14 6.29 37.31
C GLN C 248 6.89 5.41 36.34
N SER C 249 6.29 4.33 35.82
CA SER C 249 7.00 3.47 34.88
C SER C 249 7.27 4.10 33.53
N CYS C 250 6.35 4.95 33.07
CA CYS C 250 6.36 5.48 31.68
C CYS C 250 5.88 6.97 31.65
N GLU C 251 6.55 7.80 30.85
CA GLU C 251 6.14 9.20 30.66
C GLU C 251 4.76 9.38 29.92
N ALA C 252 4.45 8.44 29.03
CA ALA C 252 3.26 8.55 28.23
C ALA C 252 2.51 7.24 28.32
N PHE C 253 2.18 6.81 29.54
CA PHE C 253 1.57 5.49 29.69
C PHE C 253 0.21 5.35 28.99
N LEU C 254 -0.48 6.48 28.75
CA LEU C 254 -1.75 6.40 27.99
C LEU C 254 -1.54 5.79 26.57
N ARG C 255 -0.36 6.03 25.99
CA ARG C 255 -0.03 5.41 24.66
C ARG C 255 -0.04 3.91 24.66
N HIS C 256 -0.01 3.25 25.82
CA HIS C 256 -0.18 1.80 25.88
C HIS C 256 -1.61 1.46 25.55
N LYS C 257 -2.47 2.45 25.48
CA LYS C 257 -3.87 2.14 25.02
C LYS C 257 -4.58 1.06 25.83
N MET C 258 -4.42 1.11 27.16
CA MET C 258 -5.09 0.21 28.10
C MET C 258 -6.02 0.94 29.12
N THR C 259 -5.99 2.30 29.14
CA THR C 259 -6.68 3.07 30.20
C THR C 259 -8.07 3.46 29.81
N LEU C 260 -9.06 2.90 30.51
CA LEU C 260 -10.47 3.28 30.26
C LEU C 260 -11.02 4.11 31.41
N ILE C 261 -11.68 5.23 31.07
CA ILE C 261 -12.14 6.15 32.09
C ILE C 261 -13.56 6.61 31.69
N SER C 262 -14.60 6.35 32.53
CA SER C 262 -15.95 6.58 31.97
C SER C 262 -16.25 8.08 31.91
N PRO C 263 -17.31 8.47 31.17
CA PRO C 263 -17.75 9.87 31.12
C PRO C 263 -18.16 10.33 32.52
N LEU C 264 -18.72 9.44 33.34
CA LEU C 264 -19.22 9.86 34.66
C LEU C 264 -18.04 10.25 35.57
N MET C 265 -16.93 9.50 35.50
CA MET C 265 -15.67 9.90 36.17
C MET C 265 -15.13 11.22 35.69
N LEU C 266 -15.10 11.42 34.37
CA LEU C 266 -14.66 12.75 33.81
C LEU C 266 -15.53 13.96 34.35
N LYS C 267 -16.85 13.71 34.42
CA LYS C 267 -17.79 14.69 34.83
C LYS C 267 -17.51 14.98 36.27
N LYS C 268 -17.31 13.94 37.06
CA LYS C 268 -17.10 14.10 38.55
C LYS C 268 -15.90 15.01 38.87
N TYR C 269 -14.86 14.85 38.04
CA TYR C 269 -13.67 15.61 38.14
C TYR C 269 -13.61 16.83 37.29
N GLY C 270 -14.64 17.16 36.53
CA GLY C 270 -14.63 18.48 35.82
C GLY C 270 -13.83 18.46 34.53
N ILE C 271 -13.52 17.30 33.99
CA ILE C 271 -12.73 17.32 32.74
C ILE C 271 -13.76 17.67 31.62
N PRO C 272 -13.50 18.65 30.76
CA PRO C 272 -14.51 18.79 29.70
C PRO C 272 -14.29 17.73 28.66
N PHE C 273 -15.38 17.28 28.06
CA PHE C 273 -15.36 16.16 27.08
C PHE C 273 -16.63 16.31 26.25
N ASP C 274 -16.72 15.67 25.11
CA ASP C 274 -17.94 15.68 24.36
C ASP C 274 -18.13 14.19 23.90
N LYS C 275 -19.30 13.85 23.38
CA LYS C 275 -19.51 12.48 22.94
C LYS C 275 -20.28 12.55 21.59
N VAL C 276 -20.20 11.50 20.78
CA VAL C 276 -20.81 11.45 19.48
C VAL C 276 -20.86 10.00 19.04
N THR C 277 -21.95 9.60 18.41
CA THR C 277 -22.05 8.29 17.88
C THR C 277 -21.86 8.32 16.32
N GLN C 278 -20.92 7.50 15.80
CA GLN C 278 -20.68 7.44 14.37
C GLN C 278 -21.47 6.24 13.80
N GLU C 279 -22.19 6.49 12.71
CA GLU C 279 -23.02 5.46 12.06
C GLU C 279 -22.38 5.09 10.72
N ALA C 280 -22.84 3.98 10.15
CA ALA C 280 -22.30 3.41 8.95
C ALA C 280 -22.30 4.48 7.88
N GLY C 281 -21.28 4.54 7.05
CA GLY C 281 -21.24 5.49 5.93
C GLY C 281 -20.68 6.80 6.44
N GLU C 282 -20.34 6.97 7.73
CA GLU C 282 -19.75 8.31 8.15
C GLU C 282 -18.24 8.31 8.50
N PHE C 283 -17.53 9.43 8.25
CA PHE C 283 -16.18 9.65 8.73
C PHE C 283 -16.08 10.34 10.11
N MET C 284 -15.18 9.84 10.93
CA MET C 284 -14.71 10.65 12.07
C MET C 284 -13.23 11.11 11.79
N ILE C 285 -12.92 12.38 12.09
CA ILE C 285 -11.53 12.87 12.05
C ILE C 285 -10.99 13.11 13.42
N THR C 286 -9.80 12.56 13.79
CA THR C 286 -9.28 13.05 15.10
C THR C 286 -8.13 13.99 14.82
N PHE C 287 -7.89 14.95 15.71
CA PHE C 287 -6.95 16.01 15.47
C PHE C 287 -5.77 15.90 16.35
N PRO C 288 -4.70 16.63 16.03
CA PRO C 288 -3.51 16.33 16.85
C PRO C 288 -3.71 16.61 18.34
N TYR C 289 -3.19 15.72 19.22
CA TYR C 289 -3.37 15.90 20.64
C TYR C 289 -4.88 15.86 21.06
N GLY C 290 -5.73 15.25 20.22
CA GLY C 290 -7.22 15.01 20.55
C GLY C 290 -7.28 13.68 21.35
N TYR C 291 -7.39 13.69 22.67
CA TYR C 291 -7.69 12.37 23.38
C TYR C 291 -9.11 11.85 22.99
N HIS C 292 -9.18 10.56 22.70
CA HIS C 292 -10.53 9.91 22.39
C HIS C 292 -10.49 8.48 22.96
N ALA C 293 -11.67 7.87 23.06
CA ALA C 293 -11.98 6.53 23.52
C ALA C 293 -13.34 6.21 23.08
N GLY C 294 -13.72 4.90 23.00
CA GLY C 294 -15.09 4.63 22.71
C GLY C 294 -15.33 3.12 22.60
N PHE C 295 -16.47 2.76 21.98
CA PHE C 295 -16.91 1.36 21.95
C PHE C 295 -17.84 1.11 20.79
N ASN C 296 -17.92 -0.17 20.42
CA ASN C 296 -18.72 -0.60 19.34
C ASN C 296 -20.05 -1.12 19.82
N HIS C 297 -21.08 -0.79 19.06
CA HIS C 297 -22.50 -1.23 19.48
C HIS C 297 -22.77 -2.67 19.19
N GLY C 298 -22.12 -3.26 18.17
CA GLY C 298 -22.46 -4.58 17.66
C GLY C 298 -21.50 -4.81 16.49
N PHE C 299 -21.77 -5.83 15.67
CA PHE C 299 -20.94 -6.18 14.48
C PHE C 299 -20.72 -5.04 13.55
N ASN C 300 -19.44 -4.70 13.25
CA ASN C 300 -19.20 -3.58 12.28
C ASN C 300 -17.82 -3.61 11.71
N CYS C 301 -17.51 -2.78 10.71
CA CYS C 301 -16.14 -2.71 10.23
C CYS C 301 -15.78 -1.24 9.96
N ALA C 302 -14.66 -0.76 10.56
CA ALA C 302 -14.13 0.61 10.37
C ALA C 302 -12.79 0.48 9.68
N GLU C 303 -12.47 1.48 8.83
CA GLU C 303 -11.13 1.50 8.19
C GLU C 303 -10.47 2.81 8.66
N SER C 304 -9.20 2.74 8.97
CA SER C 304 -8.57 3.86 9.61
C SER C 304 -7.13 4.08 9.10
N THR C 305 -6.61 5.29 9.25
CA THR C 305 -5.09 5.51 9.13
C THR C 305 -4.71 6.82 9.75
N ASN C 306 -3.40 7.16 9.83
CA ASN C 306 -3.02 8.50 10.29
C ASN C 306 -2.71 9.43 9.13
N PHE C 307 -2.78 10.72 9.33
CA PHE C 307 -2.37 11.66 8.26
C PHE C 307 -1.90 12.95 8.92
N ALA C 308 -1.37 13.87 8.10
CA ALA C 308 -0.88 15.13 8.64
C ALA C 308 -1.29 16.35 7.76
N THR C 309 -1.16 17.54 8.33
CA THR C 309 -1.21 18.81 7.66
C THR C 309 -0.01 19.57 8.19
N ARG C 310 0.31 20.73 7.61
CA ARG C 310 1.48 21.45 8.17
C ARG C 310 1.41 21.79 9.70
N ARG C 311 0.17 21.96 10.22
CA ARG C 311 0.00 22.34 11.67
C ARG C 311 0.51 21.20 12.54
N TRP C 312 0.41 19.97 12.02
CA TRP C 312 0.85 18.88 12.85
C TRP C 312 2.34 18.91 13.18
N ILE C 313 3.12 19.51 12.29
CA ILE C 313 4.60 19.43 12.50
C ILE C 313 5.05 19.88 13.91
N GLU C 314 4.57 21.01 14.38
CA GLU C 314 4.92 21.39 15.68
C GLU C 314 4.50 20.38 16.74
N TYR C 315 3.30 19.78 16.59
CA TYR C 315 2.84 18.73 17.54
C TYR C 315 3.76 17.51 17.45
N GLY C 316 4.17 17.11 16.23
CA GLY C 316 5.11 16.03 16.04
C GLY C 316 6.46 16.32 16.80
N LYS C 317 6.95 17.55 16.72
CA LYS C 317 8.21 17.96 17.45
C LYS C 317 8.02 17.90 18.97
N GLN C 318 6.81 18.12 19.49
CA GLN C 318 6.64 18.22 20.97
C GLN C 318 5.93 17.02 21.60
N ALA C 319 5.53 16.02 20.80
CA ALA C 319 4.87 14.81 21.33
C ALA C 319 5.68 14.11 22.44
N VAL C 320 5.08 13.82 23.57
CA VAL C 320 5.73 13.01 24.64
C VAL C 320 5.52 11.52 24.30
N LEU C 321 6.59 10.76 24.12
CA LEU C 321 6.54 9.43 23.57
C LEU C 321 6.65 8.41 24.70
N CYS C 322 6.28 7.17 24.44
CA CYS C 322 6.35 6.15 25.43
C CYS C 322 7.83 5.82 25.60
N SER C 323 8.29 5.84 26.88
CA SER C 323 9.66 5.65 27.23
C SER C 323 9.98 4.31 27.88
N CYS C 324 9.18 3.25 27.62
CA CYS C 324 9.38 2.00 28.38
C CYS C 324 9.41 0.74 27.54
N ARG C 325 9.10 0.85 26.25
CA ARG C 325 9.13 -0.33 25.38
C ARG C 325 10.03 0.02 24.22
N LYS C 326 10.55 -1.02 23.57
CA LYS C 326 11.31 -0.96 22.30
C LYS C 326 10.36 -0.87 21.05
N ASP C 327 9.16 -1.46 21.14
CA ASP C 327 8.13 -1.35 20.07
C ASP C 327 7.60 0.08 19.65
N MET C 328 7.30 0.95 20.62
CA MET C 328 6.54 2.20 20.42
C MET C 328 6.89 2.94 19.14
N VAL C 329 5.90 3.58 18.51
CA VAL C 329 6.11 4.27 17.21
C VAL C 329 6.81 5.63 17.35
N LYS C 330 7.87 5.86 16.56
CA LYS C 330 8.59 7.13 16.66
C LYS C 330 8.97 7.60 15.29
N ILE C 331 8.63 8.86 14.99
CA ILE C 331 8.86 9.29 13.63
C ILE C 331 9.93 10.28 13.74
N SER C 332 10.94 10.14 12.91
CA SER C 332 11.97 11.16 12.96
C SER C 332 11.36 12.47 12.37
N MET C 333 11.37 13.57 13.13
CA MET C 333 10.85 14.84 12.62
C MET C 333 11.75 15.67 11.67
N ASP C 334 13.01 15.24 11.61
CA ASP C 334 14.10 16.02 11.01
C ASP C 334 13.73 16.48 9.58
N VAL C 335 13.29 15.52 8.77
CA VAL C 335 12.82 15.71 7.41
C VAL C 335 11.73 16.79 7.36
N PHE C 336 10.88 16.88 8.41
CA PHE C 336 9.82 17.86 8.39
C PHE C 336 10.38 19.25 8.74
N VAL C 337 11.30 19.30 9.69
CA VAL C 337 11.80 20.60 10.17
C VAL C 337 12.64 21.20 8.96
N ARG C 338 13.54 20.37 8.38
CA ARG C 338 14.37 20.74 7.19
C ARG C 338 13.45 21.38 6.13
N LYS C 339 12.37 20.68 5.77
CA LYS C 339 11.51 21.11 4.70
C LYS C 339 10.68 22.34 4.95
N PHE C 340 10.01 22.39 6.12
CA PHE C 340 9.01 23.41 6.32
C PHE C 340 9.46 24.44 7.27
N GLN C 341 10.52 24.19 8.03
CA GLN C 341 11.01 25.15 8.96
C GLN C 341 12.50 25.28 8.78
N PRO C 342 13.02 25.47 7.53
CA PRO C 342 14.53 25.47 7.36
C PRO C 342 15.29 26.46 8.25
N GLU C 343 14.66 27.53 8.67
CA GLU C 343 15.37 28.56 9.43
C GLU C 343 15.37 28.24 10.90
N ARG C 344 14.64 27.19 11.32
CA ARG C 344 14.57 26.82 12.74
C ARG C 344 15.34 25.56 13.03
N TYR C 345 15.88 25.00 11.95
CA TYR C 345 16.52 23.71 11.97
C TYR C 345 17.65 23.64 12.96
N LYS C 346 18.56 24.65 12.85
CA LYS C 346 19.76 24.76 13.67
C LYS C 346 19.34 24.88 15.14
N LEU C 347 18.53 25.92 15.43
CA LEU C 347 17.83 26.06 16.68
C LEU C 347 17.23 24.76 17.26
N TRP C 348 16.33 24.14 16.50
CA TRP C 348 15.62 22.95 16.91
C TRP C 348 16.57 21.79 17.21
N LYS C 349 17.51 21.55 16.30
CA LYS C 349 18.61 20.61 16.57
C LYS C 349 19.41 20.89 17.88
N ALA C 350 19.61 22.17 18.20
CA ALA C 350 20.24 22.67 19.42
C ALA C 350 19.29 22.70 20.64
N GLY C 351 18.06 22.18 20.49
CA GLY C 351 17.05 22.04 21.54
C GLY C 351 16.57 23.37 22.13
N LYS C 352 16.77 24.46 21.40
CA LYS C 352 16.31 25.72 21.85
C LYS C 352 15.09 26.24 21.10
N ASP C 353 14.31 25.38 20.46
CA ASP C 353 13.07 25.82 19.83
C ASP C 353 11.98 25.81 20.88
N ASN C 354 11.61 27.03 21.25
CA ASN C 354 10.73 27.34 22.37
C ASN C 354 9.24 27.54 21.99
N THR C 355 8.82 27.09 20.80
CA THR C 355 7.49 27.38 20.30
C THR C 355 6.44 26.84 21.30
N VAL C 356 5.46 27.64 21.64
CA VAL C 356 4.38 27.13 22.44
C VAL C 356 3.22 26.94 21.47
N ILE C 357 2.68 25.72 21.43
CA ILE C 357 1.46 25.46 20.64
C ILE C 357 0.19 26.13 21.27
N ASP C 358 -0.53 26.86 20.45
CA ASP C 358 -1.88 27.31 20.63
C ASP C 358 -2.84 26.36 19.87
N HIS C 359 -3.45 25.44 20.62
CA HIS C 359 -4.45 24.48 20.04
C HIS C 359 -5.62 25.12 19.35
N THR C 360 -5.79 26.48 19.44
CA THR C 360 -7.01 27.06 18.85
C THR C 360 -6.72 27.45 17.41
N LEU C 361 -5.47 27.47 17.03
CA LEU C 361 -5.08 27.98 15.68
C LEU C 361 -5.35 26.97 14.56
N PRO C 362 -5.91 27.42 13.44
CA PRO C 362 -6.14 26.51 12.29
C PRO C 362 -4.84 26.26 11.51
N THR C 363 -4.76 25.17 10.78
CA THR C 363 -3.54 24.88 10.01
C THR C 363 -3.34 26.01 8.92
N PRO C 364 -2.10 26.49 8.68
CA PRO C 364 -1.85 27.56 7.69
C PRO C 364 -2.62 27.36 6.38
N GLU C 365 -2.82 26.10 5.97
CA GLU C 365 -3.53 25.78 4.75
C GLU C 365 -4.93 26.37 4.81
N ALA C 366 -5.42 26.75 6.01
CA ALA C 366 -6.79 27.24 6.17
C ALA C 366 -7.00 28.68 5.64
N ALA C 367 -5.93 29.35 5.17
CA ALA C 367 -6.01 30.84 4.90
C ALA C 367 -7.17 31.29 3.98
N GLU C 368 -7.41 30.58 2.88
CA GLU C 368 -8.48 31.00 1.91
C GLU C 368 -9.94 30.89 2.40
N PHE C 369 -10.15 30.57 3.69
CA PHE C 369 -11.52 30.52 4.27
C PHE C 369 -11.83 31.57 5.41
N ASN D 25 -45.18 0.29 0.59
CA ASN D 25 -44.48 1.60 0.63
C ASN D 25 -43.00 1.60 1.15
N PRO D 26 -42.12 0.70 0.59
CA PRO D 26 -40.72 0.55 1.10
C PRO D 26 -39.86 1.83 0.92
N SER D 27 -40.36 2.75 0.09
CA SER D 27 -39.68 3.99 -0.04
C SER D 27 -40.51 5.10 0.62
N ALA D 28 -41.53 4.77 1.44
CA ALA D 28 -42.23 5.81 2.21
C ALA D 28 -42.57 7.05 1.31
N ARG D 29 -42.95 6.78 0.06
CA ARG D 29 -43.38 7.88 -0.83
C ARG D 29 -44.84 8.16 -0.60
N ILE D 30 -45.22 9.41 -0.82
CA ILE D 30 -46.65 9.78 -0.73
C ILE D 30 -47.55 9.02 -1.71
N MET D 31 -48.54 8.33 -1.22
CA MET D 31 -49.56 7.65 -2.06
C MET D 31 -50.82 8.46 -2.29
N THR D 32 -51.49 8.19 -3.42
CA THR D 32 -52.76 8.84 -3.76
C THR D 32 -53.78 7.71 -3.90
N PHE D 33 -54.98 7.97 -3.38
CA PHE D 33 -56.14 7.00 -3.40
C PHE D 33 -57.32 7.54 -4.15
N TYR D 34 -58.02 6.68 -4.94
CA TYR D 34 -59.28 7.04 -5.60
C TYR D 34 -60.48 6.22 -5.16
N PRO D 35 -60.99 6.43 -3.92
CA PRO D 35 -62.13 5.54 -3.53
C PRO D 35 -63.33 5.63 -4.42
N THR D 36 -64.03 4.48 -4.56
CA THR D 36 -65.44 4.50 -5.03
C THR D 36 -66.37 5.21 -4.05
N MET D 37 -67.50 5.67 -4.54
CA MET D 37 -68.45 6.25 -3.62
C MET D 37 -68.84 5.21 -2.52
N GLU D 38 -68.90 3.94 -2.89
CA GLU D 38 -69.06 2.90 -1.88
C GLU D 38 -67.92 2.82 -0.85
N GLU D 39 -66.68 2.84 -1.32
CA GLU D 39 -65.58 2.88 -0.38
C GLU D 39 -65.51 4.16 0.43
N PHE D 40 -66.00 5.24 -0.15
CA PHE D 40 -65.86 6.57 0.43
C PHE D 40 -66.74 6.83 1.65
N ARG D 41 -67.89 6.11 1.71
CA ARG D 41 -68.94 6.29 2.71
C ARG D 41 -68.49 6.11 4.14
N ASN D 42 -67.58 5.19 4.36
CA ASN D 42 -67.20 4.94 5.71
C ASN D 42 -65.76 5.54 5.92
N PHE D 43 -65.67 6.61 6.74
CA PHE D 43 -64.44 7.36 6.86
C PHE D 43 -63.33 6.53 7.44
N SER D 44 -63.60 6.06 8.65
CA SER D 44 -62.49 5.64 9.48
C SER D 44 -62.11 4.21 9.11
N ARG D 45 -63.05 3.47 8.50
CA ARG D 45 -62.62 2.21 7.77
C ARG D 45 -61.72 2.49 6.49
N TYR D 46 -62.05 3.55 5.72
CA TYR D 46 -61.14 3.93 4.59
C TYR D 46 -59.73 4.30 5.07
N ILE D 47 -59.64 4.90 6.27
CA ILE D 47 -58.32 5.23 6.85
C ILE D 47 -57.58 3.92 7.21
N ALA D 48 -58.30 2.96 7.80
CA ALA D 48 -57.76 1.64 8.12
C ALA D 48 -57.24 1.03 6.78
N TYR D 49 -58.05 1.21 5.73
CA TYR D 49 -57.71 0.66 4.40
C TYR D 49 -56.42 1.34 3.89
N ILE D 50 -56.33 2.67 3.98
CA ILE D 50 -55.10 3.24 3.41
C ILE D 50 -53.85 2.77 4.20
N GLU D 51 -53.95 2.61 5.53
CA GLU D 51 -52.79 2.19 6.29
C GLU D 51 -52.42 0.72 5.98
N SER D 52 -53.43 -0.15 5.76
CA SER D 52 -53.15 -1.56 5.28
C SER D 52 -52.34 -1.52 3.99
N GLN D 53 -52.50 -0.44 3.23
CA GLN D 53 -51.70 -0.22 2.06
C GLN D 53 -50.34 0.48 2.32
N GLY D 54 -49.87 0.59 3.56
CA GLY D 54 -48.60 1.36 3.85
C GLY D 54 -48.61 2.91 3.62
N ALA D 55 -49.80 3.56 3.48
CA ALA D 55 -49.88 5.09 3.30
C ALA D 55 -49.22 5.91 4.34
N HIS D 56 -49.40 5.47 5.62
CA HIS D 56 -48.94 6.19 6.79
C HIS D 56 -47.41 6.27 6.84
N ARG D 57 -46.72 5.41 6.11
CA ARG D 57 -45.23 5.55 6.12
C ARG D 57 -44.73 6.91 5.55
N ALA D 58 -45.44 7.49 4.59
CA ALA D 58 -44.98 8.78 3.99
C ALA D 58 -45.19 9.93 5.05
N GLY D 59 -46.12 9.72 5.99
CA GLY D 59 -46.54 10.83 6.90
C GLY D 59 -47.73 11.61 6.29
N LEU D 60 -47.94 11.48 4.96
CA LEU D 60 -48.94 12.25 4.20
C LEU D 60 -49.58 11.38 3.14
N ALA D 61 -50.88 11.49 2.89
CA ALA D 61 -51.54 10.76 1.77
C ALA D 61 -52.63 11.69 1.12
N LYS D 62 -52.79 11.55 -0.19
CA LYS D 62 -53.78 12.29 -0.90
C LYS D 62 -54.99 11.33 -1.15
N VAL D 63 -56.20 11.78 -0.92
CA VAL D 63 -57.45 11.03 -1.28
C VAL D 63 -58.28 11.85 -2.32
N VAL D 64 -58.45 11.36 -3.55
CA VAL D 64 -59.29 12.07 -4.55
C VAL D 64 -60.72 11.46 -4.32
N PRO D 65 -61.70 12.27 -3.95
CA PRO D 65 -63.02 11.67 -3.76
C PRO D 65 -63.69 11.30 -5.07
N PRO D 66 -64.69 10.38 -5.00
CA PRO D 66 -65.44 10.08 -6.24
C PRO D 66 -66.01 11.39 -6.91
N LYS D 67 -66.05 11.44 -8.24
CA LYS D 67 -66.47 12.58 -9.09
C LYS D 67 -67.81 13.15 -8.73
N GLU D 68 -68.74 12.33 -8.32
CA GLU D 68 -70.07 12.84 -8.16
C GLU D 68 -70.24 13.43 -6.77
N TRP D 69 -69.19 13.39 -5.93
CA TRP D 69 -69.35 13.83 -4.52
C TRP D 69 -69.05 15.31 -4.41
N LYS D 70 -69.81 16.03 -3.59
CA LYS D 70 -69.75 17.51 -3.52
C LYS D 70 -70.01 17.89 -2.07
N PRO D 71 -69.10 18.62 -1.38
CA PRO D 71 -69.59 18.83 0.01
C PRO D 71 -70.58 20.03 0.18
N ARG D 72 -70.72 20.77 -0.90
CA ARG D 72 -71.42 22.03 -0.88
C ARG D 72 -71.79 22.35 -2.30
N ALA D 73 -73.00 22.86 -2.53
CA ALA D 73 -73.49 22.93 -3.89
C ALA D 73 -72.84 24.03 -4.72
N SER D 74 -72.46 25.12 -3.99
CA SER D 74 -71.91 26.41 -4.47
C SER D 74 -71.03 27.21 -3.44
N TYR D 75 -70.09 28.03 -3.92
CA TYR D 75 -69.36 28.98 -3.04
C TYR D 75 -69.67 30.42 -3.34
N ASP D 76 -70.96 30.70 -3.53
CA ASP D 76 -71.46 31.97 -4.07
C ASP D 76 -71.53 33.04 -3.05
N ASP D 77 -71.83 32.67 -1.81
CA ASP D 77 -71.92 33.49 -0.58
C ASP D 77 -70.60 33.85 0.09
N ILE D 78 -69.57 33.07 -0.21
CA ILE D 78 -68.38 32.99 0.65
C ILE D 78 -67.80 34.44 0.91
N ASP D 79 -68.01 35.39 -0.06
CA ASP D 79 -67.47 36.77 0.02
C ASP D 79 -67.79 37.61 1.33
N ASP D 80 -68.96 37.39 1.89
CA ASP D 80 -69.41 38.02 3.12
C ASP D 80 -68.84 37.47 4.43
N LEU D 81 -68.30 36.24 4.40
CA LEU D 81 -67.79 35.57 5.59
C LEU D 81 -66.62 36.39 6.13
N VAL D 82 -66.56 36.55 7.45
CA VAL D 82 -65.62 37.41 8.12
C VAL D 82 -64.47 36.45 8.57
N ILE D 83 -63.26 36.93 8.39
CA ILE D 83 -62.01 36.22 8.88
C ILE D 83 -61.68 37.09 10.11
N PRO D 84 -61.97 36.61 11.34
CA PRO D 84 -61.86 37.53 12.49
C PRO D 84 -60.41 37.85 12.84
N ALA D 85 -59.46 36.96 12.48
CA ALA D 85 -58.06 37.23 12.92
C ALA D 85 -56.99 36.84 11.86
N PRO D 86 -57.03 37.45 10.63
CA PRO D 86 -56.01 37.19 9.60
C PRO D 86 -54.59 37.49 10.16
N ILE D 87 -53.59 36.81 9.60
CA ILE D 87 -52.19 36.95 10.09
C ILE D 87 -51.34 37.35 8.92
N GLN D 88 -50.47 38.33 9.08
CA GLN D 88 -49.47 38.65 8.09
C GLN D 88 -48.23 37.84 8.44
N GLN D 89 -47.60 37.27 7.43
CA GLN D 89 -46.56 36.21 7.71
C GLN D 89 -45.21 36.79 7.36
N LEU D 90 -44.65 37.44 8.37
CA LEU D 90 -43.31 38.11 8.27
C LEU D 90 -42.31 36.92 8.34
N VAL D 91 -41.39 36.81 7.37
CA VAL D 91 -40.45 35.75 7.42
C VAL D 91 -39.01 36.34 7.40
N THR D 92 -38.11 35.92 8.32
CA THR D 92 -36.72 36.33 8.26
C THR D 92 -35.81 35.03 8.14
N GLY D 93 -34.78 35.06 7.29
CA GLY D 93 -33.63 34.10 7.35
C GLY D 93 -32.94 34.10 6.02
N GLN D 94 -32.19 33.02 5.74
CA GLN D 94 -31.34 32.89 4.54
C GLN D 94 -30.88 31.45 4.49
N SER D 95 -30.26 31.11 3.35
CA SER D 95 -29.77 29.74 2.97
C SER D 95 -30.67 28.71 3.40
N GLY D 96 -31.95 28.84 3.08
CA GLY D 96 -32.89 27.75 3.34
C GLY D 96 -33.44 27.50 4.72
N LEU D 97 -33.17 28.40 5.67
CA LEU D 97 -33.67 28.31 7.03
C LEU D 97 -34.23 29.67 7.44
N PHE D 98 -35.46 29.67 7.99
CA PHE D 98 -36.18 30.88 8.15
C PHE D 98 -37.08 30.71 9.39
N THR D 99 -37.43 31.85 9.98
CA THR D 99 -38.34 31.95 11.10
C THR D 99 -39.54 32.83 10.61
N GLN D 100 -40.77 32.33 10.78
CA GLN D 100 -42.00 33.01 10.29
C GLN D 100 -42.64 33.67 11.54
N TYR D 101 -42.86 34.98 11.52
CA TYR D 101 -43.53 35.67 12.63
C TYR D 101 -44.99 36.00 12.16
N ASN D 102 -45.98 35.45 12.84
CA ASN D 102 -47.37 35.55 12.39
C ASN D 102 -48.07 36.62 13.22
N ILE D 103 -48.28 37.80 12.62
CA ILE D 103 -48.82 39.01 13.25
C ILE D 103 -50.30 39.19 12.93
N GLN D 104 -51.11 38.99 13.96
CA GLN D 104 -52.57 39.18 13.86
C GLN D 104 -52.92 40.61 13.46
N LYS D 105 -53.72 40.74 12.40
CA LYS D 105 -54.31 41.99 11.91
C LYS D 105 -55.80 42.03 12.25
N LYS D 106 -56.46 43.15 11.99
CA LYS D 106 -57.89 43.19 12.31
C LYS D 106 -58.76 42.36 11.33
N ALA D 107 -59.92 41.93 11.82
CA ALA D 107 -60.96 41.33 11.00
C ALA D 107 -61.10 41.94 9.58
N MET D 108 -61.36 41.05 8.62
CA MET D 108 -61.63 41.40 7.24
C MET D 108 -62.61 40.35 6.68
N THR D 109 -63.40 40.75 5.66
CA THR D 109 -64.29 39.79 4.99
C THR D 109 -63.46 39.08 3.94
N VAL D 110 -63.95 37.95 3.50
CA VAL D 110 -63.35 37.16 2.40
C VAL D 110 -63.27 38.02 1.13
N ARG D 111 -64.28 38.91 0.94
CA ARG D 111 -64.21 39.91 -0.11
C ARG D 111 -62.95 40.79 -0.07
N GLU D 112 -62.67 41.49 1.04
CA GLU D 112 -61.47 42.34 1.21
C GLU D 112 -60.19 41.46 1.04
N PHE D 113 -60.29 40.19 1.52
CA PHE D 113 -59.11 39.27 1.41
C PHE D 113 -58.78 38.90 -0.04
N ARG D 114 -59.83 38.52 -0.74
CA ARG D 114 -59.73 38.12 -2.16
C ARG D 114 -59.14 39.23 -3.09
N LYS D 115 -59.60 40.46 -2.88
CA LYS D 115 -59.04 41.63 -3.59
C LYS D 115 -57.52 41.74 -3.27
N ILE D 116 -57.11 41.58 -2.01
CA ILE D 116 -55.68 41.80 -1.74
C ILE D 116 -54.96 40.64 -2.40
N ALA D 117 -55.46 39.44 -2.21
CA ALA D 117 -54.84 38.25 -2.83
C ALA D 117 -54.66 38.37 -4.37
N ASN D 118 -55.64 38.98 -5.06
CA ASN D 118 -55.59 39.10 -6.52
C ASN D 118 -54.94 40.36 -7.08
N SER D 119 -54.52 41.28 -6.20
CA SER D 119 -53.93 42.52 -6.62
C SER D 119 -52.55 42.23 -7.20
N ASP D 120 -51.94 43.27 -7.80
CA ASP D 120 -50.64 43.13 -8.45
C ASP D 120 -49.59 42.80 -7.48
N LYS D 121 -49.61 43.50 -6.36
CA LYS D 121 -48.69 43.34 -5.26
C LYS D 121 -48.55 41.88 -4.79
N TYR D 122 -49.66 41.10 -4.76
CA TYR D 122 -49.68 39.83 -4.03
C TYR D 122 -50.02 38.64 -4.88
N CYS D 123 -50.37 38.81 -6.16
CA CYS D 123 -50.89 37.66 -6.89
C CYS D 123 -49.81 36.71 -7.27
N THR D 124 -50.25 35.50 -7.58
CA THR D 124 -49.37 34.44 -8.03
C THR D 124 -48.47 34.91 -9.21
N PRO D 125 -47.11 34.75 -9.17
CA PRO D 125 -46.38 35.11 -10.45
C PRO D 125 -46.75 34.16 -11.63
N ARG D 126 -46.33 34.47 -12.87
CA ARG D 126 -46.67 33.52 -13.99
C ARG D 126 -45.64 32.42 -13.98
N TYR D 127 -45.98 31.28 -14.53
CA TYR D 127 -45.11 30.15 -14.47
C TYR D 127 -45.67 29.14 -15.42
N SER D 128 -44.78 28.25 -15.87
CA SER D 128 -45.08 27.07 -16.70
C SER D 128 -45.49 25.83 -15.86
N GLU D 129 -44.76 25.48 -14.77
CA GLU D 129 -45.11 24.29 -13.90
C GLU D 129 -44.70 24.39 -12.42
N PHE D 130 -45.25 23.51 -11.57
CA PHE D 130 -45.10 23.61 -10.10
C PHE D 130 -43.73 24.03 -9.61
N GLU D 131 -42.69 23.46 -10.19
CA GLU D 131 -41.28 23.63 -9.76
C GLU D 131 -40.72 24.99 -10.00
N GLU D 132 -41.21 25.64 -11.04
CA GLU D 132 -40.81 26.98 -11.28
C GLU D 132 -41.47 27.86 -10.15
N LEU D 133 -42.74 27.56 -9.83
CA LEU D 133 -43.40 28.20 -8.75
C LEU D 133 -42.71 27.87 -7.36
N GLU D 134 -42.34 26.61 -7.14
CA GLU D 134 -41.61 26.21 -5.96
C GLU D 134 -40.33 27.05 -5.76
N ARG D 135 -39.52 27.17 -6.81
CA ARG D 135 -38.29 27.96 -6.75
C ARG D 135 -38.60 29.44 -6.42
N LYS D 136 -39.63 30.02 -7.05
CA LYS D 136 -40.04 31.37 -6.70
C LYS D 136 -40.43 31.47 -5.24
N TYR D 137 -41.20 30.48 -4.72
CA TYR D 137 -41.51 30.48 -3.24
C TYR D 137 -40.22 30.57 -2.38
N TRP D 138 -39.36 29.58 -2.54
CA TRP D 138 -38.15 29.54 -1.77
C TRP D 138 -37.20 30.73 -1.98
N LYS D 139 -37.29 31.43 -3.11
CA LYS D 139 -36.47 32.59 -3.35
C LYS D 139 -37.15 33.87 -2.78
N ASN D 140 -38.47 34.00 -2.92
CA ASN D 140 -39.13 35.21 -2.50
C ASN D 140 -39.87 35.12 -1.14
N LEU D 141 -39.77 34.03 -0.37
CA LEU D 141 -40.67 33.99 0.78
C LEU D 141 -40.53 35.11 1.84
N THR D 142 -39.36 35.78 1.89
CA THR D 142 -39.11 36.86 2.85
C THR D 142 -39.50 38.25 2.36
N PHE D 143 -39.92 38.38 1.08
CA PHE D 143 -40.34 39.65 0.46
C PHE D 143 -41.88 39.81 0.50
N ASN D 144 -42.36 41.07 0.58
CA ASN D 144 -43.83 41.36 0.50
C ASN D 144 -44.72 40.35 1.31
N PRO D 145 -44.58 40.34 2.66
CA PRO D 145 -45.20 39.36 3.53
C PRO D 145 -46.67 39.29 3.23
N PRO D 146 -47.19 38.09 2.96
CA PRO D 146 -48.63 38.08 2.53
C PRO D 146 -49.55 38.04 3.79
N ILE D 147 -50.86 38.07 3.62
CA ILE D 147 -51.80 37.88 4.73
C ILE D 147 -52.42 36.44 4.59
N TYR D 148 -52.53 35.64 5.66
CA TYR D 148 -53.15 34.34 5.62
C TYR D 148 -54.43 34.41 6.46
N GLY D 149 -55.56 34.07 5.85
CA GLY D 149 -56.87 34.16 6.53
C GLY D 149 -57.03 32.84 7.31
N ALA D 150 -56.18 32.60 8.31
CA ALA D 150 -56.11 31.22 8.89
C ALA D 150 -56.89 31.06 10.20
N ASP D 151 -57.25 29.82 10.54
CA ASP D 151 -57.85 29.53 11.84
C ASP D 151 -59.20 30.14 12.05
N VAL D 152 -59.98 30.27 10.98
CA VAL D 152 -61.36 30.81 11.08
C VAL D 152 -62.26 29.64 11.60
N ASN D 153 -62.94 29.81 12.76
CA ASN D 153 -63.80 28.74 13.24
C ASN D 153 -64.91 28.57 12.27
N GLY D 154 -65.14 27.36 11.78
CA GLY D 154 -66.31 27.10 10.91
C GLY D 154 -66.17 26.03 9.87
N THR D 155 -67.23 25.77 9.15
CA THR D 155 -67.24 24.65 8.19
C THR D 155 -67.92 25.12 6.94
N LEU D 156 -67.55 24.56 5.80
CA LEU D 156 -68.29 24.94 4.58
C LEU D 156 -69.13 23.77 4.04
N TYR D 157 -69.08 22.64 4.70
CA TYR D 157 -69.88 21.52 4.36
C TYR D 157 -71.43 21.80 4.66
N GLU D 158 -72.29 21.65 3.67
CA GLU D 158 -73.75 21.60 3.94
C GLU D 158 -74.09 20.52 4.97
N LYS D 159 -75.05 20.82 5.85
CA LYS D 159 -75.40 19.94 6.99
C LYS D 159 -75.80 18.51 6.58
N HIS D 160 -76.41 18.35 5.39
CA HIS D 160 -76.81 17.00 4.84
C HIS D 160 -75.68 16.03 4.38
N VAL D 161 -74.43 16.54 4.28
CA VAL D 161 -73.34 15.73 3.69
C VAL D 161 -72.82 14.73 4.74
N ASP D 162 -72.95 13.42 4.48
CA ASP D 162 -72.59 12.39 5.42
C ASP D 162 -71.23 11.73 5.22
N GLU D 163 -70.65 11.89 4.04
CA GLU D 163 -69.33 11.30 3.74
C GLU D 163 -68.25 12.33 4.04
N TRP D 164 -67.29 11.94 4.91
CA TRP D 164 -66.03 12.69 5.16
C TRP D 164 -66.34 14.16 5.58
N ASN D 165 -67.31 14.31 6.46
CA ASN D 165 -67.69 15.61 6.98
C ASN D 165 -66.80 15.98 8.09
N ILE D 166 -65.95 16.99 7.81
CA ILE D 166 -64.93 17.45 8.72
C ILE D 166 -65.51 18.00 10.05
N GLY D 167 -66.74 18.48 10.03
CA GLY D 167 -67.41 18.92 11.28
C GLY D 167 -67.88 17.73 12.06
N ARG D 168 -68.03 16.57 11.42
CA ARG D 168 -68.39 15.34 12.22
C ARG D 168 -67.87 14.00 11.76
N LEU D 169 -66.55 13.78 11.92
CA LEU D 169 -65.94 12.55 11.40
C LEU D 169 -66.35 11.29 12.17
N ARG D 170 -66.68 11.52 13.44
CA ARG D 170 -67.04 10.48 14.40
C ARG D 170 -65.95 9.41 14.43
N THR D 171 -64.75 9.83 14.80
CA THR D 171 -63.68 8.90 15.21
C THR D 171 -63.63 8.95 16.74
N ILE D 172 -62.77 8.08 17.28
CA ILE D 172 -62.59 8.03 18.74
C ILE D 172 -61.99 9.31 19.35
N LEU D 173 -61.57 10.26 18.53
CA LEU D 173 -61.16 11.55 19.12
C LEU D 173 -62.33 12.20 19.82
N ASP D 174 -63.53 11.87 19.32
CA ASP D 174 -64.76 12.27 19.97
C ASP D 174 -64.75 12.10 21.45
N LEU D 175 -63.98 11.14 21.97
CA LEU D 175 -64.04 10.92 23.42
C LEU D 175 -63.53 12.12 24.24
N VAL D 176 -62.68 12.98 23.66
CA VAL D 176 -62.11 14.10 24.46
C VAL D 176 -63.24 15.05 24.92
N GLU D 177 -64.14 15.34 24.00
CA GLU D 177 -65.23 16.24 24.27
C GLU D 177 -66.40 15.55 25.06
N LYS D 178 -66.71 14.30 24.71
CA LYS D 178 -67.64 13.42 25.49
C LYS D 178 -67.23 13.44 26.96
N GLU D 179 -66.02 12.97 27.21
CA GLU D 179 -65.51 12.91 28.52
C GLU D 179 -64.60 14.13 28.77
N SER D 180 -65.22 15.21 29.23
CA SER D 180 -64.64 16.58 29.54
C SER D 180 -65.61 17.77 29.22
N GLY D 181 -66.42 17.66 28.15
CA GLY D 181 -67.09 18.85 27.66
C GLY D 181 -66.08 19.89 27.11
N ILE D 182 -64.80 19.52 26.97
CA ILE D 182 -63.81 20.43 26.35
C ILE D 182 -63.76 20.37 24.81
N THR D 183 -64.12 21.54 24.25
CA THR D 183 -63.68 22.07 22.92
C THR D 183 -62.21 22.58 22.83
N ILE D 184 -61.49 22.04 21.83
CA ILE D 184 -60.19 22.55 21.43
C ILE D 184 -60.39 22.99 19.98
N GLU D 185 -60.52 24.30 19.79
CA GLU D 185 -60.83 24.85 18.45
C GLU D 185 -59.77 24.44 17.41
N GLY D 186 -60.23 23.83 16.32
CA GLY D 186 -59.34 23.49 15.18
C GLY D 186 -58.88 22.03 15.32
N VAL D 187 -58.84 21.56 16.57
CA VAL D 187 -58.44 20.21 16.94
C VAL D 187 -59.67 19.21 16.94
N ASN D 188 -60.69 19.47 17.75
CA ASN D 188 -61.89 18.65 17.58
C ASN D 188 -63.06 19.48 16.99
N THR D 189 -62.79 20.68 16.44
CA THR D 189 -63.78 21.43 15.64
C THR D 189 -63.11 21.81 14.34
N PRO D 190 -63.91 22.21 13.32
CA PRO D 190 -63.30 22.54 12.04
C PRO D 190 -62.75 24.01 11.92
N TYR D 191 -61.61 24.17 11.21
CA TYR D 191 -60.99 25.45 10.88
C TYR D 191 -60.98 25.66 9.35
N LEU D 192 -61.19 26.93 8.95
CA LEU D 192 -61.10 27.35 7.56
C LEU D 192 -59.83 28.16 7.39
N TYR D 193 -59.20 28.00 6.19
CA TYR D 193 -57.96 28.76 5.86
C TYR D 193 -58.13 29.36 4.54
N PHE D 194 -58.13 30.69 4.49
CA PHE D 194 -58.13 31.37 3.19
C PHE D 194 -56.64 31.70 2.81
N GLY D 195 -56.10 31.14 1.71
CA GLY D 195 -54.66 31.33 1.38
C GLY D 195 -54.57 32.38 0.30
N MET D 196 -53.41 33.02 0.18
CA MET D 196 -53.10 33.74 -1.05
C MET D 196 -51.70 33.26 -1.37
N TRP D 197 -51.19 33.62 -2.58
CA TRP D 197 -49.87 33.26 -2.97
C TRP D 197 -48.88 33.48 -1.79
N LYS D 198 -48.05 32.49 -1.60
CA LYS D 198 -46.83 32.59 -0.79
C LYS D 198 -47.12 32.42 0.71
N THR D 199 -48.40 32.35 1.08
CA THR D 199 -48.73 32.04 2.52
C THR D 199 -48.28 30.60 2.78
N SER D 200 -47.82 30.32 4.01
CA SER D 200 -47.05 29.09 4.23
C SER D 200 -47.48 28.44 5.55
N PHE D 201 -47.23 27.16 5.73
CA PHE D 201 -47.37 26.56 7.12
C PHE D 201 -45.97 25.93 7.35
N ALA D 202 -45.41 26.24 8.53
CA ALA D 202 -44.02 25.77 8.95
C ALA D 202 -44.05 24.29 9.31
N TRP D 203 -42.86 23.69 9.41
CA TRP D 203 -42.70 22.28 9.72
C TRP D 203 -43.35 22.06 11.06
N HIS D 204 -44.19 21.04 11.13
CA HIS D 204 -44.78 20.63 12.47
C HIS D 204 -45.46 19.25 12.32
N THR D 205 -45.77 18.59 13.45
CA THR D 205 -46.71 17.50 13.48
C THR D 205 -47.91 18.13 14.18
N GLU D 206 -49.05 17.41 14.22
CA GLU D 206 -50.25 17.93 14.85
C GLU D 206 -50.10 17.99 16.36
N ASP D 207 -50.96 18.80 17.00
CA ASP D 207 -51.13 18.66 18.48
C ASP D 207 -51.32 17.23 18.94
N MET D 208 -50.61 16.86 20.02
CA MET D 208 -50.68 15.52 20.59
C MET D 208 -50.40 14.46 19.52
N ASP D 209 -49.70 14.90 18.45
CA ASP D 209 -49.27 14.07 17.34
C ASP D 209 -50.44 13.32 16.76
N LEU D 210 -51.59 13.97 16.77
CA LEU D 210 -52.77 13.43 16.09
C LEU D 210 -52.63 13.30 14.52
N TYR D 211 -53.67 12.76 13.90
CA TYR D 211 -53.88 12.82 12.48
C TYR D 211 -54.53 14.14 12.17
N SER D 212 -54.43 14.57 10.90
CA SER D 212 -55.34 15.64 10.41
C SER D 212 -55.89 15.30 9.04
N ILE D 213 -56.98 16.00 8.69
CA ILE D 213 -57.62 15.90 7.43
C ILE D 213 -57.75 17.33 6.88
N ASN D 214 -57.45 17.49 5.60
CA ASN D 214 -57.39 18.78 5.00
C ASN D 214 -58.17 18.68 3.67
N TYR D 215 -59.23 19.48 3.51
CA TYR D 215 -59.98 19.47 2.28
C TYR D 215 -59.82 20.79 1.60
N LEU D 216 -59.51 20.77 0.30
CA LEU D 216 -59.31 22.02 -0.41
C LEU D 216 -60.59 22.38 -1.15
N HIS D 217 -61.39 23.26 -0.53
CA HIS D 217 -62.71 23.54 -1.11
C HIS D 217 -62.63 24.15 -2.49
N PHE D 218 -61.81 25.21 -2.72
CA PHE D 218 -61.76 25.84 -4.03
C PHE D 218 -60.50 26.61 -4.24
N GLY D 219 -60.21 26.97 -5.50
CA GLY D 219 -59.21 27.97 -5.79
C GLY D 219 -57.88 27.31 -6.16
N GLU D 220 -56.80 28.08 -6.10
CA GLU D 220 -55.43 27.59 -6.36
C GLU D 220 -54.86 26.47 -5.50
N PRO D 221 -53.92 25.65 -6.05
CA PRO D 221 -53.43 24.54 -5.28
C PRO D 221 -52.70 24.91 -3.96
N LYS D 222 -52.43 23.86 -3.17
CA LYS D 222 -51.67 24.00 -1.96
C LYS D 222 -50.55 22.90 -2.08
N SER D 223 -49.27 23.29 -2.03
CA SER D 223 -48.21 22.23 -2.11
C SER D 223 -47.69 21.82 -0.70
N TRP D 224 -47.35 20.58 -0.53
CA TRP D 224 -47.00 20.03 0.76
C TRP D 224 -45.65 19.33 0.63
N TYR D 225 -44.92 19.31 1.76
CA TYR D 225 -43.74 18.49 1.94
C TYR D 225 -43.94 17.61 3.12
N SER D 226 -43.42 16.39 3.01
CA SER D 226 -43.55 15.52 4.19
C SER D 226 -42.26 14.77 4.53
N VAL D 227 -42.04 14.54 5.83
CA VAL D 227 -41.01 13.67 6.34
C VAL D 227 -41.71 12.44 7.00
N PRO D 228 -41.34 11.20 6.52
CA PRO D 228 -41.82 9.99 7.14
C PRO D 228 -41.71 9.97 8.67
N PRO D 229 -42.74 9.50 9.33
CA PRO D 229 -42.58 9.50 10.79
C PRO D 229 -41.27 8.73 11.24
N GLU D 230 -40.84 7.75 10.48
CA GLU D 230 -39.67 6.98 10.90
C GLU D 230 -38.40 7.85 10.85
N HIS D 231 -38.47 9.02 10.21
CA HIS D 231 -37.37 9.94 10.14
C HIS D 231 -37.64 11.24 10.85
N GLY D 232 -38.81 11.37 11.46
CA GLY D 232 -39.10 12.58 12.27
C GLY D 232 -38.01 13.01 13.23
N LYS D 233 -37.35 12.05 13.92
CA LYS D 233 -36.33 12.48 14.95
C LYS D 233 -35.13 13.11 14.26
N ARG D 234 -34.86 12.62 13.07
CA ARG D 234 -33.76 13.08 12.32
C ARG D 234 -34.08 14.58 11.94
N LEU D 235 -35.31 14.91 11.47
CA LEU D 235 -35.62 16.33 11.24
C LEU D 235 -35.43 17.20 12.49
N GLU D 236 -35.90 16.68 13.64
CA GLU D 236 -35.85 17.38 14.95
C GLU D 236 -34.41 17.74 15.39
N ARG D 237 -33.48 16.78 15.16
CA ARG D 237 -32.08 16.97 15.54
C ARG D 237 -31.49 17.96 14.58
N LEU D 238 -31.83 17.85 13.30
CA LEU D 238 -31.44 18.94 12.38
C LEU D 238 -31.92 20.39 12.84
N ALA D 239 -33.16 20.51 13.27
CA ALA D 239 -33.74 21.80 13.64
C ALA D 239 -33.00 22.38 14.85
N LYS D 240 -32.83 21.53 15.84
CA LYS D 240 -32.20 21.88 17.08
C LYS D 240 -30.72 22.23 16.80
N GLY D 241 -30.04 21.48 15.95
CA GLY D 241 -28.71 21.96 15.54
C GLY D 241 -28.78 23.37 14.98
N PHE D 242 -29.84 23.68 14.25
CA PHE D 242 -29.89 25.00 13.64
C PHE D 242 -30.44 26.08 14.51
N PHE D 243 -31.27 25.73 15.48
CA PHE D 243 -31.83 26.74 16.37
C PHE D 243 -31.63 26.35 17.80
N PRO D 244 -30.38 26.33 18.27
CA PRO D 244 -30.00 25.90 19.62
C PRO D 244 -30.66 26.75 20.76
N GLY D 245 -30.75 28.08 20.60
CA GLY D 245 -31.48 28.95 21.57
C GLY D 245 -32.93 28.53 21.80
N SER D 246 -33.70 28.42 20.71
CA SER D 246 -35.06 27.83 20.74
C SER D 246 -35.18 26.49 21.49
N ALA D 247 -34.32 25.52 21.10
CA ALA D 247 -34.13 24.16 21.71
C ALA D 247 -33.89 24.22 23.21
N GLN D 248 -33.02 25.11 23.65
CA GLN D 248 -32.94 25.44 25.08
C GLN D 248 -34.30 25.75 25.74
N SER D 249 -34.99 26.74 25.19
CA SER D 249 -36.11 27.34 25.88
C SER D 249 -37.39 26.60 25.66
N CYS D 250 -37.35 25.43 25.02
CA CYS D 250 -38.56 24.64 24.82
C CYS D 250 -38.21 23.27 24.24
N GLU D 251 -39.03 22.30 24.61
CA GLU D 251 -38.80 20.93 24.33
C GLU D 251 -39.33 20.56 22.97
N ALA D 252 -40.16 21.37 22.37
CA ALA D 252 -40.75 20.96 21.11
C ALA D 252 -41.03 22.22 20.35
N PHE D 253 -39.98 22.96 20.03
CA PHE D 253 -40.21 24.32 19.56
C PHE D 253 -40.79 24.35 18.17
N LEU D 254 -40.69 23.25 17.43
CA LEU D 254 -41.34 23.11 16.17
C LEU D 254 -42.83 23.27 16.33
N ARG D 255 -43.38 22.99 17.50
CA ARG D 255 -44.82 23.23 17.71
C ARG D 255 -45.20 24.74 17.64
N HIS D 256 -44.24 25.64 17.72
CA HIS D 256 -44.53 27.09 17.58
C HIS D 256 -44.94 27.41 16.17
N LYS D 257 -44.68 26.45 15.25
CA LYS D 257 -44.99 26.57 13.86
C LYS D 257 -44.34 27.82 13.28
N MET D 258 -43.09 28.11 13.65
CA MET D 258 -42.41 29.30 13.18
C MET D 258 -41.22 28.89 12.28
N THR D 259 -40.93 27.61 12.17
CA THR D 259 -39.62 27.21 11.53
C THR D 259 -39.81 26.65 10.12
N LEU D 260 -39.20 27.32 9.14
CA LEU D 260 -39.26 26.98 7.70
C LEU D 260 -37.87 26.46 7.28
N ILE D 261 -37.83 25.27 6.61
CA ILE D 261 -36.57 24.67 6.14
C ILE D 261 -36.82 24.21 4.72
N SER D 262 -35.99 24.66 3.78
CA SER D 262 -36.25 24.31 2.39
C SER D 262 -35.89 22.85 2.06
N PRO D 263 -36.48 22.31 1.00
CA PRO D 263 -36.14 20.98 0.52
C PRO D 263 -34.65 20.81 0.18
N LEU D 264 -34.02 21.88 -0.27
CA LEU D 264 -32.55 21.93 -0.49
C LEU D 264 -31.76 21.67 0.76
N MET D 265 -32.18 22.23 1.88
CA MET D 265 -31.54 21.93 3.15
C MET D 265 -31.80 20.51 3.60
N LEU D 266 -33.04 20.06 3.47
CA LEU D 266 -33.31 18.69 3.84
C LEU D 266 -32.46 17.70 3.02
N LYS D 267 -32.31 17.95 1.71
CA LYS D 267 -31.56 17.05 0.84
C LYS D 267 -30.04 17.14 1.28
N LYS D 268 -29.50 18.35 1.44
CA LYS D 268 -28.16 18.53 1.95
C LYS D 268 -27.89 17.70 3.22
N TYR D 269 -28.81 17.73 4.19
CA TYR D 269 -28.66 16.99 5.45
C TYR D 269 -29.18 15.58 5.47
N GLY D 270 -29.49 14.98 4.31
CA GLY D 270 -29.88 13.55 4.28
C GLY D 270 -31.26 13.34 4.97
N ILE D 271 -32.17 14.35 5.02
CA ILE D 271 -33.54 14.10 5.58
C ILE D 271 -34.41 13.56 4.43
N PRO D 272 -34.92 12.28 4.49
CA PRO D 272 -35.79 11.79 3.38
C PRO D 272 -37.13 12.58 3.48
N PHE D 273 -37.70 12.96 2.32
CA PHE D 273 -38.94 13.77 2.34
C PHE D 273 -39.55 13.47 1.00
N ASP D 274 -40.85 13.65 0.93
CA ASP D 274 -41.46 13.66 -0.37
C ASP D 274 -42.28 15.00 -0.54
N LYS D 275 -42.76 15.29 -1.74
CA LYS D 275 -43.65 16.48 -1.94
C LYS D 275 -44.87 16.12 -2.78
N VAL D 276 -45.96 16.84 -2.55
CA VAL D 276 -47.08 16.67 -3.44
C VAL D 276 -47.91 17.95 -3.50
N THR D 277 -48.65 18.19 -4.61
CA THR D 277 -49.51 19.40 -4.78
C THR D 277 -50.95 18.96 -4.65
N GLN D 278 -51.69 19.51 -3.68
CA GLN D 278 -53.14 19.25 -3.60
C GLN D 278 -53.92 20.27 -4.46
N GLU D 279 -54.89 19.80 -5.25
CA GLU D 279 -55.76 20.68 -6.03
C GLU D 279 -57.15 20.71 -5.40
N ALA D 280 -57.95 21.67 -5.86
CA ALA D 280 -59.32 21.90 -5.34
C ALA D 280 -60.06 20.60 -5.46
N GLY D 281 -60.85 20.23 -4.43
CA GLY D 281 -61.68 19.00 -4.51
C GLY D 281 -60.88 17.82 -4.00
N GLU D 282 -59.66 18.04 -3.50
CA GLU D 282 -58.91 16.89 -2.93
C GLU D 282 -58.72 16.94 -1.45
N PHE D 283 -58.56 15.76 -0.80
CA PHE D 283 -58.17 15.67 0.59
C PHE D 283 -56.71 15.37 0.78
N MET D 284 -56.09 15.95 1.81
CA MET D 284 -54.84 15.38 2.37
C MET D 284 -55.08 14.89 3.81
N ILE D 285 -54.43 13.77 4.10
CA ILE D 285 -54.38 13.12 5.45
C ILE D 285 -52.99 13.14 5.94
N THR D 286 -52.77 13.74 7.13
CA THR D 286 -51.46 13.63 7.81
C THR D 286 -51.69 12.63 8.92
N PHE D 287 -50.65 11.78 9.13
CA PHE D 287 -50.63 10.64 10.06
C PHE D 287 -49.79 11.01 11.31
N PRO D 288 -49.99 10.23 12.45
CA PRO D 288 -49.36 10.71 13.70
C PRO D 288 -47.85 10.80 13.49
N TYR D 289 -47.25 11.87 14.00
CA TYR D 289 -45.83 12.09 13.98
C TYR D 289 -45.36 12.26 12.55
N GLY D 290 -46.26 12.70 11.70
CA GLY D 290 -45.86 13.03 10.31
C GLY D 290 -45.58 14.54 10.22
N TYR D 291 -44.30 14.94 10.22
CA TYR D 291 -43.95 16.35 10.01
C TYR D 291 -44.26 16.79 8.60
N HIS D 292 -44.82 17.97 8.49
CA HIS D 292 -45.20 18.58 7.19
C HIS D 292 -45.10 20.05 7.18
N ALA D 293 -45.01 20.57 5.93
CA ALA D 293 -44.89 22.02 5.68
C ALA D 293 -45.42 22.27 4.31
N GLY D 294 -45.72 23.48 3.97
CA GLY D 294 -46.08 23.71 2.61
C GLY D 294 -46.50 25.16 2.36
N PHE D 295 -46.97 25.40 1.13
CA PHE D 295 -47.42 26.77 0.78
C PHE D 295 -48.58 26.77 -0.20
N ASN D 296 -49.28 27.92 -0.29
CA ASN D 296 -50.46 28.06 -1.14
C ASN D 296 -50.04 28.72 -2.45
N HIS D 297 -50.63 28.31 -3.56
CA HIS D 297 -50.26 28.85 -4.89
C HIS D 297 -50.91 30.20 -5.15
N GLY D 298 -51.93 30.54 -4.41
CA GLY D 298 -52.85 31.66 -4.86
C GLY D 298 -54.11 31.65 -4.05
N PHE D 299 -55.10 32.49 -4.42
CA PHE D 299 -56.32 32.57 -3.61
C PHE D 299 -56.96 31.18 -3.43
N ASN D 300 -57.21 30.69 -2.21
CA ASN D 300 -57.92 29.33 -2.05
C ASN D 300 -58.55 29.23 -0.67
N CYS D 301 -59.19 28.11 -0.43
CA CYS D 301 -59.92 27.95 0.83
C CYS D 301 -59.85 26.54 1.20
N ALA D 302 -59.26 26.25 2.34
CA ALA D 302 -59.19 24.90 2.83
C ALA D 302 -59.99 24.73 4.11
N GLU D 303 -60.42 23.50 4.35
CA GLU D 303 -60.99 23.14 5.66
C GLU D 303 -60.21 21.96 6.34
N SER D 304 -59.99 22.02 7.64
CA SER D 304 -59.26 20.99 8.31
C SER D 304 -59.72 20.82 9.73
N THR D 305 -59.40 19.60 10.22
CA THR D 305 -59.49 19.31 11.62
C THR D 305 -58.58 18.14 12.00
N ASN D 306 -58.42 17.91 13.32
CA ASN D 306 -57.73 16.69 13.75
C ASN D 306 -58.64 15.48 14.00
N PHE D 307 -58.08 14.26 14.01
CA PHE D 307 -58.88 13.09 14.17
C PHE D 307 -58.00 11.96 14.63
N ALA D 308 -58.61 10.88 15.07
CA ALA D 308 -57.78 9.78 15.61
C ALA D 308 -58.21 8.39 15.17
N THR D 309 -57.31 7.43 15.37
CA THR D 309 -57.62 5.98 15.23
C THR D 309 -57.05 5.29 16.49
N ARG D 310 -57.33 3.99 16.68
CA ARG D 310 -56.73 3.23 17.80
C ARG D 310 -55.20 3.36 17.85
N ARG D 311 -54.50 3.23 16.72
CA ARG D 311 -53.04 3.44 16.64
C ARG D 311 -52.52 4.72 17.29
N TRP D 312 -53.25 5.84 17.15
CA TRP D 312 -52.77 7.12 17.71
C TRP D 312 -52.55 7.13 19.22
N ILE D 313 -53.33 6.30 19.92
CA ILE D 313 -53.32 6.39 21.37
C ILE D 313 -51.91 6.41 21.94
N GLU D 314 -51.05 5.58 21.39
CA GLU D 314 -49.68 5.53 21.84
C GLU D 314 -48.83 6.75 21.45
N TYR D 315 -49.18 7.44 20.35
CA TYR D 315 -48.51 8.70 20.03
C TYR D 315 -48.96 9.72 20.99
N GLY D 316 -50.25 9.67 21.28
CA GLY D 316 -50.90 10.61 22.20
C GLY D 316 -50.16 10.51 23.51
N LYS D 317 -50.00 9.28 23.99
CA LYS D 317 -49.28 8.95 25.26
C LYS D 317 -47.87 9.44 25.28
N GLN D 318 -47.25 9.43 24.12
CA GLN D 318 -45.81 9.72 23.97
C GLN D 318 -45.36 11.06 23.37
N ALA D 319 -46.29 11.89 22.92
CA ALA D 319 -45.93 13.14 22.23
C ALA D 319 -45.20 14.14 23.18
N VAL D 320 -44.08 14.72 22.73
CA VAL D 320 -43.33 15.75 23.46
C VAL D 320 -44.06 17.05 23.14
N LEU D 321 -44.55 17.74 24.18
CA LEU D 321 -45.39 18.92 24.01
C LEU D 321 -44.56 20.20 24.31
N CYS D 322 -45.05 21.34 23.84
CA CYS D 322 -44.44 22.66 24.12
C CYS D 322 -44.37 22.84 25.66
N SER D 323 -43.20 23.17 26.15
CA SER D 323 -43.02 23.32 27.58
C SER D 323 -43.14 24.79 28.01
N CYS D 324 -43.22 25.67 27.01
CA CYS D 324 -42.83 27.08 27.21
C CYS D 324 -43.96 28.09 27.17
N ARG D 325 -45.10 27.71 26.62
CA ARG D 325 -46.27 28.59 26.50
C ARG D 325 -47.28 28.18 27.59
N LYS D 326 -48.09 29.10 28.10
CA LYS D 326 -49.18 28.62 28.96
C LYS D 326 -50.32 28.12 28.07
N ASP D 327 -50.31 28.60 26.83
CA ASP D 327 -51.36 28.35 25.86
C ASP D 327 -51.01 27.39 24.70
N MET D 328 -51.10 26.09 25.03
CA MET D 328 -50.87 24.96 24.12
C MET D 328 -51.84 23.85 24.47
N VAL D 329 -52.18 23.07 23.46
CA VAL D 329 -53.02 21.91 23.56
C VAL D 329 -52.35 20.70 24.25
N LYS D 330 -53.04 20.21 25.26
CA LYS D 330 -52.64 19.00 25.96
C LYS D 330 -53.92 18.16 26.03
N ILE D 331 -53.95 16.97 25.45
CA ILE D 331 -55.12 16.18 25.74
C ILE D 331 -54.81 15.13 26.77
N SER D 332 -55.64 15.06 27.83
CA SER D 332 -55.43 14.01 28.81
C SER D 332 -55.74 12.63 28.18
N MET D 333 -54.77 11.73 28.33
CA MET D 333 -54.82 10.41 27.75
C MET D 333 -55.62 9.38 28.60
N ASP D 334 -55.90 9.68 29.87
CA ASP D 334 -56.61 8.72 30.75
C ASP D 334 -57.79 7.95 30.07
N VAL D 335 -58.75 8.69 29.45
CA VAL D 335 -59.99 8.09 28.88
C VAL D 335 -59.73 7.05 27.80
N PHE D 336 -58.66 7.24 27.02
CA PHE D 336 -58.29 6.33 25.95
C PHE D 336 -57.56 5.06 26.52
N VAL D 337 -56.76 5.30 27.56
CA VAL D 337 -55.96 4.24 28.15
C VAL D 337 -56.94 3.30 28.86
N ARG D 338 -57.75 3.82 29.80
CA ARG D 338 -58.77 3.01 30.48
C ARG D 338 -59.59 2.32 29.40
N LYS D 339 -60.03 3.05 28.39
CA LYS D 339 -60.86 2.42 27.39
C LYS D 339 -60.13 1.39 26.54
N PHE D 340 -59.09 1.75 25.79
CA PHE D 340 -58.58 0.82 24.77
C PHE D 340 -57.41 0.01 25.25
N GLN D 341 -56.80 0.46 26.36
CA GLN D 341 -55.67 -0.28 26.96
C GLN D 341 -56.00 -0.72 28.36
N PRO D 342 -57.17 -1.38 28.56
CA PRO D 342 -57.63 -1.61 29.94
C PRO D 342 -56.51 -2.30 30.72
N GLU D 343 -55.83 -3.21 30.02
CA GLU D 343 -54.74 -4.04 30.52
C GLU D 343 -53.38 -3.34 30.64
N ARG D 344 -53.34 -2.01 30.57
CA ARG D 344 -52.06 -1.31 30.74
C ARG D 344 -52.22 -0.07 31.62
N TYR D 345 -53.47 0.22 31.96
CA TYR D 345 -53.85 1.46 32.63
C TYR D 345 -53.09 1.74 33.92
N LYS D 346 -53.03 0.72 34.79
CA LYS D 346 -52.34 0.86 36.08
C LYS D 346 -50.81 1.07 35.89
N LEU D 347 -50.16 0.20 35.11
CA LEU D 347 -48.78 0.49 34.72
C LEU D 347 -48.62 1.89 34.12
N TRP D 348 -49.37 2.21 33.04
CA TRP D 348 -49.15 3.51 32.37
C TRP D 348 -49.13 4.58 33.43
N LYS D 349 -50.13 4.46 34.32
CA LYS D 349 -50.36 5.30 35.49
C LYS D 349 -49.18 5.38 36.49
N ALA D 350 -48.56 4.23 36.76
CA ALA D 350 -47.29 4.13 37.51
C ALA D 350 -46.20 4.97 36.87
N GLY D 351 -46.52 5.59 35.72
CA GLY D 351 -45.57 6.38 34.92
C GLY D 351 -44.50 5.45 34.38
N LYS D 352 -44.77 4.14 34.38
CA LYS D 352 -43.77 3.17 33.94
C LYS D 352 -44.21 2.40 32.71
N ASP D 353 -45.04 3.02 31.84
CA ASP D 353 -45.26 2.43 30.51
C ASP D 353 -44.12 2.80 29.60
N ASN D 354 -43.46 1.75 29.11
CA ASN D 354 -42.17 1.80 28.41
C ASN D 354 -42.22 1.34 26.91
N THR D 355 -43.42 1.09 26.36
CA THR D 355 -43.65 0.82 24.90
C THR D 355 -42.83 1.70 23.92
N VAL D 356 -42.38 1.06 22.86
CA VAL D 356 -41.62 1.64 21.79
C VAL D 356 -42.56 1.64 20.59
N ILE D 357 -42.81 2.83 19.98
CA ILE D 357 -43.65 2.89 18.74
C ILE D 357 -42.92 2.29 17.46
N ASP D 358 -43.56 1.44 16.71
CA ASP D 358 -43.01 1.09 15.36
C ASP D 358 -43.94 1.80 14.34
N HIS D 359 -43.36 2.77 13.62
CA HIS D 359 -44.05 3.75 12.72
C HIS D 359 -44.55 3.04 11.43
N THR D 360 -44.00 1.85 11.20
CA THR D 360 -44.28 1.10 9.98
C THR D 360 -45.61 0.33 10.14
N LEU D 361 -45.99 0.00 11.36
CA LEU D 361 -47.23 -0.75 11.64
C LEU D 361 -48.58 -0.02 11.32
N PRO D 362 -49.52 -0.70 10.58
CA PRO D 362 -50.93 -0.22 10.43
C PRO D 362 -51.80 -0.19 11.73
N THR D 363 -52.89 0.61 11.72
CA THR D 363 -53.82 0.71 12.85
C THR D 363 -54.42 -0.69 12.96
N PRO D 364 -54.70 -1.17 14.21
CA PRO D 364 -55.43 -2.44 14.46
C PRO D 364 -56.64 -2.62 13.57
N GLU D 365 -57.45 -1.54 13.40
CA GLU D 365 -58.69 -1.53 12.57
C GLU D 365 -58.50 -2.01 11.11
N ALA D 366 -57.27 -1.88 10.61
CA ALA D 366 -56.85 -2.35 9.26
C ALA D 366 -56.90 -3.92 9.04
N ALA D 367 -57.09 -4.70 10.14
CA ALA D 367 -56.92 -6.20 10.25
C ALA D 367 -57.48 -6.98 9.06
N GLU D 368 -58.82 -6.98 9.06
CA GLU D 368 -59.77 -6.90 7.96
C GLU D 368 -59.23 -6.86 6.50
N PHE D 369 -58.23 -6.01 6.20
CA PHE D 369 -57.73 -5.79 4.82
C PHE D 369 -56.42 -6.60 4.52
NI NI E . 9.20 -6.51 -15.54
ZN ZN F . 17.26 -0.40 -2.45
C5 9DJ G . 8.64 -5.53 -18.36
C6 9DJ G . 8.28 -4.59 -19.31
C7 9DJ G . 7.89 -2.19 -20.03
C13 9DJ G . 9.19 1.18 -17.22
C15 9DJ G . 11.04 2.64 -16.14
C17 9DJ G . 9.43 1.13 -14.62
C20 9DJ G . 9.70 1.49 -12.18
C21 9DJ G . 9.04 0.83 -13.27
C24 9DJ G . 11.08 3.35 -9.97
C26 9DJ G . 10.26 2.42 -7.83
C28 9DJ G . 10.72 4.86 -8.00
O9 9DJ G . 8.23 -0.99 -19.89
O8 9DJ G . 7.23 -2.62 -21.01
C1 9DJ G . 8.23 -3.23 -18.98
N4 9DJ G . 8.91 -5.17 -17.10
C3 9DJ G . 8.89 -3.84 -16.69
C2 9DJ G . 8.59 -2.79 -17.58
N10 9DJ G . 8.56 -1.44 -17.27
C11 9DJ G . 9.16 -0.90 -16.06
C12 9DJ G . 8.78 0.55 -15.87
C19 9DJ G . 10.73 2.47 -12.36
C18 9DJ G . 11.08 2.77 -13.67
C16 9DJ G . 10.51 2.18 -14.78
C14 9DJ G . 9.95 2.52 -17.20
N22 9DJ G . 11.49 3.20 -11.35
C23 9DJ G . 12.81 3.80 -11.76
C29 9DJ G . 11.11 4.66 -9.35
C27 9DJ G . 10.30 3.72 -7.26
C25 9DJ G . 10.65 2.23 -9.18
NI NI H . 53.64 -19.77 -6.66
ZN ZN I . 66.34 -22.22 3.53
C5 9DJ J . 51.19 -21.38 -7.24
C6 9DJ J . 50.40 -22.49 -7.62
C7 9DJ J . 50.01 -24.93 -7.81
C13 9DJ J . 53.21 -27.37 -5.14
C15 9DJ J . 54.37 -28.61 -3.47
C17 9DJ J . 55.66 -27.02 -5.08
C20 9DJ J . 58.06 -26.64 -4.63
C21 9DJ J . 56.90 -26.45 -5.40
C24 9DJ J . 60.48 -27.27 -3.05
C26 9DJ J . 62.40 -25.77 -2.73
C28 9DJ J . 62.37 -27.31 -4.63
O9 9DJ J . 50.22 -26.01 -7.24
O8 9DJ J . 49.11 -24.75 -8.65
C1 9DJ J . 50.89 -23.77 -7.43
N4 9DJ J . 52.40 -21.54 -6.69
C3 9DJ J . 52.91 -22.77 -6.45
C2 9DJ J . 52.20 -23.95 -6.79
N10 9DJ J . 52.74 -25.20 -6.60
C11 9DJ J . 54.03 -25.36 -5.92
C12 9DJ J . 54.39 -26.81 -5.89
C19 9DJ J . 58.03 -27.49 -3.51
C18 9DJ J . 56.79 -28.11 -3.18
C16 9DJ J . 55.65 -27.92 -3.91
C14 9DJ J . 53.59 -28.76 -4.74
N22 9DJ J . 59.17 -27.74 -2.64
C23 9DJ J . 58.93 -28.41 -1.29
C29 9DJ J . 61.11 -27.79 -4.22
C27 9DJ J . 63.03 -26.30 -3.89
C25 9DJ J . 61.12 -26.24 -2.32
NI NI K . -7.26 6.74 17.72
ZN ZN L . 5.44 3.21 27.78
C5 9DJ M . -9.94 5.29 17.28
C6 9DJ M . -10.88 4.34 16.96
C7 9DJ M . -11.42 1.87 17.00
C13 9DJ M . -8.39 -0.84 19.93
C15 9DJ M . -6.94 -2.27 21.31
C17 9DJ M . -5.88 -0.66 19.47
C20 9DJ M . -3.44 -0.64 19.22
C21 9DJ M . -4.72 -0.19 18.82
C24 9DJ M . -0.87 -1.45 20.85
C26 9DJ M . 0.56 0.01 22.16
C28 9DJ M . 1.36 -0.91 20.05
O9 9DJ M . -11.13 0.78 17.62
O8 9DJ M . -12.46 2.06 16.32
C1 9DJ M . -10.47 3.05 17.22
N4 9DJ M . -8.67 5.07 17.71
C3 9DJ M . -8.21 3.87 17.93
C2 9DJ M . -9.10 2.78 17.73
N10 9DJ M . -8.63 1.50 17.93
C11 9DJ M . -7.46 1.32 18.85
C12 9DJ M . -7.27 -0.20 19.07
C19 9DJ M . -3.33 -1.59 20.27
C18 9DJ M . -4.48 -2.09 20.91
C16 9DJ M . -5.75 -1.66 20.57
C14 9DJ M . -8.15 -2.29 20.38
N22 9DJ M . -2.09 -2.17 20.69
C23 9DJ M . -2.07 -3.64 20.92
C29 9DJ M . 0.14 -1.59 19.88
C27 9DJ M . 1.57 -0.11 21.19
C25 9DJ M . -0.67 -0.66 22.00
NI NI N . -50.71 20.41 10.12
ZN ZN O . -42.70 26.04 23.45
C5 9DJ P . -51.42 21.63 7.48
C6 9DJ P . -51.89 22.60 6.55
C7 9DJ P . -52.42 24.97 6.02
C13 9DJ P . -50.75 28.09 9.23
C15 9DJ P . -49.32 29.61 10.57
C17 9DJ P . -51.10 27.98 11.70
C20 9DJ P . -51.25 28.12 14.12
C21 9DJ P . -51.70 27.53 12.89
C24 9DJ P . -49.61 28.82 16.63
C26 9DJ P . -48.15 27.74 18.31
C28 9DJ P . -50.57 27.32 18.42
O9 9DJ P . -52.08 26.18 6.18
O8 9DJ P . -53.02 24.61 5.02
C1 9DJ P . -52.01 23.90 6.98
N4 9DJ P . -51.12 21.92 8.77
C3 9DJ P . -51.20 23.21 9.28
C2 9DJ P . -51.62 24.26 8.42
N10 9DJ P . -51.72 25.55 8.85
C11 9DJ P . -51.34 25.93 10.23
C12 9DJ P . -51.56 27.44 10.38
C19 9DJ P . -50.22 29.09 14.22
C18 9DJ P . -49.61 29.56 13.02
C16 9DJ P . -50.01 29.04 11.79
C14 9DJ P . -50.33 29.52 9.45
N22 9DJ P . -49.82 29.66 15.49
C23 9DJ P . -49.73 31.15 15.59
C29 9DJ P . -50.72 28.17 17.29
C27 9DJ P . -49.27 27.11 18.91
C25 9DJ P . -48.32 28.58 17.19
#